data_2Z2C
#
_entry.id   2Z2C
#
_cell.length_a   65.127
_cell.length_b   80.369
_cell.length_c   84.871
_cell.angle_alpha   108.69
_cell.angle_beta   111.07
_cell.angle_gamma   101.17
#
_symmetry.space_group_name_H-M   'P 1'
#
loop_
_entity.id
_entity.type
_entity.pdbx_description
1 polymer 'UDP-N-acetylglucosamine 1-carboxyvinyltransferase'
2 non-polymer "URIDINE-5'-DIPHOSPHATE"
3 non-polymer 2-acetamido-3-O-[(2S,3S)-2-carboxy-3,4-dihydroxybutan-2-yl]-2-deoxy-alpha-D-glucopyranose
4 water water
#
_entity_poly.entity_id   1
_entity_poly.type   'polypeptide(L)'
_entity_poly.pdbx_seq_one_letter_code
;MDKFRVQGPTKLQGEVTISGAKNAALPILFAALLAEEPVEIQNVPKLKDVDTSMKLLSQLGAKVER(IAS)GSVHIDARD
VNVFCAPYDLVKTMRASIWALGPLVARFGQGQVSLPGGCTIGARPVDLHISGLEQLGATIKLEEGYVKASVDGRLKGAHI
VMDKVSVGATVTIMCAATLAEGTTIIENAAREPEIVDTANFLITLGAKISGQGTDRIVIEGVERLGGGVYRVLPDRIETG
TFLVAAAISRGKIICRNAQPDTLDAVLAKLRDAGADIEVGEDWISLDMHGKRPKAVNVRTAPHPAFPTDMQAQFTLLNLV
AEGTGFITETVFENRFMHVPELSRMGAHAEIESNTVICHGVEKLSGAQVMATDLRASASLVLAGCIAEGTTVVDRIYHID
RGYERIEDKLRALGANIERVKGELVPR
;
_entity_poly.pdbx_strand_id   A,B,C,D
#
# COMPACT_ATOMS: atom_id res chain seq x y z
N MET A 1 33.27 16.09 4.77
CA MET A 1 31.95 16.79 4.99
C MET A 1 31.79 17.24 6.45
N ASP A 2 31.05 18.34 6.63
CA ASP A 2 30.72 18.88 7.96
C ASP A 2 29.71 18.05 8.71
N LYS A 3 29.91 18.00 10.03
CA LYS A 3 29.03 17.32 10.95
C LYS A 3 28.67 18.27 12.09
N PHE A 4 27.52 18.03 12.73
CA PHE A 4 27.24 18.61 14.05
C PHE A 4 27.58 17.60 15.15
N ARG A 5 28.32 18.04 16.17
CA ARG A 5 28.46 17.32 17.42
C ARG A 5 27.45 17.94 18.40
N VAL A 6 26.48 17.17 18.85
CA VAL A 6 25.44 17.66 19.77
C VAL A 6 25.52 16.92 21.13
N GLN A 7 25.41 17.68 22.22
CA GLN A 7 25.52 17.14 23.59
C GLN A 7 24.21 17.41 24.31
N GLY A 8 23.60 16.35 24.82
CA GLY A 8 22.32 16.48 25.51
C GLY A 8 22.39 15.74 26.86
N PRO A 9 21.28 15.73 27.63
CA PRO A 9 20.00 16.33 27.22
C PRO A 9 19.94 17.81 27.55
N THR A 10 19.25 18.52 26.69
CA THR A 10 19.26 19.97 26.72
C THR A 10 17.80 20.42 26.68
N LYS A 11 17.39 21.19 27.66
CA LYS A 11 16.06 21.76 27.62
C LYS A 11 16.16 23.03 26.78
N LEU A 12 15.27 23.13 25.80
CA LEU A 12 15.39 24.15 24.76
C LEU A 12 14.47 25.29 25.06
N GLN A 13 15.07 26.47 25.21
CA GLN A 13 14.52 27.53 26.02
C GLN A 13 14.76 28.86 25.36
N GLY A 14 13.72 29.68 25.28
CA GLY A 14 13.88 31.07 24.93
C GLY A 14 13.11 31.47 23.70
N GLU A 15 13.77 32.19 22.81
CA GLU A 15 13.12 32.60 21.61
C GLU A 15 14.00 32.49 20.36
N VAL A 16 13.32 32.37 19.24
CA VAL A 16 13.98 32.35 17.95
C VAL A 16 13.20 33.29 17.02
N THR A 17 13.92 33.85 16.05
CA THR A 17 13.31 34.74 15.05
C THR A 17 13.26 34.01 13.72
N ILE A 18 12.05 33.88 13.20
CA ILE A 18 11.80 33.02 12.09
C ILE A 18 12.24 33.74 10.83
N SER A 19 13.03 33.01 10.02
CA SER A 19 13.50 33.46 8.72
C SER A 19 12.37 33.31 7.72
N GLY A 20 12.53 33.94 6.55
CA GLY A 20 11.54 33.88 5.52
C GLY A 20 11.53 32.49 4.92
N ALA A 21 10.40 32.13 4.30
CA ALA A 21 10.23 30.79 3.75
C ALA A 21 11.20 30.47 2.62
N LYS A 22 12.02 29.45 2.86
CA LYS A 22 12.75 28.84 1.80
C LYS A 22 11.82 28.58 0.61
N ASN A 23 10.64 28.04 0.91
CA ASN A 23 9.72 27.57 -0.14
C ASN A 23 8.81 28.63 -0.75
N ALA A 24 8.83 29.84 -0.20
CA ALA A 24 8.34 31.05 -0.96
C ALA A 24 9.49 31.77 -1.68
N ALA A 25 10.63 31.87 -1.01
CA ALA A 25 11.80 32.50 -1.67
C ALA A 25 12.15 31.84 -2.98
N LEU A 26 12.19 30.49 -3.00
CA LEU A 26 12.57 29.77 -4.24
C LEU A 26 11.66 29.93 -5.47
N PRO A 27 10.35 29.73 -5.30
CA PRO A 27 9.51 29.94 -6.45
C PRO A 27 9.51 31.41 -6.85
N ILE A 28 9.66 32.33 -5.89
CA ILE A 28 9.66 33.78 -6.23
C ILE A 28 10.89 34.20 -7.06
N LEU A 29 12.03 33.58 -6.71
CA LEU A 29 13.31 33.83 -7.36
C LEU A 29 13.27 33.38 -8.80
N PHE A 30 12.54 32.32 -9.06
CA PHE A 30 12.37 31.88 -10.43
C PHE A 30 11.35 32.67 -11.20
N ALA A 31 10.27 33.06 -10.53
CA ALA A 31 9.21 33.89 -11.11
C ALA A 31 9.77 35.22 -11.59
N ALA A 32 10.82 35.67 -10.91
CA ALA A 32 11.56 36.88 -11.28
C ALA A 32 12.13 36.80 -12.70
N LEU A 33 12.25 35.61 -13.27
CA LEU A 33 12.56 35.54 -14.69
C LEU A 33 11.54 36.24 -15.58
N LEU A 34 10.31 36.40 -15.10
CA LEU A 34 9.26 37.13 -15.84
C LEU A 34 9.44 38.65 -15.85
N ALA A 35 10.16 39.14 -14.85
CA ALA A 35 10.32 40.54 -14.52
C ALA A 35 11.21 41.30 -15.48
N GLU A 36 10.67 42.35 -16.09
CA GLU A 36 11.47 43.13 -17.02
C GLU A 36 11.96 44.43 -16.38
N GLU A 37 11.82 44.53 -15.07
CA GLU A 37 12.37 45.63 -14.28
C GLU A 37 12.95 45.00 -13.02
N PRO A 38 14.00 45.61 -12.44
CA PRO A 38 14.55 45.06 -11.22
C PRO A 38 13.51 44.71 -10.16
N VAL A 39 13.85 43.70 -9.38
CA VAL A 39 13.03 43.14 -8.35
C VAL A 39 13.92 43.07 -7.11
N GLU A 40 13.36 43.38 -5.94
CA GLU A 40 13.98 43.12 -4.63
C GLU A 40 13.10 42.15 -3.83
N ILE A 41 13.65 41.00 -3.49
CA ILE A 41 12.88 40.09 -2.69
C ILE A 41 13.48 40.21 -1.31
N GLN A 42 12.66 40.65 -0.35
CA GLN A 42 13.08 40.85 1.05
C GLN A 42 12.76 39.68 1.97
N ASN A 43 13.39 39.67 3.15
CA ASN A 43 13.29 38.55 4.07
C ASN A 43 13.69 37.20 3.48
N VAL A 44 14.71 37.17 2.60
CA VAL A 44 15.13 35.87 2.02
C VAL A 44 16.15 35.19 2.91
N PRO A 45 15.87 33.95 3.34
CA PRO A 45 16.76 33.27 4.29
C PRO A 45 18.08 32.94 3.59
N LYS A 46 19.17 32.91 4.32
CA LYS A 46 20.47 32.65 3.70
C LYS A 46 20.75 31.16 3.77
N LEU A 47 20.65 30.50 2.63
CA LEU A 47 20.48 29.06 2.56
C LEU A 47 21.15 28.62 1.32
N LYS A 48 21.55 27.36 1.27
CA LYS A 48 22.25 26.87 0.09
C LYS A 48 21.36 26.86 -1.13
N ASP A 49 20.07 26.54 -0.96
CA ASP A 49 19.14 26.51 -2.09
C ASP A 49 18.96 27.91 -2.74
N VAL A 50 19.04 28.94 -1.92
CA VAL A 50 18.95 30.30 -2.43
C VAL A 50 20.17 30.62 -3.25
N ASP A 51 21.32 30.27 -2.71
CA ASP A 51 22.59 30.44 -3.46
C ASP A 51 22.56 29.71 -4.79
N THR A 52 22.05 28.48 -4.77
CA THR A 52 21.90 27.71 -6.02
C THR A 52 20.95 28.38 -7.01
N SER A 53 19.82 28.90 -6.53
CA SER A 53 18.89 29.62 -7.36
C SER A 53 19.56 30.82 -7.98
N MET A 54 20.31 31.57 -7.15
CA MET A 54 21.01 32.77 -7.61
C MET A 54 22.09 32.42 -8.62
N LYS A 55 22.78 31.31 -8.40
CA LYS A 55 23.78 30.85 -9.38
C LYS A 55 23.13 30.56 -10.75
N LEU A 56 21.97 29.91 -10.74
CA LEU A 56 21.29 29.52 -11.94
C LEU A 56 20.81 30.78 -12.63
N LEU A 57 20.21 31.68 -11.85
CA LEU A 57 19.79 32.98 -12.40
C LEU A 57 20.95 33.72 -13.07
N SER A 58 22.11 33.82 -12.42
CA SER A 58 23.25 34.50 -13.03
C SER A 58 23.63 33.83 -14.34
N GLN A 59 23.58 32.50 -14.35
CA GLN A 59 23.88 31.73 -15.56
C GLN A 59 22.86 31.93 -16.70
N LEU A 60 21.61 32.22 -16.37
CA LEU A 60 20.67 32.55 -17.45
C LEU A 60 20.84 33.98 -17.97
N GLY A 61 21.65 34.76 -17.27
CA GLY A 61 21.90 36.17 -17.65
C GLY A 61 21.19 37.24 -16.81
N ALA A 62 20.56 36.85 -15.71
CA ALA A 62 20.07 37.84 -14.75
C ALA A 62 21.26 38.31 -13.98
N LYS A 63 21.21 39.54 -13.53
CA LYS A 63 22.19 40.07 -12.59
C LYS A 63 21.54 39.87 -11.23
N VAL A 64 22.24 39.24 -10.31
CA VAL A 64 21.66 38.88 -9.00
C VAL A 64 22.62 39.27 -7.89
N GLU A 65 22.11 39.87 -6.83
CA GLU A 65 22.93 40.22 -5.69
C GLU A 65 22.11 40.06 -4.42
N ARG A 66 22.81 39.89 -3.32
CA ARG A 66 22.11 39.62 -2.08
C ARG A 66 22.91 40.10 -0.91
N GLY A 68 19.59 41.11 3.80
CA GLY A 68 18.22 40.59 4.03
C GLY A 68 17.55 40.22 2.73
N SER A 69 17.87 40.98 1.68
CA SER A 69 17.15 40.85 0.41
C SER A 69 17.99 40.23 -0.65
N VAL A 70 17.32 39.74 -1.69
CA VAL A 70 17.97 39.33 -2.94
C VAL A 70 17.39 40.25 -3.99
N HIS A 71 18.28 40.82 -4.78
CA HIS A 71 17.91 41.70 -5.87
C HIS A 71 18.10 40.98 -7.19
N ILE A 72 17.12 41.10 -8.10
CA ILE A 72 17.20 40.40 -9.39
C ILE A 72 16.89 41.36 -10.53
N ASP A 73 17.75 41.36 -11.55
CA ASP A 73 17.47 42.10 -12.78
C ASP A 73 17.46 41.15 -13.95
N ALA A 74 16.28 40.71 -14.35
CA ALA A 74 16.17 39.71 -15.40
C ALA A 74 15.94 40.36 -16.76
N ARG A 75 16.09 41.68 -16.81
CA ARG A 75 15.91 42.39 -18.07
C ARG A 75 16.81 41.77 -19.18
N ASP A 76 18.00 41.28 -18.81
CA ASP A 76 19.03 40.87 -19.81
C ASP A 76 19.15 39.34 -20.01
N VAL A 77 18.34 38.53 -19.33
CA VAL A 77 18.33 37.06 -19.54
C VAL A 77 18.50 36.71 -21.04
N ASN A 78 19.42 35.80 -21.36
CA ASN A 78 19.72 35.51 -22.76
C ASN A 78 20.28 34.09 -22.95
N VAL A 79 20.22 33.33 -21.87
CA VAL A 79 20.59 31.93 -21.88
C VAL A 79 19.36 31.23 -21.34
N PHE A 80 18.93 30.15 -22.00
CA PHE A 80 17.59 29.58 -21.69
C PHE A 80 17.60 28.14 -21.18
N CYS A 81 18.78 27.67 -20.76
CA CYS A 81 18.97 26.30 -20.32
C CYS A 81 19.37 26.22 -18.82
N ALA A 82 18.70 25.36 -18.05
CA ALA A 82 19.12 25.00 -16.70
C ALA A 82 19.90 23.65 -16.79
N PRO A 83 21.24 23.72 -16.68
CA PRO A 83 21.99 22.51 -16.94
C PRO A 83 21.94 21.46 -15.84
N TYR A 84 22.23 20.22 -16.24
CA TYR A 84 22.14 19.08 -15.33
C TYR A 84 22.95 19.37 -14.08
N ASP A 85 24.13 19.93 -14.29
CA ASP A 85 25.08 20.17 -13.21
C ASP A 85 24.48 20.96 -12.06
N LEU A 86 23.47 21.79 -12.33
CA LEU A 86 22.79 22.57 -11.30
C LEU A 86 21.48 21.98 -10.90
N VAL A 87 20.67 21.52 -11.85
CA VAL A 87 19.37 20.85 -11.51
C VAL A 87 19.64 19.70 -10.55
N LYS A 88 20.70 18.95 -10.84
CA LYS A 88 21.03 17.79 -10.02
C LYS A 88 21.17 18.16 -8.53
N THR A 89 21.59 19.37 -8.23
CA THR A 89 21.79 19.84 -6.84
C THR A 89 20.51 20.42 -6.22
N MET A 90 19.54 20.78 -7.08
CA MET A 90 18.28 21.40 -6.65
C MET A 90 17.17 21.27 -7.69
N ARG A 91 16.23 20.36 -7.45
CA ARG A 91 15.21 20.06 -8.47
C ARG A 91 14.17 21.18 -8.65
N ALA A 92 14.08 22.08 -7.65
CA ALA A 92 13.27 23.31 -7.77
C ALA A 92 13.56 24.13 -9.00
N SER A 93 14.77 23.94 -9.57
CA SER A 93 15.18 24.63 -10.77
C SER A 93 14.31 24.26 -12.00
N ILE A 94 13.44 23.25 -11.88
CA ILE A 94 12.35 23.02 -12.87
C ILE A 94 11.54 24.29 -13.05
N TRP A 95 11.58 25.14 -12.03
CA TRP A 95 10.82 26.36 -12.01
C TRP A 95 11.24 27.46 -13.02
N ALA A 96 12.44 27.32 -13.59
CA ALA A 96 12.90 28.19 -14.66
C ALA A 96 12.14 27.90 -15.94
N LEU A 97 11.61 26.68 -16.09
CA LEU A 97 11.07 26.25 -17.37
C LEU A 97 9.94 27.16 -17.77
N GLY A 98 8.95 27.28 -16.91
CA GLY A 98 7.74 28.03 -17.16
C GLY A 98 7.97 29.49 -17.44
N PRO A 99 8.74 30.18 -16.60
CA PRO A 99 9.12 31.54 -16.97
C PRO A 99 9.76 31.67 -18.35
N LEU A 100 10.79 30.87 -18.63
CA LEU A 100 11.60 31.08 -19.80
C LEU A 100 10.71 30.90 -21.02
N VAL A 101 9.87 29.87 -20.98
CA VAL A 101 8.99 29.57 -22.10
C VAL A 101 7.97 30.67 -22.36
N ALA A 102 7.49 31.23 -21.28
CA ALA A 102 6.40 32.19 -21.27
C ALA A 102 6.91 33.56 -21.70
N ARG A 103 8.13 33.91 -21.26
CA ARG A 103 8.73 35.18 -21.64
C ARG A 103 9.51 35.12 -22.94
N PHE A 104 10.24 34.02 -23.19
CA PHE A 104 11.20 33.95 -24.29
C PHE A 104 10.80 32.95 -25.38
N GLY A 105 9.68 32.26 -25.17
CA GLY A 105 9.19 31.21 -26.06
C GLY A 105 10.03 29.94 -26.12
N GLN A 106 11.06 29.86 -25.31
CA GLN A 106 11.87 28.64 -25.23
C GLN A 106 12.45 28.48 -23.83
N GLY A 107 12.81 27.26 -23.48
CA GLY A 107 13.30 26.93 -22.14
C GLY A 107 13.75 25.49 -22.13
N GLN A 108 14.95 25.24 -21.63
CA GLN A 108 15.51 23.90 -21.47
C GLN A 108 15.88 23.74 -19.99
N VAL A 109 15.34 22.71 -19.33
CA VAL A 109 15.78 22.28 -17.98
C VAL A 109 16.01 20.75 -17.95
N SER A 110 17.15 20.36 -17.39
CA SER A 110 17.47 18.97 -17.16
C SER A 110 16.31 18.37 -16.37
N LEU A 111 15.79 17.24 -16.84
CA LEU A 111 14.68 16.58 -16.15
C LEU A 111 15.19 16.09 -14.81
N PRO A 112 14.61 16.57 -13.68
CA PRO A 112 15.10 16.08 -12.37
C PRO A 112 15.04 14.56 -12.31
N GLY A 113 16.13 13.92 -11.90
CA GLY A 113 16.15 12.47 -11.68
C GLY A 113 15.56 12.16 -10.30
N GLY A 114 15.85 11.00 -9.72
CA GLY A 114 15.23 10.59 -8.44
C GLY A 114 15.67 11.44 -7.25
N CYS A 115 15.02 11.19 -6.13
CA CYS A 115 15.30 11.95 -4.95
C CYS A 115 15.29 11.04 -3.73
N THR A 116 16.15 11.33 -2.77
CA THR A 116 16.07 10.62 -1.51
C THR A 116 14.61 10.29 -1.11
N ILE A 117 13.71 11.29 -1.05
CA ILE A 117 12.39 11.10 -0.37
C ILE A 117 11.24 10.51 -1.18
N GLY A 118 11.42 10.44 -2.51
CA GLY A 118 10.49 9.82 -3.46
C GLY A 118 10.96 10.03 -4.87
N ALA A 119 10.27 9.46 -5.85
CA ALA A 119 10.69 9.61 -7.26
C ALA A 119 10.50 11.03 -7.80
N ARG A 120 9.46 11.70 -7.31
CA ARG A 120 9.17 13.08 -7.66
C ARG A 120 9.13 13.41 -9.18
N PRO A 121 8.16 12.82 -9.89
CA PRO A 121 8.12 13.16 -11.32
C PRO A 121 7.62 14.62 -11.46
N VAL A 122 7.72 15.17 -12.66
CA VAL A 122 7.35 16.55 -12.93
C VAL A 122 6.38 16.53 -14.10
N ASP A 123 5.75 15.36 -14.32
CA ASP A 123 4.75 15.14 -15.34
C ASP A 123 3.64 16.19 -15.33
N LEU A 124 3.29 16.70 -14.15
CA LEU A 124 2.24 17.74 -14.00
C LEU A 124 2.69 19.14 -14.50
N HIS A 125 3.99 19.44 -14.36
CA HIS A 125 4.56 20.64 -14.95
C HIS A 125 4.52 20.61 -16.46
N ILE A 126 5.01 19.51 -17.03
CA ILE A 126 5.03 19.37 -18.50
C ILE A 126 3.62 19.46 -19.05
N SER A 127 2.70 18.71 -18.47
CA SER A 127 1.32 18.72 -18.96
C SER A 127 0.68 20.12 -18.84
N GLY A 128 1.00 20.84 -17.76
CA GLY A 128 0.42 22.17 -17.54
C GLY A 128 0.87 23.12 -18.65
N LEU A 129 2.18 23.11 -18.94
CA LEU A 129 2.74 23.96 -19.99
C LEU A 129 2.32 23.53 -21.37
N GLU A 130 2.10 22.22 -21.57
CA GLU A 130 1.59 21.74 -22.85
C GLU A 130 0.21 22.28 -23.02
N GLN A 131 -0.54 22.31 -21.94
CA GLN A 131 -1.92 22.80 -22.01
C GLN A 131 -2.02 24.31 -22.29
N LEU A 132 -0.92 25.02 -22.01
CA LEU A 132 -0.76 26.44 -22.33
C LEU A 132 -0.24 26.66 -23.77
N GLY A 133 0.10 25.59 -24.45
CA GLY A 133 0.39 25.70 -25.89
C GLY A 133 1.86 25.47 -26.15
N ALA A 134 2.59 25.02 -25.13
CA ALA A 134 4.00 24.68 -25.29
C ALA A 134 4.20 23.29 -25.89
N THR A 135 5.09 23.20 -26.88
CA THR A 135 5.61 21.94 -27.37
C THR A 135 6.84 21.63 -26.54
N ILE A 136 6.90 20.37 -26.08
CA ILE A 136 7.89 19.85 -25.12
C ILE A 136 8.38 18.46 -25.55
N LYS A 137 9.68 18.30 -25.74
CA LYS A 137 10.28 17.01 -25.94
C LYS A 137 11.34 16.77 -24.86
N LEU A 138 11.92 15.57 -24.84
CA LEU A 138 13.04 15.27 -23.96
C LEU A 138 14.16 14.77 -24.84
N GLU A 139 15.25 15.51 -24.91
CA GLU A 139 16.41 15.10 -25.67
C GLU A 139 17.57 15.19 -24.73
N GLU A 140 18.36 14.12 -24.65
CA GLU A 140 19.64 14.06 -23.95
C GLU A 140 19.42 14.34 -22.48
N GLY A 141 18.21 14.09 -22.01
CA GLY A 141 17.88 14.22 -20.60
C GLY A 141 17.45 15.62 -20.24
N TYR A 142 17.25 16.48 -21.24
CA TYR A 142 16.72 17.85 -21.01
C TYR A 142 15.26 17.97 -21.40
N VAL A 143 14.45 18.65 -20.60
CA VAL A 143 13.07 18.96 -21.01
C VAL A 143 13.21 20.21 -21.85
N LYS A 144 12.86 20.11 -23.13
CA LYS A 144 12.94 21.26 -23.99
C LYS A 144 11.56 21.69 -24.46
N ALA A 145 11.19 22.91 -24.08
CA ALA A 145 9.86 23.45 -24.26
C ALA A 145 9.99 24.63 -25.16
N SER A 146 9.00 24.80 -26.03
CA SER A 146 9.01 25.91 -26.97
C SER A 146 7.61 26.34 -27.31
N VAL A 147 7.44 27.63 -27.55
CA VAL A 147 6.22 28.16 -28.15
C VAL A 147 6.52 29.08 -29.36
N ASP A 148 5.60 29.10 -30.29
CA ASP A 148 5.53 30.16 -31.28
C ASP A 148 4.67 31.31 -30.73
N GLY A 149 5.32 32.46 -30.49
CA GLY A 149 4.64 33.65 -29.97
C GLY A 149 4.50 33.50 -28.47
N ARG A 150 3.40 33.98 -27.91
CA ARG A 150 3.19 33.72 -26.50
C ARG A 150 2.29 32.49 -26.26
N LEU A 151 2.28 32.05 -25.00
CA LEU A 151 1.44 30.97 -24.51
C LEU A 151 -0.02 31.37 -24.59
N LYS A 152 -0.91 30.40 -24.43
CA LYS A 152 -2.33 30.69 -24.56
C LYS A 152 -3.02 30.15 -23.35
N GLY A 153 -3.81 31.01 -22.71
CA GLY A 153 -4.49 30.66 -21.45
C GLY A 153 -5.41 29.46 -21.63
N ALA A 154 -5.55 28.64 -20.59
CA ALA A 154 -6.32 27.38 -20.66
C ALA A 154 -6.99 27.06 -19.35
N HIS A 155 -8.05 26.26 -19.44
CA HIS A 155 -8.77 25.69 -18.30
C HIS A 155 -8.08 24.38 -18.00
N ILE A 156 -7.26 24.39 -16.96
CA ILE A 156 -6.40 23.26 -16.61
C ILE A 156 -6.83 22.62 -15.29
N VAL A 157 -7.20 21.35 -15.36
CA VAL A 157 -7.65 20.61 -14.18
C VAL A 157 -6.57 19.65 -13.77
N MET A 158 -6.07 19.88 -12.56
CA MET A 158 -4.89 19.22 -12.09
C MET A 158 -5.20 17.84 -11.58
N ASP A 159 -4.43 16.85 -12.05
CA ASP A 159 -4.65 15.43 -11.76
C ASP A 159 -4.49 15.13 -10.28
N LYS A 160 -3.44 15.70 -9.71
CA LYS A 160 -3.05 15.55 -8.32
C LYS A 160 -2.75 16.97 -7.84
N VAL A 161 -2.77 17.16 -6.51
CA VAL A 161 -2.35 18.41 -5.90
C VAL A 161 -0.86 18.51 -6.03
N SER A 162 -0.39 19.55 -6.73
CA SER A 162 1.05 19.77 -6.77
C SER A 162 1.38 21.22 -6.47
N VAL A 163 2.16 21.44 -5.44
CA VAL A 163 2.82 22.72 -5.25
C VAL A 163 3.66 23.16 -6.45
N GLY A 164 4.57 22.30 -6.93
CA GLY A 164 5.54 22.67 -7.94
C GLY A 164 4.84 22.94 -9.27
N ALA A 165 3.92 22.05 -9.64
CA ALA A 165 3.10 22.22 -10.84
C ALA A 165 2.21 23.47 -10.78
N THR A 166 1.59 23.75 -9.64
CA THR A 166 0.72 24.91 -9.51
C THR A 166 1.51 26.19 -9.76
N VAL A 167 2.64 26.32 -9.12
CA VAL A 167 3.58 27.44 -9.39
C VAL A 167 3.99 27.51 -10.86
N THR A 168 4.34 26.36 -11.42
CA THR A 168 4.83 26.38 -12.78
C THR A 168 3.73 26.96 -13.65
N ILE A 169 2.51 26.46 -13.50
CA ILE A 169 1.45 26.83 -14.46
C ILE A 169 1.03 28.27 -14.21
N MET A 170 1.07 28.70 -12.95
CA MET A 170 0.63 30.05 -12.58
C MET A 170 1.55 31.13 -13.11
N CYS A 171 2.85 30.93 -13.01
CA CYS A 171 3.81 31.88 -13.52
C CYS A 171 3.77 31.94 -15.02
N ALA A 172 3.83 30.80 -15.70
CA ALA A 172 3.69 30.80 -17.16
C ALA A 172 2.46 31.55 -17.62
N ALA A 173 1.34 31.27 -16.96
CA ALA A 173 0.06 31.81 -17.34
C ALA A 173 0.03 33.34 -17.24
N THR A 174 1.00 33.94 -16.55
CA THR A 174 1.00 35.41 -16.40
C THR A 174 1.26 36.15 -17.71
N LEU A 175 1.94 35.50 -18.65
CA LEU A 175 2.29 36.15 -19.90
C LEU A 175 1.60 35.49 -21.08
N ALA A 176 0.65 34.60 -20.78
CA ALA A 176 -0.14 33.91 -21.79
C ALA A 176 -1.18 34.84 -22.34
N GLU A 177 -1.57 34.64 -23.60
CA GLU A 177 -2.73 35.34 -24.10
C GLU A 177 -3.97 34.66 -23.50
N GLY A 178 -4.86 35.48 -22.95
CA GLY A 178 -6.15 35.02 -22.50
C GLY A 178 -6.15 34.62 -21.05
N THR A 179 -7.18 33.86 -20.68
CA THR A 179 -7.40 33.46 -19.28
C THR A 179 -7.01 32.03 -19.06
N THR A 180 -6.29 31.81 -17.95
CA THR A 180 -5.88 30.50 -17.48
C THR A 180 -6.58 30.27 -16.15
N ILE A 181 -7.23 29.12 -16.03
CA ILE A 181 -7.80 28.67 -14.76
C ILE A 181 -7.14 27.37 -14.29
N ILE A 182 -6.68 27.37 -13.07
CA ILE A 182 -6.08 26.18 -12.54
C ILE A 182 -7.01 25.61 -11.51
N GLU A 183 -7.56 24.44 -11.81
CA GLU A 183 -8.45 23.77 -10.86
C GLU A 183 -7.71 22.71 -10.09
N ASN A 184 -8.05 22.57 -8.81
CA ASN A 184 -7.41 21.62 -7.92
C ASN A 184 -5.98 22.08 -7.78
N ALA A 185 -5.83 23.41 -7.68
CA ALA A 185 -4.56 24.07 -7.41
C ALA A 185 -4.13 23.75 -5.98
N ALA A 186 -2.82 23.80 -5.69
CA ALA A 186 -2.34 23.64 -4.33
C ALA A 186 -2.60 24.93 -3.58
N ARG A 187 -2.86 24.83 -2.30
CA ARG A 187 -3.30 26.00 -1.60
C ARG A 187 -2.23 26.48 -0.65
N GLU A 188 -1.04 25.87 -0.69
CA GLU A 188 0.05 26.26 0.22
C GLU A 188 0.23 27.78 0.29
N PRO A 189 0.61 28.32 1.49
CA PRO A 189 0.85 29.78 1.72
C PRO A 189 1.92 30.33 0.80
N GLU A 190 2.81 29.46 0.40
CA GLU A 190 3.87 29.85 -0.53
C GLU A 190 3.31 30.06 -1.91
N ILE A 191 2.10 29.53 -2.15
CA ILE A 191 1.50 29.75 -3.47
C ILE A 191 0.91 31.14 -3.44
N VAL A 192 0.37 31.53 -2.30
CA VAL A 192 -0.25 32.85 -2.07
C VAL A 192 0.83 33.90 -2.22
N ASP A 193 1.96 33.66 -1.56
CA ASP A 193 3.14 34.51 -1.63
C ASP A 193 3.62 34.66 -3.05
N THR A 194 3.74 33.55 -3.78
CA THR A 194 4.19 33.64 -5.16
C THR A 194 3.20 34.42 -6.04
N ALA A 195 1.89 34.15 -5.92
CA ALA A 195 0.87 34.94 -6.61
C ALA A 195 0.98 36.41 -6.28
N ASN A 196 1.13 36.73 -5.01
CA ASN A 196 1.19 38.12 -4.59
C ASN A 196 2.48 38.81 -5.04
N PHE A 197 3.55 38.04 -5.14
CA PHE A 197 4.73 38.55 -5.79
C PHE A 197 4.37 38.87 -7.24
N LEU A 198 3.82 37.91 -7.95
CA LEU A 198 3.44 38.14 -9.38
C LEU A 198 2.58 39.37 -9.58
N ILE A 199 1.64 39.59 -8.66
CA ILE A 199 0.74 40.73 -8.68
C ILE A 199 1.49 42.06 -8.55
N THR A 200 2.35 42.20 -7.56
CA THR A 200 3.33 43.29 -7.53
C THR A 200 4.01 43.62 -8.88
N LEU A 201 4.29 42.61 -9.71
CA LEU A 201 4.92 42.83 -11.01
C LEU A 201 3.94 43.24 -12.12
N GLY A 202 2.64 43.16 -11.82
CA GLY A 202 1.60 43.61 -12.72
C GLY A 202 0.80 42.48 -13.30
N ALA A 203 0.80 41.34 -12.63
CA ALA A 203 0.06 40.18 -13.12
C ALA A 203 -1.34 40.17 -12.52
N LYS A 204 -2.25 39.55 -13.25
CA LYS A 204 -3.65 39.47 -12.81
C LYS A 204 -4.05 38.06 -12.32
N ILE A 205 -4.11 37.92 -11.00
CA ILE A 205 -4.28 36.63 -10.34
C ILE A 205 -5.27 36.80 -9.19
N SER A 206 -6.28 35.95 -9.18
CA SER A 206 -7.13 35.76 -8.02
C SER A 206 -7.28 34.28 -7.67
N GLY A 207 -7.71 34.04 -6.43
CA GLY A 207 -8.04 32.73 -5.93
C GLY A 207 -6.86 31.98 -5.38
N GLN A 208 -5.69 32.62 -5.34
CA GLN A 208 -4.52 31.97 -4.73
C GLN A 208 -4.83 31.68 -3.25
N GLY A 209 -4.35 30.53 -2.77
CA GLY A 209 -4.81 29.98 -1.49
C GLY A 209 -6.06 29.12 -1.55
N THR A 210 -6.82 29.22 -2.64
CA THR A 210 -7.99 28.35 -2.84
C THR A 210 -7.67 27.32 -3.91
N ASP A 211 -8.58 26.38 -4.12
CA ASP A 211 -8.36 25.30 -5.08
C ASP A 211 -8.55 25.69 -6.55
N ARG A 212 -9.02 26.90 -6.81
CA ARG A 212 -9.13 27.41 -8.18
C ARG A 212 -8.42 28.74 -8.28
N ILE A 213 -7.33 28.77 -9.05
CA ILE A 213 -6.64 30.02 -9.37
C ILE A 213 -6.97 30.45 -10.82
N VAL A 214 -7.27 31.74 -10.99
CA VAL A 214 -7.58 32.30 -12.30
C VAL A 214 -6.51 33.34 -12.64
N ILE A 215 -5.94 33.26 -13.83
CA ILE A 215 -4.87 34.17 -14.22
C ILE A 215 -5.25 34.84 -15.53
N GLU A 216 -5.19 36.18 -15.53
CA GLU A 216 -5.39 36.94 -16.74
C GLU A 216 -4.02 37.38 -17.18
N GLY A 217 -3.63 36.89 -18.36
CA GLY A 217 -2.32 37.13 -18.90
C GLY A 217 -2.14 38.56 -19.28
N VAL A 218 -0.96 39.07 -19.01
CA VAL A 218 -0.58 40.43 -19.41
C VAL A 218 0.57 40.32 -20.43
N GLU A 219 0.87 41.43 -21.11
CA GLU A 219 1.90 41.41 -22.14
C GLU A 219 3.31 41.28 -21.55
N ARG A 220 3.47 41.74 -20.31
CA ARG A 220 4.79 42.11 -19.82
C ARG A 220 4.64 42.29 -18.34
N LEU A 221 5.62 41.82 -17.56
CA LEU A 221 5.62 42.12 -16.14
C LEU A 221 6.73 43.11 -15.81
N GLY A 222 6.52 43.86 -14.73
CA GLY A 222 7.43 44.91 -14.29
C GLY A 222 8.47 44.43 -13.30
N GLY A 223 8.63 45.19 -12.22
CA GLY A 223 9.52 44.84 -11.11
C GLY A 223 8.77 45.24 -9.88
N GLY A 224 9.46 45.29 -8.75
CA GLY A 224 8.81 45.67 -7.52
C GLY A 224 9.58 45.09 -6.38
N VAL A 225 9.19 45.45 -5.16
CA VAL A 225 9.78 44.88 -3.97
C VAL A 225 8.74 44.02 -3.33
N TYR A 226 9.15 42.90 -2.76
CA TYR A 226 8.17 42.00 -2.19
C TYR A 226 8.81 41.27 -1.01
N ARG A 227 8.20 41.30 0.17
CA ARG A 227 8.74 40.58 1.34
C ARG A 227 8.15 39.17 1.44
N VAL A 228 9.03 38.17 1.56
CA VAL A 228 8.64 36.77 1.64
C VAL A 228 8.07 36.43 3.02
N LEU A 229 6.97 35.65 3.06
CA LEU A 229 6.33 35.29 4.34
C LEU A 229 7.27 34.46 5.22
N PRO A 230 6.98 34.40 6.54
CA PRO A 230 7.79 33.60 7.47
C PRO A 230 7.82 32.11 7.10
N ASP A 231 8.91 31.44 7.41
CA ASP A 231 9.02 29.97 7.11
C ASP A 231 8.21 29.16 8.10
N ARG A 232 7.07 28.59 7.66
CA ARG A 232 6.20 27.85 8.60
C ARG A 232 6.84 26.53 9.05
N ILE A 233 7.67 25.97 8.18
CA ILE A 233 8.32 24.72 8.52
C ILE A 233 9.44 24.98 9.57
N GLU A 234 10.24 26.02 9.37
CA GLU A 234 11.18 26.45 10.43
C GLU A 234 10.49 26.67 11.78
N THR A 235 9.37 27.39 11.76
CA THR A 235 8.60 27.66 12.97
C THR A 235 8.19 26.37 13.64
N GLY A 236 7.53 25.51 12.87
CA GLY A 236 7.19 24.17 13.36
C GLY A 236 8.35 23.37 13.94
N THR A 237 9.51 23.36 13.26
CA THR A 237 10.74 22.68 13.75
C THR A 237 11.14 23.20 15.15
N PHE A 238 11.09 24.51 15.32
CA PHE A 238 11.47 25.12 16.61
C PHE A 238 10.41 24.92 17.69
N LEU A 239 9.14 24.95 17.32
CA LEU A 239 8.04 24.51 18.19
C LEU A 239 8.21 23.04 18.60
N VAL A 240 8.52 22.16 17.64
CA VAL A 240 8.82 20.76 18.01
C VAL A 240 10.02 20.65 18.95
N ALA A 241 11.10 21.39 18.67
CA ALA A 241 12.30 21.38 19.53
C ALA A 241 11.97 21.65 20.97
N ALA A 242 11.13 22.66 21.20
CA ALA A 242 10.73 23.00 22.56
C ALA A 242 9.83 21.92 23.15
N ALA A 243 8.88 21.48 22.34
CA ALA A 243 7.92 20.44 22.71
C ALA A 243 8.59 19.13 23.14
N ILE A 244 9.73 18.80 22.53
CA ILE A 244 10.37 17.52 22.90
C ILE A 244 11.47 17.63 23.94
N SER A 245 11.80 18.84 24.37
CA SER A 245 12.90 19.02 25.30
C SER A 245 12.42 19.50 26.65
N ARG A 246 11.11 19.47 26.86
CA ARG A 246 10.53 19.99 28.10
C ARG A 246 10.75 21.51 28.15
N GLY A 247 10.54 22.16 27.01
CA GLY A 247 10.95 23.55 26.89
C GLY A 247 9.82 24.55 26.79
N LYS A 248 10.19 25.82 26.68
CA LYS A 248 9.26 26.87 26.29
C LYS A 248 9.92 27.64 25.14
N ILE A 249 9.14 27.99 24.13
CA ILE A 249 9.72 28.79 23.08
C ILE A 249 8.76 29.87 22.58
N ILE A 250 9.33 30.88 21.94
CA ILE A 250 8.57 31.95 21.34
C ILE A 250 9.21 32.17 20.01
N CYS A 251 8.38 32.06 18.98
CA CYS A 251 8.82 32.28 17.60
C CYS A 251 8.38 33.69 17.19
N ARG A 252 9.34 34.55 16.86
CA ARG A 252 9.06 35.93 16.50
C ARG A 252 9.06 35.93 14.99
N ASN A 253 8.33 36.89 14.42
CA ASN A 253 8.08 37.03 13.02
C ASN A 253 7.52 35.74 12.48
N ALA A 254 6.55 35.19 13.19
CA ALA A 254 5.79 34.05 12.70
C ALA A 254 4.51 34.48 11.96
N GLN A 255 3.89 33.54 11.26
CA GLN A 255 2.57 33.79 10.70
C GLN A 255 1.71 32.59 11.09
N PRO A 256 1.10 32.65 12.29
CA PRO A 256 0.40 31.51 12.88
C PRO A 256 -0.68 30.89 11.94
N ASP A 257 -1.27 31.69 11.05
CA ASP A 257 -2.41 31.19 10.22
C ASP A 257 -1.97 30.18 9.16
N THR A 258 -0.65 30.03 9.04
CA THR A 258 -0.01 28.97 8.24
C THR A 258 0.16 27.62 8.95
N LEU A 259 -0.15 27.54 10.24
CA LEU A 259 0.28 26.39 11.04
C LEU A 259 -0.84 25.81 11.90
N ASP A 260 -2.06 26.07 11.48
CA ASP A 260 -3.24 25.48 12.08
C ASP A 260 -3.13 23.98 12.42
N ALA A 261 -2.88 23.12 11.44
CA ALA A 261 -2.74 21.66 11.71
C ALA A 261 -1.59 21.31 12.67
N VAL A 262 -0.42 21.92 12.45
CA VAL A 262 0.74 21.71 13.33
C VAL A 262 0.50 22.15 14.77
N LEU A 263 -0.08 23.34 14.97
CA LEU A 263 -0.34 23.84 16.32
C LEU A 263 -1.40 22.97 17.04
N ALA A 264 -2.42 22.55 16.27
CA ALA A 264 -3.45 21.57 16.73
C ALA A 264 -2.86 20.22 17.17
N LYS A 265 -1.87 19.72 16.44
CA LYS A 265 -1.18 18.48 16.82
C LYS A 265 -0.30 18.64 18.03
N LEU A 266 0.38 19.79 18.12
CA LEU A 266 1.19 20.08 19.29
C LEU A 266 0.26 20.27 20.48
N ARG A 267 -0.94 20.78 20.24
CA ARG A 267 -1.94 20.74 21.32
C ARG A 267 -2.36 19.30 21.75
N ASP A 268 -2.72 18.44 20.79
CA ASP A 268 -3.06 17.03 21.11
C ASP A 268 -1.94 16.35 21.90
N ALA A 269 -0.71 16.85 21.75
CA ALA A 269 0.51 16.35 22.40
C ALA A 269 0.75 16.96 23.78
N GLY A 270 -0.05 17.97 24.11
CA GLY A 270 -0.15 18.53 25.48
C GLY A 270 0.68 19.79 25.64
N ALA A 271 0.99 20.44 24.53
CA ALA A 271 1.68 21.72 24.54
C ALA A 271 0.72 22.87 24.87
N ASP A 272 1.21 23.86 25.62
CA ASP A 272 0.45 25.12 25.81
C ASP A 272 0.87 26.15 24.76
N ILE A 273 0.02 26.28 23.76
CA ILE A 273 0.21 27.20 22.63
C ILE A 273 -0.61 28.51 22.78
N GLU A 274 0.08 29.64 22.74
CA GLU A 274 -0.59 30.91 22.50
C GLU A 274 -0.08 31.52 21.19
N VAL A 275 -0.96 32.21 20.46
CA VAL A 275 -0.58 32.98 19.26
C VAL A 275 -0.76 34.52 19.38
N GLY A 276 0.08 35.27 18.67
CA GLY A 276 -0.18 36.69 18.46
C GLY A 276 -0.31 37.01 16.97
N GLU A 277 -0.53 38.29 16.67
CA GLU A 277 -0.47 38.74 15.30
C GLU A 277 0.68 38.01 14.61
N ASP A 278 1.87 38.03 15.23
CA ASP A 278 3.08 37.56 14.54
C ASP A 278 4.04 36.72 15.39
N TRP A 279 3.49 36.00 16.35
CA TRP A 279 4.29 35.17 17.21
C TRP A 279 3.50 33.96 17.70
N ILE A 280 4.24 32.90 18.02
CA ILE A 280 3.69 31.69 18.59
C ILE A 280 4.61 31.36 19.74
N SER A 281 3.99 31.13 20.89
CA SER A 281 4.64 30.61 22.05
C SER A 281 4.16 29.18 22.27
N LEU A 282 5.08 28.34 22.71
CA LEU A 282 4.76 27.01 23.19
C LEU A 282 5.43 26.83 24.54
N ASP A 283 4.71 26.17 25.44
CA ASP A 283 5.22 25.84 26.78
C ASP A 283 4.70 24.46 27.15
N MET A 284 5.61 23.53 27.48
CA MET A 284 5.21 22.16 27.83
C MET A 284 4.86 22.06 29.32
N HIS A 285 5.39 23.01 30.09
CA HIS A 285 5.23 23.03 31.56
C HIS A 285 5.91 21.79 32.17
N GLY A 286 7.26 21.73 32.05
CA GLY A 286 8.07 20.61 32.55
C GLY A 286 7.86 19.28 31.85
N LYS A 287 6.83 19.25 30.98
CA LYS A 287 6.32 18.02 30.33
C LYS A 287 7.09 17.48 29.11
N ARG A 288 7.41 16.19 29.19
CA ARG A 288 7.68 15.34 28.02
C ARG A 288 6.39 15.29 27.15
N PRO A 289 6.51 15.22 25.79
CA PRO A 289 5.27 15.27 25.00
C PRO A 289 4.44 13.97 25.07
N LYS A 290 3.25 13.99 24.48
CA LYS A 290 2.34 12.86 24.38
C LYS A 290 2.09 12.46 22.91
N ALA A 291 2.07 11.15 22.63
CA ALA A 291 1.96 10.60 21.28
C ALA A 291 0.70 11.05 20.56
N VAL A 292 0.82 11.21 19.24
CA VAL A 292 -0.25 11.71 18.40
C VAL A 292 -0.32 10.93 17.09
N ASN A 293 -1.39 11.13 16.31
CA ASN A 293 -1.55 10.49 15.03
C ASN A 293 -1.62 11.55 13.94
N VAL A 294 -0.61 11.51 13.08
CA VAL A 294 -0.42 12.47 12.03
C VAL A 294 -0.70 11.80 10.68
N ARG A 295 -1.37 12.52 9.80
CA ARG A 295 -1.58 12.14 8.42
C ARG A 295 -1.22 13.34 7.59
N THR A 296 -0.14 13.23 6.83
CA THR A 296 0.28 14.34 5.97
C THR A 296 -0.64 14.38 4.74
N ALA A 297 -0.88 15.58 4.23
CA ALA A 297 -1.68 15.80 3.04
C ALA A 297 -1.37 17.24 2.71
N PRO A 298 -1.80 17.71 1.51
CA PRO A 298 -1.58 19.10 1.09
C PRO A 298 -2.15 20.09 2.10
N HIS A 299 -1.59 21.32 2.15
CA HIS A 299 -2.13 22.45 2.95
C HIS A 299 -3.63 22.68 2.64
N PRO A 300 -4.45 23.03 3.66
CA PRO A 300 -4.13 23.30 5.09
C PRO A 300 -3.93 22.14 6.06
N ALA A 301 -3.92 20.91 5.58
CA ALA A 301 -3.64 19.74 6.45
C ALA A 301 -2.17 19.71 6.99
N PHE A 302 -1.88 18.79 7.91
CA PHE A 302 -0.51 18.58 8.36
C PHE A 302 0.45 18.41 7.19
N PRO A 303 1.55 19.22 7.15
CA PRO A 303 2.54 19.24 6.06
C PRO A 303 3.55 18.11 6.12
N THR A 304 3.86 17.54 4.97
CA THR A 304 4.83 16.46 4.95
C THR A 304 6.21 16.94 5.51
N ASP A 305 6.45 18.25 5.46
CA ASP A 305 7.75 18.83 5.81
C ASP A 305 7.93 18.96 7.33
N MET A 306 6.86 18.67 8.06
CA MET A 306 6.92 18.57 9.54
C MET A 306 6.91 17.12 10.03
N GLN A 307 6.80 16.15 9.12
CA GLN A 307 6.58 14.77 9.47
C GLN A 307 7.77 14.15 10.19
N ALA A 308 9.00 14.33 9.69
CA ALA A 308 10.19 13.76 10.34
C ALA A 308 10.33 14.23 11.80
N GLN A 309 10.06 15.51 12.01
CA GLN A 309 10.07 16.17 13.31
C GLN A 309 9.04 15.59 14.27
N PHE A 310 7.81 15.45 13.80
CA PHE A 310 6.74 14.83 14.59
C PHE A 310 6.95 13.34 14.84
N THR A 311 7.47 12.62 13.85
CA THR A 311 7.97 11.25 14.10
C THR A 311 8.89 11.29 15.30
N LEU A 312 9.87 12.19 15.28
CA LEU A 312 10.71 12.36 16.43
C LEU A 312 9.86 12.52 17.70
N LEU A 313 8.91 13.47 17.70
CA LEU A 313 8.05 13.75 18.86
C LEU A 313 7.34 12.51 19.40
N ASN A 314 6.81 11.70 18.48
CA ASN A 314 6.11 10.46 18.82
C ASN A 314 7.04 9.42 19.46
N LEU A 315 8.28 9.38 18.99
CA LEU A 315 9.26 8.37 19.43
C LEU A 315 9.87 8.65 20.80
N VAL A 316 9.72 9.89 21.29
CA VAL A 316 10.10 10.28 22.67
C VAL A 316 8.88 10.58 23.53
N ALA A 317 7.71 10.53 22.91
CA ALA A 317 6.46 10.77 23.62
C ALA A 317 6.12 9.61 24.54
N GLU A 318 5.28 9.88 25.53
CA GLU A 318 4.69 8.82 26.33
C GLU A 318 3.51 8.36 25.47
N GLY A 319 3.51 7.08 25.08
CA GLY A 319 2.42 6.51 24.28
C GLY A 319 2.78 6.00 22.88
N THR A 320 1.79 5.45 22.19
CA THR A 320 1.95 4.89 20.86
C THR A 320 1.28 5.78 19.81
N GLY A 321 2.06 6.20 18.83
CA GLY A 321 1.56 7.03 17.76
C GLY A 321 1.86 6.54 16.36
N PHE A 322 1.09 7.04 15.40
CA PHE A 322 1.26 6.70 14.01
C PHE A 322 1.53 7.95 13.25
N ILE A 323 2.50 7.87 12.36
CA ILE A 323 2.80 8.90 11.42
C ILE A 323 2.51 8.31 10.07
N THR A 324 1.61 8.93 9.32
CA THR A 324 1.26 8.43 7.99
C THR A 324 1.56 9.47 6.94
N GLU A 325 2.39 9.06 5.99
CA GLU A 325 2.86 9.93 4.94
C GLU A 325 2.11 9.61 3.64
N THR A 326 1.29 10.55 3.16
CA THR A 326 0.55 10.46 1.90
C THR A 326 1.13 11.29 0.77
N VAL A 327 2.18 12.05 1.05
CA VAL A 327 2.75 12.95 0.08
C VAL A 327 4.03 12.35 -0.55
N PHE A 328 4.98 11.95 0.28
CA PHE A 328 6.22 11.34 -0.25
C PHE A 328 6.36 9.92 0.31
N GLU A 329 6.61 8.96 -0.59
CA GLU A 329 6.53 7.53 -0.29
C GLU A 329 7.64 6.94 0.56
N ASN A 330 8.86 7.40 0.34
CA ASN A 330 10.02 6.94 1.08
C ASN A 330 10.53 8.06 2.00
N ARG A 331 9.63 8.76 2.68
CA ARG A 331 10.12 9.86 3.52
C ARG A 331 10.32 9.44 4.97
N PHE A 332 10.86 8.24 5.15
CA PHE A 332 11.07 7.68 6.49
C PHE A 332 12.54 7.36 6.86
N MET A 333 13.49 7.93 6.12
CA MET A 333 14.90 7.60 6.34
C MET A 333 15.49 8.06 7.69
N HIS A 334 14.83 9.00 8.37
CA HIS A 334 15.21 9.36 9.74
C HIS A 334 14.97 8.24 10.72
N VAL A 335 13.93 7.46 10.49
CA VAL A 335 13.53 6.43 11.43
C VAL A 335 14.67 5.47 11.88
N PRO A 336 15.32 4.77 10.94
CA PRO A 336 16.46 3.91 11.32
C PRO A 336 17.60 4.63 12.01
N GLU A 337 17.75 5.94 11.77
CA GLU A 337 18.80 6.74 12.41
C GLU A 337 18.41 6.99 13.86
N LEU A 338 17.17 7.39 14.06
CA LEU A 338 16.65 7.53 15.43
C LEU A 338 16.65 6.18 16.14
N SER A 339 16.39 5.12 15.39
CA SER A 339 16.53 3.76 15.95
C SER A 339 17.90 3.55 16.61
N ARG A 340 18.95 4.04 15.96
CA ARG A 340 20.30 3.95 16.49
C ARG A 340 20.41 4.66 17.83
N MET A 341 19.56 5.67 18.02
CA MET A 341 19.57 6.45 19.25
C MET A 341 18.62 5.90 20.29
N GLY A 342 18.05 4.72 20.04
CA GLY A 342 17.17 4.08 21.00
C GLY A 342 15.67 4.15 20.77
N ALA A 343 15.23 4.78 19.68
CA ALA A 343 13.79 4.84 19.36
C ALA A 343 13.22 3.45 19.04
N HIS A 344 12.02 3.18 19.58
CA HIS A 344 11.23 2.01 19.20
C HIS A 344 10.30 2.38 18.03
N ALA A 345 10.76 2.27 16.80
CA ALA A 345 9.84 2.55 15.72
C ALA A 345 9.50 1.27 15.01
N GLU A 346 8.70 1.35 13.96
CA GLU A 346 8.37 0.19 13.17
C GLU A 346 7.63 0.70 11.96
N ILE A 347 8.24 0.58 10.78
CA ILE A 347 7.62 1.06 9.56
C ILE A 347 6.80 -0.04 8.90
N GLU A 348 5.57 0.32 8.54
CA GLU A 348 4.62 -0.60 8.00
C GLU A 348 3.91 0.13 6.90
N SER A 349 4.33 -0.12 5.67
CA SER A 349 3.73 0.48 4.51
C SER A 349 4.08 2.00 4.48
N ASN A 350 3.10 2.87 4.61
CA ASN A 350 3.40 4.30 4.55
C ASN A 350 3.06 4.97 5.90
N THR A 351 3.11 4.14 6.93
CA THR A 351 2.84 4.55 8.30
C THR A 351 4.02 4.12 9.14
N VAL A 352 4.36 4.89 10.17
CA VAL A 352 5.36 4.45 11.14
C VAL A 352 4.77 4.32 12.52
N ILE A 353 4.79 3.08 13.03
CA ILE A 353 4.34 2.81 14.34
C ILE A 353 5.48 3.23 15.26
N CYS A 354 5.20 4.27 16.03
CA CYS A 354 6.14 4.79 16.99
C CYS A 354 5.67 4.29 18.34
N HIS A 355 6.60 3.84 19.17
CA HIS A 355 6.27 3.49 20.56
C HIS A 355 7.18 4.29 21.43
N GLY A 356 6.73 5.49 21.77
CA GLY A 356 7.54 6.47 22.45
C GLY A 356 8.38 5.89 23.56
N VAL A 357 9.65 6.26 23.59
CA VAL A 357 10.52 5.88 24.68
C VAL A 357 10.71 7.09 25.55
N GLU A 358 11.43 6.91 26.63
CA GLU A 358 11.57 7.93 27.62
C GLU A 358 12.84 8.70 27.30
N LYS A 359 13.90 7.94 27.00
CA LYS A 359 15.21 8.53 26.72
C LYS A 359 15.75 8.08 25.37
N LEU A 360 16.41 9.00 24.66
CA LEU A 360 17.25 8.65 23.54
C LEU A 360 18.69 8.70 24.02
N SER A 361 19.55 7.89 23.41
CA SER A 361 20.97 7.95 23.69
C SER A 361 21.71 8.54 22.47
N GLY A 362 22.80 9.26 22.73
CA GLY A 362 23.61 9.81 21.66
C GLY A 362 24.28 8.70 20.86
N ALA A 363 24.40 8.93 19.57
CA ALA A 363 25.02 8.00 18.66
C ALA A 363 25.45 8.77 17.41
N GLN A 364 26.41 8.22 16.68
CA GLN A 364 26.76 8.75 15.38
C GLN A 364 25.64 8.36 14.44
N VAL A 365 24.98 9.38 13.88
CA VAL A 365 23.86 9.22 12.95
C VAL A 365 24.16 9.99 11.67
N MET A 366 23.40 9.67 10.61
CA MET A 366 23.61 10.28 9.30
C MET A 366 22.34 10.92 8.75
N ALA A 367 22.44 12.21 8.50
CA ALA A 367 21.43 12.97 7.80
C ALA A 367 21.33 12.54 6.31
N THR A 368 20.10 12.35 5.85
CA THR A 368 19.82 11.74 4.55
C THR A 368 19.15 12.77 3.66
N ASP A 369 18.48 13.73 4.30
CA ASP A 369 17.78 14.81 3.59
C ASP A 369 17.51 15.93 4.57
N LEU A 370 17.05 17.06 4.06
CA LEU A 370 16.82 18.28 4.83
C LEU A 370 16.07 18.13 6.17
N ARG A 371 14.81 17.70 6.09
CA ARG A 371 13.99 17.67 7.30
C ARG A 371 14.42 16.58 8.27
N ALA A 372 14.96 15.52 7.68
CA ALA A 372 15.56 14.46 8.43
C ALA A 372 16.75 14.97 9.21
N SER A 373 17.59 15.80 8.58
CA SER A 373 18.77 16.32 9.32
C SER A 373 18.37 17.12 10.53
N ALA A 374 17.38 18.01 10.35
CA ALA A 374 16.84 18.80 11.47
C ALA A 374 16.38 17.93 12.62
N SER A 375 15.60 16.90 12.30
CA SER A 375 15.11 15.92 13.27
C SER A 375 16.22 15.23 14.07
N LEU A 376 17.31 14.91 13.40
CA LEU A 376 18.49 14.27 14.04
C LEU A 376 19.25 15.23 14.92
N VAL A 377 19.32 16.49 14.51
CA VAL A 377 19.89 17.51 15.37
C VAL A 377 19.05 17.69 16.67
N LEU A 378 17.75 17.88 16.51
CA LEU A 378 16.85 17.99 17.62
C LEU A 378 16.88 16.76 18.51
N ALA A 379 16.91 15.58 17.88
CA ALA A 379 17.17 14.35 18.64
C ALA A 379 18.46 14.48 19.47
N GLY A 380 19.54 14.94 18.85
CA GLY A 380 20.80 15.11 19.58
C GLY A 380 20.66 16.00 20.81
N CYS A 381 19.76 16.99 20.75
CA CYS A 381 19.62 17.94 21.87
C CYS A 381 19.03 17.30 23.12
N ILE A 382 18.16 16.32 22.93
CA ILE A 382 17.35 15.70 24.00
C ILE A 382 17.86 14.29 24.32
N ALA A 383 18.75 13.78 23.47
CA ALA A 383 19.47 12.53 23.74
C ALA A 383 20.47 12.66 24.89
N GLU A 384 20.62 11.63 25.72
CA GLU A 384 21.64 11.65 26.77
C GLU A 384 22.99 11.36 26.14
N GLY A 385 23.97 12.23 26.34
CA GLY A 385 25.28 11.99 25.78
C GLY A 385 25.51 12.72 24.49
N THR A 386 26.53 12.29 23.73
CA THR A 386 26.98 12.98 22.51
C THR A 386 26.42 12.30 21.26
N THR A 387 25.82 13.10 20.39
CA THR A 387 25.35 12.69 19.07
C THR A 387 26.21 13.40 18.03
N VAL A 388 26.65 12.65 17.02
CA VAL A 388 27.34 13.25 15.87
C VAL A 388 26.48 13.01 14.64
N VAL A 389 26.08 14.11 13.98
CA VAL A 389 25.21 14.06 12.81
C VAL A 389 26.09 14.40 11.62
N ASP A 390 26.30 13.42 10.76
CA ASP A 390 27.12 13.59 9.59
C ASP A 390 26.26 14.08 8.46
N ARG A 391 26.90 14.64 7.44
CA ARG A 391 26.23 15.06 6.21
C ARG A 391 25.23 16.18 6.50
N ILE A 392 25.67 17.05 7.40
CA ILE A 392 24.89 18.15 7.87
C ILE A 392 24.57 19.22 6.81
N TYR A 393 25.27 19.17 5.68
CA TYR A 393 24.96 20.03 4.52
C TYR A 393 23.49 20.02 4.08
N HIS A 394 22.80 18.90 4.26
CA HIS A 394 21.36 18.87 4.03
C HIS A 394 20.63 19.97 4.76
N ILE A 395 20.99 20.19 6.05
CA ILE A 395 20.33 21.21 6.87
C ILE A 395 20.52 22.64 6.31
N ASP A 396 21.69 22.87 5.71
CA ASP A 396 22.06 24.18 5.23
C ASP A 396 21.29 24.59 3.99
N ARG A 397 20.64 23.61 3.36
CA ARG A 397 19.74 23.82 2.22
C ARG A 397 18.54 24.63 2.60
N GLY A 398 18.09 24.49 3.82
CA GLY A 398 16.72 24.84 4.14
C GLY A 398 16.54 25.52 5.46
N TYR A 399 17.61 25.59 6.26
CA TYR A 399 17.60 26.30 7.55
C TYR A 399 18.75 27.31 7.58
N GLU A 400 18.44 28.55 7.97
CA GLU A 400 19.44 29.60 8.09
C GLU A 400 19.95 29.61 9.54
N ARG A 401 21.23 29.36 9.76
CA ARG A 401 21.79 29.55 11.12
C ARG A 401 21.17 28.63 12.18
N ILE A 402 20.70 27.46 11.75
CA ILE A 402 20.05 26.51 12.67
C ILE A 402 20.84 26.39 13.97
N GLU A 403 22.15 26.32 13.83
CA GLU A 403 23.03 26.04 14.96
C GLU A 403 23.04 27.21 15.94
N ASP A 404 23.07 28.42 15.40
CA ASP A 404 22.98 29.65 16.17
C ASP A 404 21.65 29.79 16.88
N LYS A 405 20.57 29.48 16.16
CA LYS A 405 19.22 29.55 16.70
C LYS A 405 18.99 28.53 17.80
N LEU A 406 19.53 27.31 17.61
CA LEU A 406 19.44 26.28 18.64
C LEU A 406 20.27 26.62 19.87
N ARG A 407 21.51 27.07 19.67
CA ARG A 407 22.39 27.51 20.74
C ARG A 407 21.77 28.63 21.59
N ALA A 408 21.01 29.52 20.96
CA ALA A 408 20.36 30.60 21.69
C ALA A 408 19.18 30.05 22.49
N LEU A 409 18.80 28.81 22.18
CA LEU A 409 17.79 28.10 22.96
C LEU A 409 18.43 27.19 24.01
N GLY A 410 19.76 27.16 24.05
CA GLY A 410 20.47 26.45 25.13
C GLY A 410 20.99 25.08 24.73
N ALA A 411 20.96 24.80 23.43
CA ALA A 411 21.57 23.62 22.85
C ALA A 411 23.09 23.77 22.84
N ASN A 412 23.75 22.63 22.96
CA ASN A 412 25.19 22.55 22.97
C ASN A 412 25.59 21.88 21.64
N ILE A 413 25.82 22.68 20.61
CA ILE A 413 26.08 22.18 19.28
C ILE A 413 27.37 22.75 18.81
N GLU A 414 28.18 21.91 18.20
CA GLU A 414 29.38 22.36 17.58
C GLU A 414 29.39 21.82 16.15
N ARG A 415 29.55 22.73 15.19
CA ARG A 415 29.87 22.33 13.84
C ARG A 415 31.35 21.86 13.77
N VAL A 416 31.56 20.71 13.14
CA VAL A 416 32.88 20.10 12.94
C VAL A 416 33.19 20.04 11.44
N LYS A 417 34.48 20.11 11.07
CA LYS A 417 34.87 19.70 9.70
C LYS A 417 34.82 18.16 9.57
N GLY A 418 35.99 17.51 9.66
CA GLY A 418 36.14 16.05 9.47
C GLY A 418 36.45 15.28 10.76
N MET B 1 31.55 6.81 -7.09
CA MET B 1 32.19 8.08 -6.69
C MET B 1 32.78 8.60 -7.97
N ASP B 2 33.56 7.74 -8.62
CA ASP B 2 33.99 8.00 -9.97
C ASP B 2 32.73 7.61 -10.79
N LYS B 3 32.84 7.64 -12.11
CA LYS B 3 31.69 7.47 -12.97
C LYS B 3 32.06 6.51 -14.11
N PHE B 4 31.04 6.00 -14.78
CA PHE B 4 31.19 5.26 -16.02
C PHE B 4 30.65 6.08 -17.16
N ARG B 5 31.41 6.18 -18.22
CA ARG B 5 30.91 6.78 -19.43
C ARG B 5 30.61 5.64 -20.39
N VAL B 6 29.35 5.52 -20.77
CA VAL B 6 28.93 4.51 -21.71
C VAL B 6 28.43 5.14 -23.00
N GLN B 7 28.97 4.64 -24.10
CA GLN B 7 28.60 5.09 -25.41
C GLN B 7 27.77 3.97 -26.06
N GLY B 8 26.50 4.24 -26.37
CA GLY B 8 25.59 3.26 -27.01
C GLY B 8 25.05 3.70 -28.38
N PRO B 9 24.24 2.88 -29.03
CA PRO B 9 23.79 1.59 -28.53
C PRO B 9 24.73 0.47 -28.98
N THR B 10 24.89 -0.50 -28.08
CA THR B 10 25.76 -1.68 -28.27
C THR B 10 24.94 -2.99 -28.14
N LYS B 11 25.04 -3.91 -29.11
CA LYS B 11 24.44 -5.23 -28.95
C LYS B 11 25.42 -6.09 -28.17
N LEU B 12 25.07 -6.43 -26.93
CA LEU B 12 25.97 -7.21 -26.10
C LEU B 12 25.96 -8.68 -26.51
N GLN B 13 27.14 -9.24 -26.80
CA GLN B 13 27.27 -10.63 -27.24
C GLN B 13 28.62 -11.21 -26.85
N GLY B 14 28.62 -12.52 -26.54
CA GLY B 14 29.85 -13.26 -26.26
C GLY B 14 29.72 -14.09 -25.00
N GLU B 15 30.83 -14.28 -24.29
CA GLU B 15 30.76 -15.02 -23.03
C GLU B 15 31.18 -14.21 -21.83
N VAL B 16 30.69 -14.68 -20.70
CA VAL B 16 31.04 -14.16 -19.41
C VAL B 16 31.20 -15.31 -18.44
N THR B 17 32.19 -15.16 -17.57
CA THR B 17 32.46 -16.11 -16.52
C THR B 17 31.98 -15.48 -15.24
N ILE B 18 30.98 -16.10 -14.66
CA ILE B 18 30.31 -15.65 -13.47
C ILE B 18 31.21 -15.82 -12.24
N SER B 19 31.22 -14.77 -11.41
CA SER B 19 31.98 -14.77 -10.15
C SER B 19 31.25 -15.45 -9.02
N GLY B 20 31.97 -15.74 -7.93
CA GLY B 20 31.31 -16.37 -6.78
C GLY B 20 30.31 -15.38 -6.25
N ALA B 21 29.24 -15.86 -5.60
CA ALA B 21 28.19 -14.97 -5.13
C ALA B 21 28.63 -14.02 -4.02
N LYS B 22 28.46 -12.71 -4.22
CA LYS B 22 28.75 -11.78 -3.12
C LYS B 22 27.98 -12.18 -1.89
N ASN B 23 26.75 -12.62 -2.07
CA ASN B 23 25.88 -12.84 -0.90
C ASN B 23 25.98 -14.24 -0.28
N ALA B 24 26.89 -15.07 -0.80
CA ALA B 24 27.35 -16.27 -0.07
C ALA B 24 28.73 -16.01 0.54
N ALA B 25 29.60 -15.37 -0.23
CA ALA B 25 30.93 -15.02 0.24
C ALA B 25 30.83 -14.28 1.54
N LEU B 26 29.91 -13.32 1.60
CA LEU B 26 29.79 -12.47 2.74
C LEU B 26 29.30 -13.17 4.01
N PRO B 27 28.18 -13.92 3.96
CA PRO B 27 27.92 -14.59 5.24
C PRO B 27 28.94 -15.68 5.57
N ILE B 28 29.51 -16.28 4.54
CA ILE B 28 30.60 -17.22 4.73
C ILE B 28 31.83 -16.64 5.44
N LEU B 29 32.27 -15.45 5.02
CA LEU B 29 33.36 -14.73 5.68
C LEU B 29 33.07 -14.51 7.16
N PHE B 30 31.84 -14.10 7.49
CA PHE B 30 31.54 -13.88 8.93
C PHE B 30 31.33 -15.20 9.67
N ALA B 31 30.82 -16.22 8.98
CA ALA B 31 30.70 -17.55 9.61
C ALA B 31 32.09 -18.05 9.97
N ALA B 32 33.08 -17.70 9.15
CA ALA B 32 34.46 -18.11 9.45
C ALA B 32 34.98 -17.65 10.83
N LEU B 33 34.25 -16.73 11.48
CA LEU B 33 34.60 -16.27 12.84
C LEU B 33 34.40 -17.36 13.90
N LEU B 34 33.52 -18.32 13.58
CA LEU B 34 33.32 -19.51 14.36
C LEU B 34 34.45 -20.53 14.26
N ALA B 35 35.35 -20.37 13.30
CA ALA B 35 36.35 -21.40 13.01
C ALA B 35 37.62 -21.30 13.82
N GLU B 36 38.02 -22.45 14.36
CA GLU B 36 39.13 -22.56 15.26
C GLU B 36 40.38 -23.10 14.56
N GLU B 37 40.26 -23.31 13.25
CA GLU B 37 41.41 -23.60 12.44
C GLU B 37 41.24 -22.87 11.10
N PRO B 38 42.37 -22.59 10.39
CA PRO B 38 42.27 -21.75 9.20
C PRO B 38 41.33 -22.28 8.13
N VAL B 39 40.81 -21.34 7.38
CA VAL B 39 39.73 -21.56 6.42
C VAL B 39 40.23 -20.97 5.11
N GLU B 40 39.88 -21.58 3.99
CA GLU B 40 40.13 -20.94 2.72
C GLU B 40 38.83 -20.91 1.98
N ILE B 41 38.39 -19.71 1.61
CA ILE B 41 37.19 -19.58 0.85
C ILE B 41 37.59 -19.33 -0.58
N GLN B 42 37.07 -20.17 -1.47
CA GLN B 42 37.55 -20.20 -2.82
C GLN B 42 36.49 -19.55 -3.68
N ASN B 43 36.86 -19.01 -4.83
CA ASN B 43 35.86 -18.36 -5.68
C ASN B 43 35.21 -17.13 -5.06
N VAL B 44 35.96 -16.41 -4.21
CA VAL B 44 35.43 -15.17 -3.67
C VAL B 44 35.64 -14.05 -4.66
N PRO B 45 34.55 -13.34 -5.00
CA PRO B 45 34.71 -12.23 -5.94
C PRO B 45 35.49 -11.05 -5.30
N LYS B 46 36.21 -10.32 -6.15
CA LYS B 46 36.97 -9.14 -5.72
C LYS B 46 36.05 -7.95 -5.84
N LEU B 47 35.56 -7.50 -4.69
CA LEU B 47 34.49 -6.51 -4.59
C LEU B 47 34.68 -5.75 -3.30
N LYS B 48 34.11 -4.57 -3.24
CA LYS B 48 34.33 -3.65 -2.16
C LYS B 48 33.86 -4.24 -0.87
N ASP B 49 32.73 -4.95 -0.92
CA ASP B 49 32.12 -5.50 0.28
C ASP B 49 32.95 -6.61 0.85
N VAL B 50 33.64 -7.35 -0.01
CA VAL B 50 34.59 -8.35 0.50
C VAL B 50 35.75 -7.65 1.22
N ASP B 51 36.33 -6.63 0.56
CA ASP B 51 37.41 -5.83 1.19
C ASP B 51 37.04 -5.31 2.60
N THR B 52 35.81 -4.84 2.73
CA THR B 52 35.29 -4.26 3.98
C THR B 52 35.15 -5.37 5.03
N SER B 53 34.68 -6.53 4.56
CA SER B 53 34.51 -7.69 5.42
C SER B 53 35.89 -8.10 5.86
N MET B 54 36.81 -8.11 4.91
CA MET B 54 38.16 -8.45 5.28
C MET B 54 38.70 -7.50 6.35
N LYS B 55 38.54 -6.20 6.14
CA LYS B 55 39.00 -5.15 7.03
C LYS B 55 38.40 -5.34 8.40
N LEU B 56 37.11 -5.68 8.44
CA LEU B 56 36.38 -5.91 9.69
C LEU B 56 36.89 -7.15 10.42
N LEU B 57 37.01 -8.23 9.67
CA LEU B 57 37.65 -9.45 10.19
C LEU B 57 39.03 -9.19 10.80
N SER B 58 39.89 -8.43 10.10
CA SER B 58 41.25 -8.08 10.59
C SER B 58 41.16 -7.38 11.92
N GLN B 59 40.15 -6.51 12.05
CA GLN B 59 39.99 -5.66 13.21
C GLN B 59 39.58 -6.50 14.42
N LEU B 60 38.78 -7.53 14.17
CA LEU B 60 38.33 -8.47 15.21
C LEU B 60 39.44 -9.37 15.68
N GLY B 61 40.55 -9.33 14.94
CA GLY B 61 41.76 -10.05 15.30
C GLY B 61 41.93 -11.36 14.55
N ALA B 62 41.22 -11.51 13.43
CA ALA B 62 41.48 -12.62 12.51
C ALA B 62 42.66 -12.24 11.60
N LYS B 63 43.43 -13.24 11.18
CA LYS B 63 44.45 -13.01 10.20
C LYS B 63 43.76 -13.34 8.90
N VAL B 64 43.78 -12.40 7.97
CA VAL B 64 43.06 -12.52 6.71
C VAL B 64 43.96 -12.09 5.55
N GLU B 65 43.85 -12.75 4.40
CA GLU B 65 44.50 -12.31 3.16
C GLU B 65 43.76 -12.86 1.95
N ARG B 66 43.96 -12.26 0.77
CA ARG B 66 43.33 -12.81 -0.42
C ARG B 66 44.28 -12.74 -1.58
N GLY B 68 42.08 -15.63 -6.16
CA GLY B 68 40.75 -16.31 -6.20
C GLY B 68 40.25 -16.49 -4.79
N SER B 69 41.15 -16.79 -3.86
CA SER B 69 40.73 -17.16 -2.50
C SER B 69 40.88 -16.08 -1.43
N VAL B 70 40.09 -16.19 -0.36
CA VAL B 70 40.31 -15.41 0.86
C VAL B 70 40.66 -16.41 1.93
N HIS B 71 41.79 -16.20 2.59
CA HIS B 71 42.22 -17.03 3.69
C HIS B 71 41.87 -16.33 4.98
N ILE B 72 41.42 -17.10 5.96
CA ILE B 72 41.06 -16.58 7.29
C ILE B 72 41.56 -17.53 8.34
N ASP B 73 42.39 -17.03 9.25
CA ASP B 73 42.72 -17.74 10.44
C ASP B 73 42.07 -16.96 11.59
N ALA B 74 41.01 -17.52 12.16
CA ALA B 74 40.24 -16.82 13.17
C ALA B 74 40.59 -17.34 14.55
N ARG B 75 41.62 -18.16 14.63
CA ARG B 75 42.05 -18.75 15.89
C ARG B 75 42.23 -17.72 17.02
N ASP B 76 42.84 -16.57 16.71
CA ASP B 76 43.20 -15.56 17.73
C ASP B 76 42.26 -14.33 17.77
N VAL B 77 41.02 -14.48 17.27
CA VAL B 77 40.03 -13.42 17.34
C VAL B 77 39.91 -12.97 18.80
N ASN B 78 40.04 -11.67 19.04
CA ASN B 78 40.10 -11.15 20.41
C ASN B 78 39.52 -9.72 20.59
N VAL B 79 39.00 -9.15 19.52
CA VAL B 79 38.29 -7.86 19.56
C VAL B 79 36.88 -8.22 19.13
N PHE B 80 35.88 -7.84 19.93
CA PHE B 80 34.51 -8.33 19.73
C PHE B 80 33.54 -7.22 19.37
N CYS B 81 34.08 -6.08 18.96
CA CYS B 81 33.29 -4.96 18.49
C CYS B 81 33.45 -4.72 16.97
N ALA B 82 32.33 -4.74 16.24
CA ALA B 82 32.27 -4.23 14.88
C ALA B 82 31.87 -2.73 14.89
N PRO B 83 32.84 -1.84 14.70
CA PRO B 83 32.61 -0.44 15.00
C PRO B 83 31.90 0.32 13.91
N TYR B 84 31.27 1.41 14.32
CA TYR B 84 30.50 2.24 13.40
C TYR B 84 31.24 2.60 12.11
N ASP B 85 32.51 2.98 12.24
CA ASP B 85 33.28 3.45 11.08
C ASP B 85 33.42 2.42 9.93
N LEU B 86 33.30 1.12 10.25
CA LEU B 86 33.22 0.04 9.25
C LEU B 86 31.79 -0.38 8.94
N VAL B 87 30.96 -0.57 9.96
CA VAL B 87 29.57 -1.05 9.73
C VAL B 87 28.75 -0.11 8.86
N LYS B 88 28.92 1.21 9.03
CA LYS B 88 28.17 2.19 8.25
C LYS B 88 28.28 1.96 6.73
N THR B 89 29.40 1.40 6.28
CA THR B 89 29.60 1.20 4.85
C THR B 89 29.16 -0.19 4.38
N MET B 90 28.72 -1.03 5.31
CA MET B 90 28.28 -2.38 5.01
C MET B 90 27.41 -2.98 6.10
N ARG B 91 26.11 -2.93 5.83
CA ARG B 91 25.01 -3.57 6.60
C ARG B 91 25.25 -4.97 7.06
N ALA B 92 25.80 -5.78 6.17
CA ALA B 92 26.01 -7.20 6.39
C ALA B 92 26.97 -7.50 7.53
N SER B 93 27.79 -6.53 7.93
CA SER B 93 28.62 -6.73 9.11
C SER B 93 27.77 -7.09 10.36
N ILE B 94 26.46 -6.86 10.32
CA ILE B 94 25.57 -7.33 11.40
C ILE B 94 25.87 -8.81 11.66
N TRP B 95 26.40 -9.48 10.64
CA TRP B 95 26.71 -10.92 10.72
C TRP B 95 27.90 -11.31 11.64
N ALA B 96 28.61 -10.30 12.12
CA ALA B 96 29.72 -10.53 13.04
C ALA B 96 29.15 -10.83 14.44
N LEU B 97 27.93 -10.36 14.69
CA LEU B 97 27.31 -10.47 16.03
C LEU B 97 27.10 -11.89 16.45
N GLY B 98 26.36 -12.65 15.65
CA GLY B 98 26.06 -14.05 15.97
C GLY B 98 27.26 -14.91 16.31
N PRO B 99 28.20 -15.07 15.36
CA PRO B 99 29.45 -15.80 15.61
C PRO B 99 30.18 -15.39 16.86
N LEU B 100 30.33 -14.08 17.11
CA LEU B 100 31.03 -13.62 18.29
C LEU B 100 30.26 -14.00 19.56
N VAL B 101 28.95 -13.86 19.56
CA VAL B 101 28.19 -14.32 20.70
C VAL B 101 28.30 -15.86 20.89
N ALA B 102 28.12 -16.59 19.80
CA ALA B 102 28.17 -18.05 19.82
C ALA B 102 29.51 -18.59 20.31
N ARG B 103 30.60 -17.94 19.90
CA ARG B 103 31.94 -18.48 20.17
C ARG B 103 32.64 -17.86 21.38
N PHE B 104 32.36 -16.59 21.66
CA PHE B 104 33.08 -15.93 22.74
C PHE B 104 32.20 -15.54 23.90
N GLY B 105 30.88 -15.63 23.74
CA GLY B 105 29.96 -15.27 24.85
C GLY B 105 29.53 -13.82 24.74
N GLN B 106 30.08 -13.11 23.78
CA GLN B 106 29.75 -11.68 23.59
C GLN B 106 30.12 -11.19 22.18
N GLY B 107 29.40 -10.17 21.73
CA GLY B 107 29.65 -9.44 20.48
C GLY B 107 29.06 -8.03 20.58
N GLN B 108 29.66 -7.06 19.88
CA GLN B 108 29.15 -5.68 19.75
C GLN B 108 29.21 -5.28 18.28
N VAL B 109 28.07 -4.87 17.75
CA VAL B 109 27.98 -4.47 16.34
C VAL B 109 27.10 -3.23 16.27
N SER B 110 27.61 -2.21 15.59
CA SER B 110 26.90 -0.98 15.42
C SER B 110 25.56 -1.32 14.78
N LEU B 111 24.46 -0.80 15.31
CA LEU B 111 23.18 -1.05 14.65
C LEU B 111 23.14 -0.32 13.27
N PRO B 112 22.86 -1.03 12.17
CA PRO B 112 22.76 -0.27 10.89
C PRO B 112 21.54 0.63 11.01
N GLY B 113 21.54 1.91 10.61
CA GLY B 113 22.41 2.50 9.62
C GLY B 113 21.61 3.00 8.41
N GLY B 114 20.31 2.69 8.36
CA GLY B 114 19.41 3.31 7.38
C GLY B 114 19.88 3.20 5.94
N CYS B 115 19.00 2.78 5.03
CA CYS B 115 19.41 2.41 3.68
C CYS B 115 18.44 2.97 2.62
N THR B 116 18.93 3.34 1.43
CA THR B 116 17.98 3.93 0.47
C THR B 116 16.80 3.02 0.10
N ILE B 117 17.05 1.72 -0.03
CA ILE B 117 16.05 0.81 -0.61
C ILE B 117 14.93 0.46 0.34
N GLY B 118 15.18 0.65 1.61
CA GLY B 118 14.16 0.44 2.62
C GLY B 118 14.83 0.62 3.96
N ALA B 119 14.05 0.59 5.04
CA ALA B 119 14.59 0.87 6.39
C ALA B 119 15.50 -0.20 6.99
N ARG B 120 15.19 -1.47 6.69
CA ARG B 120 16.03 -2.65 7.00
C ARG B 120 16.42 -2.87 8.46
N PRO B 121 15.40 -3.03 9.34
CA PRO B 121 15.73 -3.25 10.74
C PRO B 121 16.33 -4.63 10.90
N VAL B 122 16.96 -4.90 12.05
CA VAL B 122 17.59 -6.18 12.32
C VAL B 122 16.98 -6.83 13.53
N ASP B 123 15.72 -6.47 13.78
CA ASP B 123 14.95 -6.94 14.92
C ASP B 123 14.89 -8.48 15.00
N LEU B 124 14.88 -9.16 13.85
CA LEU B 124 14.76 -10.63 13.81
C LEU B 124 16.10 -11.29 14.17
N HIS B 125 17.20 -10.66 13.75
CA HIS B 125 18.53 -11.01 14.18
C HIS B 125 18.60 -10.94 15.72
N ILE B 126 18.18 -9.82 16.30
CA ILE B 126 18.22 -9.62 17.74
C ILE B 126 17.39 -10.72 18.36
N SER B 127 16.13 -10.83 17.91
CA SER B 127 15.18 -11.69 18.62
C SER B 127 15.53 -13.16 18.49
N GLY B 128 16.25 -13.54 17.44
CA GLY B 128 16.70 -14.93 17.31
C GLY B 128 17.84 -15.25 18.25
N LEU B 129 18.68 -14.25 18.54
CA LEU B 129 19.79 -14.48 19.45
C LEU B 129 19.32 -14.47 20.90
N GLU B 130 18.34 -13.63 21.20
CA GLU B 130 17.73 -13.61 22.50
C GLU B 130 17.02 -14.93 22.74
N GLN B 131 16.37 -15.47 21.69
CA GLN B 131 15.76 -16.79 21.80
C GLN B 131 16.79 -17.91 21.97
N LEU B 132 18.02 -17.75 21.47
CA LEU B 132 19.05 -18.74 21.77
C LEU B 132 19.77 -18.46 23.10
N GLY B 133 19.28 -17.50 23.87
CA GLY B 133 19.78 -17.28 25.23
C GLY B 133 20.55 -15.99 25.45
N ALA B 134 20.90 -15.27 24.38
CA ALA B 134 21.66 -14.04 24.56
C ALA B 134 20.82 -12.97 25.26
N THR B 135 21.52 -12.07 25.95
CA THR B 135 20.94 -10.86 26.47
C THR B 135 21.49 -9.72 25.62
N ILE B 136 20.58 -8.97 25.00
CA ILE B 136 20.93 -7.92 24.06
C ILE B 136 20.39 -6.54 24.47
N LYS B 137 21.31 -5.59 24.60
CA LYS B 137 20.96 -4.20 24.80
C LYS B 137 21.49 -3.42 23.61
N LEU B 138 21.09 -2.17 23.53
CA LEU B 138 21.60 -1.27 22.53
C LEU B 138 22.20 -0.09 23.26
N GLU B 139 23.48 0.19 23.04
CA GLU B 139 24.17 1.20 23.81
C GLU B 139 25.00 2.08 22.91
N GLU B 140 24.63 3.35 22.85
CA GLU B 140 25.25 4.36 21.99
C GLU B 140 25.30 3.89 20.57
N GLY B 141 24.19 3.28 20.17
CA GLY B 141 24.02 2.88 18.78
C GLY B 141 24.67 1.54 18.51
N TYR B 142 25.19 0.88 19.53
CA TYR B 142 25.79 -0.45 19.36
C TYR B 142 24.91 -1.53 19.96
N VAL B 143 24.65 -2.57 19.17
CA VAL B 143 23.99 -3.78 19.63
C VAL B 143 24.97 -4.63 20.41
N LYS B 144 24.77 -4.69 21.72
CA LYS B 144 25.69 -5.38 22.61
C LYS B 144 25.02 -6.63 23.17
N ALA B 145 25.59 -7.78 22.79
CA ALA B 145 24.98 -9.10 23.00
C ALA B 145 25.91 -9.96 23.84
N SER B 146 25.37 -10.55 24.90
CA SER B 146 26.17 -11.36 25.81
C SER B 146 25.41 -12.60 26.24
N VAL B 147 26.16 -13.69 26.38
CA VAL B 147 25.68 -14.89 27.07
C VAL B 147 26.76 -15.47 28.03
N ASP B 148 26.28 -16.01 29.14
CA ASP B 148 27.12 -16.73 30.10
C ASP B 148 27.13 -18.20 29.69
N GLY B 149 28.28 -18.69 29.23
CA GLY B 149 28.40 -20.05 28.73
C GLY B 149 28.06 -20.06 27.26
N ARG B 150 27.56 -21.20 26.76
CA ARG B 150 27.08 -21.31 25.38
C ARG B 150 25.65 -20.86 25.29
N LEU B 151 25.26 -20.62 24.05
CA LEU B 151 23.87 -20.47 23.70
C LEU B 151 23.20 -21.80 23.89
N LYS B 152 21.88 -21.77 23.94
CA LYS B 152 21.09 -22.98 24.13
C LYS B 152 20.18 -23.10 22.95
N GLY B 153 20.17 -24.26 22.31
CA GLY B 153 19.30 -24.47 21.16
C GLY B 153 17.85 -24.13 21.46
N ALA B 154 17.14 -23.64 20.45
CA ALA B 154 15.75 -23.23 20.56
C ALA B 154 14.97 -23.51 19.30
N HIS B 155 13.68 -23.73 19.50
CA HIS B 155 12.75 -23.76 18.39
C HIS B 155 12.39 -22.31 18.13
N ILE B 156 12.83 -21.80 16.99
CA ILE B 156 12.59 -20.41 16.64
C ILE B 156 11.67 -20.31 15.41
N VAL B 157 10.49 -19.74 15.62
CA VAL B 157 9.59 -19.45 14.51
C VAL B 157 9.73 -17.99 14.11
N MET B 158 10.18 -17.79 12.88
CA MET B 158 10.44 -16.48 12.37
C MET B 158 9.16 -15.89 11.79
N ASP B 159 8.75 -14.74 12.32
CA ASP B 159 7.53 -14.01 11.86
C ASP B 159 7.53 -13.53 10.43
N LYS B 160 8.70 -13.17 9.91
CA LYS B 160 8.88 -12.88 8.49
C LYS B 160 10.13 -13.58 7.97
N VAL B 161 10.19 -13.75 6.64
CA VAL B 161 11.31 -14.41 5.97
C VAL B 161 12.41 -13.39 5.90
N SER B 162 13.58 -13.78 6.37
CA SER B 162 14.74 -12.92 6.34
C SER B 162 15.97 -13.77 6.14
N VAL B 163 16.60 -13.59 5.00
CA VAL B 163 17.94 -14.11 4.68
C VAL B 163 18.93 -13.78 5.78
N GLY B 164 19.08 -12.51 6.13
CA GLY B 164 20.08 -12.17 7.14
C GLY B 164 19.82 -12.80 8.50
N ALA B 165 18.56 -12.78 8.91
CA ALA B 165 18.26 -13.27 10.24
C ALA B 165 18.35 -14.78 10.22
N THR B 166 18.13 -15.39 9.07
CA THR B 166 18.25 -16.86 8.96
C THR B 166 19.73 -17.27 9.20
N VAL B 167 20.64 -16.62 8.51
CA VAL B 167 22.07 -16.90 8.60
C VAL B 167 22.59 -16.58 10.03
N THR B 168 22.12 -15.48 10.61
CA THR B 168 22.55 -15.10 11.95
C THR B 168 22.27 -16.25 12.92
N ILE B 169 21.03 -16.73 12.87
CA ILE B 169 20.58 -17.71 13.85
C ILE B 169 21.20 -19.06 13.52
N MET B 170 21.28 -19.42 12.24
CA MET B 170 21.89 -20.68 11.85
C MET B 170 23.35 -20.76 12.25
N CYS B 171 24.14 -19.70 12.00
CA CYS B 171 25.56 -19.70 12.41
C CYS B 171 25.77 -19.76 13.92
N ALA B 172 24.94 -19.01 14.63
CA ALA B 172 25.10 -18.92 16.08
C ALA B 172 24.73 -20.24 16.76
N ALA B 173 23.79 -20.95 16.13
CA ALA B 173 23.23 -22.19 16.63
C ALA B 173 24.21 -23.34 16.52
N THR B 174 25.16 -23.24 15.59
CA THR B 174 26.15 -24.30 15.38
C THR B 174 26.99 -24.55 16.64
N LEU B 175 27.10 -23.54 17.51
CA LEU B 175 27.86 -23.70 18.72
C LEU B 175 26.95 -23.68 19.93
N ALA B 176 25.64 -23.74 19.68
CA ALA B 176 24.70 -23.75 20.76
C ALA B 176 24.69 -25.14 21.46
N GLU B 177 24.21 -25.16 22.69
CA GLU B 177 24.04 -26.38 23.44
C GLU B 177 22.70 -26.98 23.04
N GLY B 178 22.70 -28.16 22.44
CA GLY B 178 21.44 -28.79 22.05
C GLY B 178 20.97 -28.41 20.66
N THR B 179 19.67 -28.57 20.41
CA THR B 179 19.11 -28.49 19.04
C THR B 179 18.39 -27.18 18.86
N THR B 180 18.52 -26.65 17.64
CA THR B 180 17.87 -25.45 17.19
C THR B 180 17.05 -25.72 15.92
N ILE B 181 15.81 -25.24 15.91
CA ILE B 181 14.94 -25.34 14.73
C ILE B 181 14.56 -23.95 14.27
N ILE B 182 14.85 -23.68 13.00
CA ILE B 182 14.43 -22.44 12.40
C ILE B 182 13.20 -22.70 11.52
N GLU B 183 12.06 -22.18 11.93
CA GLU B 183 10.85 -22.27 11.14
C GLU B 183 10.62 -20.99 10.36
N ASN B 184 10.23 -21.15 9.09
CA ASN B 184 10.06 -20.01 8.19
C ASN B 184 11.41 -19.40 7.90
N ALA B 185 12.40 -20.29 7.78
CA ALA B 185 13.77 -19.94 7.46
C ALA B 185 13.78 -19.46 6.00
N ALA B 186 14.68 -18.55 5.63
CA ALA B 186 14.83 -18.25 4.21
C ALA B 186 15.45 -19.47 3.51
N ARG B 187 15.09 -19.62 2.24
CA ARG B 187 15.55 -20.73 1.42
C ARG B 187 16.60 -20.33 0.38
N GLU B 188 17.05 -19.08 0.39
CA GLU B 188 18.02 -18.60 -0.63
C GLU B 188 19.23 -19.52 -0.86
N PRO B 189 19.64 -19.73 -2.12
CA PRO B 189 20.84 -20.56 -2.37
C PRO B 189 22.05 -20.20 -1.51
N GLU B 190 22.17 -18.93 -1.11
CA GLU B 190 23.29 -18.48 -0.29
C GLU B 190 23.15 -18.99 1.13
N ILE B 191 21.91 -19.26 1.57
CA ILE B 191 21.70 -19.83 2.91
C ILE B 191 22.17 -21.29 2.89
N VAL B 192 21.92 -21.97 1.75
CA VAL B 192 22.37 -23.38 1.52
C VAL B 192 23.89 -23.43 1.52
N ASP B 193 24.48 -22.53 0.76
CA ASP B 193 25.91 -22.43 0.64
C ASP B 193 26.58 -22.23 2.01
N THR B 194 26.02 -21.33 2.82
CA THR B 194 26.57 -20.96 4.15
C THR B 194 26.47 -22.15 5.09
N ALA B 195 25.33 -22.85 4.99
CA ALA B 195 25.10 -24.07 5.75
C ALA B 195 26.12 -25.16 5.40
N ASN B 196 26.41 -25.30 4.11
CA ASN B 196 27.34 -26.34 3.63
C ASN B 196 28.77 -25.96 4.01
N PHE B 197 29.06 -24.65 4.02
CA PHE B 197 30.33 -24.15 4.55
C PHE B 197 30.46 -24.52 6.01
N LEU B 198 29.40 -24.21 6.77
CA LEU B 198 29.34 -24.52 8.18
C LEU B 198 29.57 -26.02 8.44
N ILE B 199 29.00 -26.87 7.58
CA ILE B 199 29.13 -28.33 7.68
C ILE B 199 30.58 -28.77 7.41
N THR B 200 31.22 -28.16 6.42
CA THR B 200 32.62 -28.41 6.16
C THR B 200 33.47 -28.18 7.44
N LEU B 201 32.98 -27.35 8.36
CA LEU B 201 33.73 -27.09 9.60
C LEU B 201 33.30 -27.99 10.74
N GLY B 202 32.34 -28.86 10.44
CA GLY B 202 31.89 -29.83 11.41
C GLY B 202 30.61 -29.44 12.13
N ALA B 203 29.90 -28.45 11.61
CA ALA B 203 28.55 -28.16 12.12
C ALA B 203 27.58 -29.25 11.67
N LYS B 204 26.56 -29.49 12.46
CA LYS B 204 25.53 -30.44 12.06
C LYS B 204 24.25 -29.66 11.71
N ILE B 205 24.02 -29.55 10.40
CA ILE B 205 22.89 -28.82 9.86
C ILE B 205 22.10 -29.65 8.82
N SER B 206 20.77 -29.58 8.90
CA SER B 206 19.96 -30.17 7.86
C SER B 206 18.80 -29.23 7.67
N GLY B 207 18.23 -29.25 6.48
CA GLY B 207 17.04 -28.52 6.17
C GLY B 207 17.35 -27.27 5.39
N GLN B 208 18.62 -26.94 5.23
CA GLN B 208 19.01 -25.77 4.50
C GLN B 208 18.44 -25.89 3.11
N GLY B 209 17.92 -24.78 2.59
CA GLY B 209 17.18 -24.79 1.33
C GLY B 209 15.68 -24.98 1.51
N THR B 210 15.27 -25.36 2.71
CA THR B 210 13.84 -25.56 3.02
C THR B 210 13.37 -24.55 4.10
N ASP B 211 12.07 -24.47 4.34
CA ASP B 211 11.57 -23.51 5.33
C ASP B 211 11.94 -23.85 6.79
N ARG B 212 12.64 -24.98 7.00
CA ARG B 212 12.96 -25.43 8.36
C ARG B 212 14.37 -26.01 8.42
N ILE B 213 15.23 -25.30 9.15
CA ILE B 213 16.62 -25.68 9.35
C ILE B 213 16.78 -26.21 10.78
N VAL B 214 17.38 -27.38 10.85
CA VAL B 214 17.65 -28.03 12.11
C VAL B 214 19.15 -27.98 12.25
N ILE B 215 19.60 -27.44 13.38
CA ILE B 215 21.01 -27.39 13.74
C ILE B 215 21.13 -28.12 15.07
N GLU B 216 21.97 -29.16 15.10
CA GLU B 216 22.39 -29.76 16.35
C GLU B 216 23.72 -29.13 16.67
N GLY B 217 23.79 -28.49 17.83
CA GLY B 217 24.97 -27.77 18.20
C GLY B 217 26.15 -28.66 18.53
N VAL B 218 27.35 -28.11 18.31
CA VAL B 218 28.58 -28.83 18.54
C VAL B 218 29.55 -28.03 19.43
N GLU B 219 30.57 -28.72 19.92
CA GLU B 219 31.58 -28.14 20.79
C GLU B 219 32.33 -26.97 20.16
N ARG B 220 32.87 -27.21 18.98
CA ARG B 220 33.81 -26.30 18.35
C ARG B 220 33.70 -26.57 16.86
N LEU B 221 33.82 -25.53 16.03
CA LEU B 221 34.02 -25.74 14.60
C LEU B 221 35.50 -25.64 14.25
N GLY B 222 35.89 -26.37 13.20
CA GLY B 222 37.28 -26.52 12.81
C GLY B 222 37.54 -25.63 11.63
N GLY B 223 38.31 -26.13 10.67
CA GLY B 223 38.62 -25.36 9.47
C GLY B 223 38.31 -26.18 8.24
N GLY B 224 38.78 -25.72 7.09
CA GLY B 224 38.55 -26.43 5.85
C GLY B 224 38.59 -25.51 4.65
N VAL B 225 38.21 -26.05 3.49
CA VAL B 225 38.31 -25.29 2.25
C VAL B 225 36.95 -25.40 1.61
N TYR B 226 36.40 -24.27 1.16
CA TYR B 226 35.03 -24.22 0.71
C TYR B 226 34.93 -23.32 -0.51
N ARG B 227 34.27 -23.78 -1.55
CA ARG B 227 34.10 -22.91 -2.70
C ARG B 227 32.72 -22.30 -2.73
N VAL B 228 32.67 -20.95 -2.85
CA VAL B 228 31.43 -20.23 -2.98
C VAL B 228 30.77 -20.46 -4.36
N LEU B 229 29.44 -20.66 -4.33
CA LEU B 229 28.62 -20.90 -5.48
C LEU B 229 28.59 -19.65 -6.37
N PRO B 230 28.18 -19.83 -7.61
CA PRO B 230 28.13 -18.70 -8.53
C PRO B 230 27.10 -17.66 -8.10
N ASP B 231 27.35 -16.42 -8.49
CA ASP B 231 26.44 -15.29 -8.29
C ASP B 231 25.25 -15.34 -9.25
N ARG B 232 24.09 -15.66 -8.68
CA ARG B 232 22.86 -15.83 -9.51
C ARG B 232 22.43 -14.44 -9.99
N ILE B 233 22.81 -13.42 -9.24
CA ILE B 233 22.39 -12.04 -9.55
C ILE B 233 23.26 -11.39 -10.62
N GLU B 234 24.58 -11.61 -10.51
CA GLU B 234 25.48 -11.33 -11.62
C GLU B 234 25.05 -12.08 -12.89
N THR B 235 24.78 -13.38 -12.75
CA THR B 235 24.30 -14.19 -13.86
C THR B 235 23.04 -13.58 -14.46
N GLY B 236 22.00 -13.40 -13.63
CA GLY B 236 20.80 -12.71 -14.10
C GLY B 236 21.07 -11.38 -14.79
N THR B 237 22.02 -10.60 -14.25
CA THR B 237 22.30 -9.25 -14.73
C THR B 237 22.83 -9.34 -16.18
N PHE B 238 23.78 -10.23 -16.45
CA PHE B 238 24.30 -10.41 -17.84
C PHE B 238 23.32 -11.08 -18.82
N LEU B 239 22.45 -11.94 -18.28
CA LEU B 239 21.39 -12.54 -19.05
C LEU B 239 20.41 -11.45 -19.51
N VAL B 240 20.11 -10.52 -18.62
CA VAL B 240 19.28 -9.37 -18.97
C VAL B 240 20.06 -8.46 -19.92
N ALA B 241 21.36 -8.25 -19.73
CA ALA B 241 22.16 -7.47 -20.69
C ALA B 241 22.00 -8.01 -22.11
N ALA B 242 22.03 -9.33 -22.23
CA ALA B 242 21.91 -9.98 -23.51
C ALA B 242 20.49 -9.77 -23.99
N ALA B 243 19.54 -9.90 -23.09
CA ALA B 243 18.12 -9.81 -23.43
C ALA B 243 17.77 -8.44 -24.02
N ILE B 244 18.08 -7.39 -23.27
CA ILE B 244 17.66 -5.99 -23.61
C ILE B 244 18.37 -5.40 -24.81
N SER B 245 19.55 -5.93 -25.13
CA SER B 245 20.35 -5.45 -26.24
C SER B 245 20.22 -6.34 -27.50
N ARG B 246 19.22 -7.22 -27.51
CA ARG B 246 18.90 -8.05 -28.65
C ARG B 246 20.13 -8.85 -29.11
N GLY B 247 20.91 -9.28 -28.11
CA GLY B 247 22.15 -10.02 -28.27
C GLY B 247 22.11 -11.48 -27.86
N LYS B 248 23.29 -12.02 -27.54
CA LYS B 248 23.48 -13.43 -27.13
C LYS B 248 24.62 -13.54 -26.11
N ILE B 249 24.37 -14.16 -24.97
CA ILE B 249 25.43 -14.34 -23.98
C ILE B 249 25.47 -15.80 -23.55
N ILE B 250 26.68 -16.31 -23.36
CA ILE B 250 26.85 -17.54 -22.61
C ILE B 250 27.51 -17.17 -21.29
N CYS B 251 26.91 -17.62 -20.20
CA CYS B 251 27.41 -17.42 -18.83
C CYS B 251 28.10 -18.73 -18.39
N ARG B 252 29.38 -18.64 -18.11
CA ARG B 252 30.08 -19.83 -17.64
C ARG B 252 30.27 -19.75 -16.11
N ASN B 253 30.56 -20.91 -15.51
CA ASN B 253 30.60 -21.07 -14.08
C ASN B 253 29.30 -20.64 -13.43
N ALA B 254 28.16 -20.99 -14.07
CA ALA B 254 26.84 -20.70 -13.51
C ALA B 254 26.26 -21.90 -12.76
N GLN B 255 25.21 -21.64 -11.98
CA GLN B 255 24.38 -22.67 -11.41
C GLN B 255 22.93 -22.45 -11.83
N PRO B 256 22.56 -23.02 -12.99
CA PRO B 256 21.21 -22.79 -13.48
C PRO B 256 20.07 -22.95 -12.45
N ASP B 257 20.19 -23.90 -11.51
CA ASP B 257 19.08 -24.21 -10.57
C ASP B 257 18.79 -23.14 -9.51
N THR B 258 19.66 -22.14 -9.42
CA THR B 258 19.43 -20.98 -8.53
C THR B 258 18.60 -19.88 -9.18
N LEU B 259 18.16 -20.14 -10.43
CA LEU B 259 17.52 -19.11 -11.25
C LEU B 259 16.25 -19.53 -11.99
N ASP B 260 15.52 -20.53 -11.48
CA ASP B 260 14.26 -20.97 -12.10
C ASP B 260 13.39 -19.77 -12.48
N ALA B 261 13.07 -18.93 -11.49
CA ALA B 261 12.11 -17.82 -11.71
C ALA B 261 12.52 -16.84 -12.80
N VAL B 262 13.80 -16.47 -12.79
CA VAL B 262 14.41 -15.47 -13.68
C VAL B 262 14.47 -16.03 -15.07
N LEU B 263 14.88 -17.27 -15.18
CA LEU B 263 14.91 -17.92 -16.46
C LEU B 263 13.50 -18.03 -17.05
N ALA B 264 12.51 -18.32 -16.22
CA ALA B 264 11.13 -18.45 -16.74
C ALA B 264 10.64 -17.10 -17.18
N LYS B 265 10.90 -16.05 -16.39
CA LYS B 265 10.54 -14.67 -16.87
C LYS B 265 11.28 -14.25 -18.12
N LEU B 266 12.56 -14.64 -18.26
CA LEU B 266 13.28 -14.33 -19.51
C LEU B 266 12.71 -15.07 -20.74
N ARG B 267 12.30 -16.33 -20.56
CA ARG B 267 11.56 -17.02 -21.63
C ARG B 267 10.29 -16.28 -21.95
N ASP B 268 9.56 -15.87 -20.91
CA ASP B 268 8.32 -15.13 -21.11
C ASP B 268 8.54 -13.90 -22.00
N ALA B 269 9.76 -13.36 -21.97
CA ALA B 269 10.18 -12.18 -22.71
C ALA B 269 10.65 -12.49 -24.14
N GLY B 270 10.66 -13.76 -24.52
CA GLY B 270 11.04 -14.12 -25.88
C GLY B 270 12.46 -14.66 -26.01
N ALA B 271 13.18 -14.74 -24.90
CA ALA B 271 14.54 -15.26 -24.91
C ALA B 271 14.54 -16.76 -25.20
N ASP B 272 15.57 -17.20 -25.93
CA ASP B 272 15.84 -18.60 -26.18
C ASP B 272 17.00 -18.97 -25.26
N ILE B 273 16.68 -19.73 -24.22
CA ILE B 273 17.59 -20.05 -23.14
C ILE B 273 17.90 -21.56 -23.17
N GLU B 274 19.18 -21.90 -23.04
CA GLU B 274 19.65 -23.26 -22.95
C GLU B 274 20.52 -23.30 -21.71
N VAL B 275 20.54 -24.42 -20.97
CA VAL B 275 21.32 -24.61 -19.74
C VAL B 275 22.07 -25.94 -19.76
N GLY B 276 23.24 -25.97 -19.15
CA GLY B 276 24.03 -27.18 -19.05
C GLY B 276 24.27 -27.31 -17.59
N GLU B 277 25.23 -28.16 -17.22
CA GLU B 277 25.57 -28.36 -15.81
C GLU B 277 26.01 -27.06 -15.18
N ASP B 278 26.86 -26.32 -15.90
CA ASP B 278 27.46 -25.12 -15.30
C ASP B 278 27.43 -23.89 -16.20
N TRP B 279 26.48 -23.85 -17.12
CA TRP B 279 26.34 -22.73 -18.06
C TRP B 279 24.88 -22.43 -18.38
N ILE B 280 24.61 -21.15 -18.64
CA ILE B 280 23.35 -20.71 -19.26
C ILE B 280 23.65 -19.87 -20.51
N SER B 281 23.01 -20.19 -21.64
CA SER B 281 23.02 -19.27 -22.77
C SER B 281 21.64 -18.61 -22.98
N LEU B 282 21.66 -17.37 -23.46
CA LEU B 282 20.47 -16.64 -23.79
C LEU B 282 20.73 -16.02 -25.14
N ASP B 283 19.81 -16.22 -26.07
CA ASP B 283 19.94 -15.66 -27.40
C ASP B 283 18.57 -15.09 -27.73
N MET B 284 18.54 -13.81 -28.04
CA MET B 284 17.32 -13.16 -28.34
C MET B 284 16.97 -13.29 -29.84
N HIS B 285 17.94 -13.75 -30.63
CA HIS B 285 17.85 -13.81 -32.12
C HIS B 285 17.43 -12.48 -32.73
N GLY B 286 18.12 -11.42 -32.32
CA GLY B 286 17.89 -10.06 -32.82
C GLY B 286 16.61 -9.34 -32.41
N LYS B 287 15.81 -9.99 -31.55
CA LYS B 287 14.47 -9.54 -31.18
C LYS B 287 14.51 -8.64 -29.99
N ARG B 288 13.61 -7.67 -29.99
CA ARG B 288 13.23 -6.91 -28.81
C ARG B 288 12.49 -7.81 -27.81
N PRO B 289 12.81 -7.68 -26.53
CA PRO B 289 12.05 -8.53 -25.65
C PRO B 289 10.62 -8.09 -25.56
N LYS B 290 9.77 -9.01 -25.12
CA LYS B 290 8.35 -8.72 -24.87
C LYS B 290 8.19 -8.36 -23.40
N ALA B 291 7.27 -7.44 -23.07
CA ALA B 291 7.02 -7.01 -21.70
C ALA B 291 6.49 -8.15 -20.85
N VAL B 292 6.93 -8.19 -19.59
CA VAL B 292 6.48 -9.23 -18.65
C VAL B 292 6.01 -8.58 -17.37
N ASN B 293 5.27 -9.33 -16.57
CA ASN B 293 4.87 -8.83 -15.26
C ASN B 293 5.73 -9.58 -14.25
N VAL B 294 6.20 -8.86 -13.23
CA VAL B 294 7.07 -9.46 -12.26
C VAL B 294 6.59 -9.16 -10.83
N ARG B 295 6.61 -10.18 -10.00
CA ARG B 295 6.35 -10.05 -8.56
C ARG B 295 7.53 -10.55 -7.74
N THR B 296 8.26 -9.67 -7.10
CA THR B 296 9.42 -10.13 -6.32
C THR B 296 8.92 -10.81 -5.05
N ALA B 297 9.64 -11.83 -4.58
CA ALA B 297 9.39 -12.46 -3.28
C ALA B 297 10.61 -13.28 -2.91
N PRO B 298 10.67 -13.80 -1.66
CA PRO B 298 11.81 -14.62 -1.31
C PRO B 298 11.96 -15.84 -2.17
N HIS B 299 13.18 -16.33 -2.26
CA HIS B 299 13.52 -17.45 -3.13
C HIS B 299 12.64 -18.62 -2.74
N PRO B 300 12.14 -19.44 -3.70
CA PRO B 300 12.51 -19.56 -5.10
C PRO B 300 11.77 -18.65 -6.04
N ALA B 301 11.03 -17.67 -5.52
CA ALA B 301 10.30 -16.70 -6.35
C ALA B 301 11.27 -15.69 -6.92
N PHE B 302 10.74 -14.75 -7.70
CA PHE B 302 11.60 -13.81 -8.46
C PHE B 302 12.35 -12.95 -7.47
N PRO B 303 13.69 -12.79 -7.64
CA PRO B 303 14.40 -12.10 -6.58
C PRO B 303 14.36 -10.59 -6.72
N THR B 304 14.27 -9.92 -5.59
CA THR B 304 14.29 -8.47 -5.58
C THR B 304 15.59 -7.90 -6.12
N ASP B 305 16.66 -8.69 -6.04
CA ASP B 305 17.96 -8.29 -6.60
C ASP B 305 17.98 -8.36 -8.11
N MET B 306 16.93 -8.87 -8.75
CA MET B 306 16.82 -8.77 -10.21
C MET B 306 15.77 -7.74 -10.72
N GLN B 307 15.12 -7.05 -9.81
CA GLN B 307 13.95 -6.24 -10.11
C GLN B 307 14.28 -4.98 -10.91
N ALA B 308 15.33 -4.27 -10.51
CA ALA B 308 15.75 -3.06 -11.24
C ALA B 308 16.09 -3.37 -12.72
N GLN B 309 16.76 -4.49 -12.93
CA GLN B 309 17.21 -4.94 -14.23
C GLN B 309 16.04 -5.33 -15.12
N PHE B 310 15.08 -6.02 -14.52
CA PHE B 310 13.88 -6.38 -15.25
C PHE B 310 12.94 -5.22 -15.43
N THR B 311 12.95 -4.29 -14.47
CA THR B 311 12.33 -2.98 -14.72
C THR B 311 12.92 -2.41 -16.04
N LEU B 312 14.23 -2.28 -16.10
CA LEU B 312 14.90 -1.88 -17.34
C LEU B 312 14.43 -2.69 -18.56
N LEU B 313 14.40 -4.01 -18.44
CA LEU B 313 13.89 -4.85 -19.51
C LEU B 313 12.48 -4.43 -19.97
N ASN B 314 11.54 -4.31 -19.03
CA ASN B 314 10.20 -3.82 -19.41
C ASN B 314 10.26 -2.44 -20.07
N LEU B 315 11.14 -1.57 -19.60
CA LEU B 315 11.09 -0.22 -20.10
C LEU B 315 11.58 -0.10 -21.53
N VAL B 316 12.19 -1.18 -22.06
CA VAL B 316 12.57 -1.28 -23.50
C VAL B 316 11.91 -2.46 -24.25
N ALA B 317 10.98 -3.12 -23.58
CA ALA B 317 10.37 -4.28 -24.16
C ALA B 317 9.22 -3.80 -25.04
N GLU B 318 8.63 -4.72 -25.80
CA GLU B 318 7.36 -4.41 -26.51
C GLU B 318 6.20 -4.61 -25.54
N GLY B 319 5.42 -3.57 -25.33
CA GLY B 319 4.21 -3.73 -24.55
C GLY B 319 4.34 -3.12 -23.19
N THR B 320 3.37 -3.42 -22.36
CA THR B 320 3.30 -2.85 -21.03
C THR B 320 3.43 -4.00 -20.09
N GLY B 321 4.21 -3.85 -19.03
CA GLY B 321 4.33 -4.88 -18.01
C GLY B 321 4.48 -4.22 -16.67
N PHE B 322 4.31 -4.98 -15.60
CA PHE B 322 4.37 -4.36 -14.30
C PHE B 322 5.37 -5.09 -13.43
N ILE B 323 6.08 -4.32 -12.61
CA ILE B 323 7.00 -4.88 -11.68
C ILE B 323 6.46 -4.50 -10.31
N THR B 324 6.10 -5.51 -9.53
CA THR B 324 5.73 -5.34 -8.13
C THR B 324 6.81 -5.79 -7.17
N GLU B 325 7.13 -4.92 -6.22
CA GLU B 325 8.22 -5.12 -5.29
C GLU B 325 7.69 -5.32 -3.87
N THR B 326 7.85 -6.56 -3.37
CA THR B 326 7.22 -7.02 -2.16
C THR B 326 8.24 -7.18 -1.05
N VAL B 327 9.54 -6.99 -1.36
CA VAL B 327 10.57 -7.28 -0.35
C VAL B 327 11.07 -6.01 0.31
N PHE B 328 11.41 -5.03 -0.52
CA PHE B 328 11.95 -3.76 -0.08
C PHE B 328 11.00 -2.66 -0.48
N GLU B 329 10.71 -1.76 0.45
CA GLU B 329 9.64 -0.75 0.28
C GLU B 329 9.99 0.38 -0.66
N ASN B 330 11.29 0.64 -0.84
CA ASN B 330 11.70 1.75 -1.69
C ASN B 330 12.79 1.43 -2.73
N ARG B 331 12.59 0.37 -3.51
CA ARG B 331 13.55 -0.05 -4.50
C ARG B 331 13.22 0.33 -5.95
N PHE B 332 12.67 1.53 -6.15
CA PHE B 332 12.45 2.06 -7.54
C PHE B 332 13.24 3.32 -7.93
N MET B 333 14.32 3.62 -7.22
CA MET B 333 15.06 4.84 -7.47
C MET B 333 15.77 4.82 -8.82
N HIS B 334 15.91 3.65 -9.46
CA HIS B 334 16.47 3.60 -10.83
C HIS B 334 15.50 4.22 -11.79
N VAL B 335 14.19 4.13 -11.47
CA VAL B 335 13.15 4.52 -12.40
C VAL B 335 13.21 5.98 -12.89
N PRO B 336 13.26 6.98 -11.98
CA PRO B 336 13.36 8.37 -12.38
C PRO B 336 14.64 8.66 -13.15
N GLU B 337 15.69 7.88 -12.90
CA GLU B 337 16.90 7.99 -13.72
C GLU B 337 16.70 7.40 -15.10
N LEU B 338 15.98 6.29 -15.17
CA LEU B 338 15.62 5.78 -16.49
C LEU B 338 14.67 6.76 -17.19
N SER B 339 13.89 7.53 -16.41
CA SER B 339 12.99 8.53 -17.02
C SER B 339 13.74 9.62 -17.74
N ARG B 340 14.89 10.00 -17.17
CA ARG B 340 15.82 10.98 -17.81
C ARG B 340 16.32 10.46 -19.15
N MET B 341 16.39 9.12 -19.24
CA MET B 341 16.74 8.41 -20.44
C MET B 341 15.58 8.17 -21.44
N GLY B 342 14.38 8.69 -21.16
CA GLY B 342 13.26 8.49 -22.06
C GLY B 342 12.37 7.27 -21.84
N ALA B 343 12.60 6.58 -20.72
CA ALA B 343 11.69 5.54 -20.26
C ALA B 343 10.30 6.12 -19.96
N HIS B 344 9.26 5.32 -20.22
CA HIS B 344 7.89 5.69 -19.90
C HIS B 344 7.49 4.79 -18.75
N ALA B 345 7.54 5.28 -17.52
CA ALA B 345 7.33 4.45 -16.36
C ALA B 345 6.34 5.19 -15.48
N GLU B 346 5.59 4.47 -14.67
CA GLU B 346 4.68 5.11 -13.74
C GLU B 346 4.78 4.32 -12.45
N ILE B 347 5.06 4.98 -11.34
CA ILE B 347 5.13 4.27 -10.08
C ILE B 347 3.88 4.53 -9.25
N GLU B 348 3.26 3.45 -8.81
CA GLU B 348 2.04 3.50 -7.99
C GLU B 348 2.30 2.57 -6.85
N SER B 349 2.45 3.17 -5.66
CA SER B 349 3.17 2.62 -4.49
C SER B 349 4.21 1.54 -4.75
N ASN B 350 3.84 0.27 -4.58
CA ASN B 350 4.82 -0.83 -4.74
C ASN B 350 4.90 -1.47 -6.12
N THR B 351 4.34 -0.81 -7.13
CA THR B 351 4.35 -1.34 -8.50
C THR B 351 4.83 -0.27 -9.43
N VAL B 352 5.72 -0.64 -10.34
CA VAL B 352 6.00 0.22 -11.48
C VAL B 352 5.31 -0.33 -12.77
N ILE B 353 4.58 0.54 -13.43
CA ILE B 353 3.91 0.21 -14.69
C ILE B 353 4.84 0.65 -15.80
N CYS B 354 5.25 -0.28 -16.64
CA CYS B 354 6.25 0.05 -17.65
C CYS B 354 5.62 0.02 -19.03
N HIS B 355 5.91 1.00 -19.89
CA HIS B 355 5.40 1.00 -21.26
C HIS B 355 6.63 1.10 -22.09
N GLY B 356 7.13 -0.05 -22.54
CA GLY B 356 8.46 -0.08 -23.15
C GLY B 356 8.59 0.83 -24.36
N VAL B 357 9.78 1.38 -24.58
CA VAL B 357 10.02 2.18 -25.77
C VAL B 357 11.07 1.49 -26.64
N GLU B 358 11.16 1.83 -27.93
CA GLU B 358 12.16 1.23 -28.79
C GLU B 358 13.60 1.43 -28.29
N LYS B 359 13.93 2.68 -27.98
CA LYS B 359 15.29 3.08 -27.69
C LYS B 359 15.31 4.05 -26.51
N LEU B 360 16.27 3.87 -25.63
CA LEU B 360 16.57 4.90 -24.65
C LEU B 360 17.57 5.87 -25.24
N SER B 361 17.68 7.05 -24.63
CA SER B 361 18.68 8.05 -25.03
C SER B 361 19.63 8.37 -23.89
N GLY B 362 20.92 8.44 -24.26
CA GLY B 362 22.01 8.64 -23.33
C GLY B 362 21.84 9.94 -22.58
N ALA B 363 22.09 9.90 -21.28
CA ALA B 363 21.98 11.07 -20.44
C ALA B 363 22.79 10.81 -19.18
N GLN B 364 23.11 11.87 -18.44
CA GLN B 364 23.82 11.77 -17.18
C GLN B 364 22.82 11.30 -16.14
N VAL B 365 23.16 10.21 -15.44
CA VAL B 365 22.23 9.61 -14.49
C VAL B 365 23.01 9.21 -13.26
N MET B 366 22.30 8.96 -12.20
CA MET B 366 22.99 8.80 -10.94
C MET B 366 22.49 7.53 -10.33
N ALA B 367 23.44 6.68 -9.98
CA ALA B 367 23.20 5.41 -9.29
C ALA B 367 22.93 5.66 -7.83
N THR B 368 22.00 4.87 -7.28
CA THR B 368 21.45 5.11 -5.97
C THR B 368 21.76 3.93 -5.07
N ASP B 369 21.96 2.77 -5.70
CA ASP B 369 22.26 1.52 -4.98
C ASP B 369 22.86 0.52 -5.98
N LEU B 370 23.31 -0.60 -5.46
CA LEU B 370 24.03 -1.58 -6.23
C LEU B 370 23.29 -2.08 -7.45
N ARG B 371 22.09 -2.63 -7.28
CA ARG B 371 21.45 -3.20 -8.48
C ARG B 371 20.93 -2.15 -9.44
N ALA B 372 20.63 -0.96 -8.89
CA ALA B 372 20.27 0.18 -9.70
C ALA B 372 21.43 0.66 -10.50
N SER B 373 22.62 0.67 -9.88
CA SER B 373 23.80 1.17 -10.58
C SER B 373 24.00 0.33 -11.79
N ALA B 374 23.94 -0.99 -11.61
CA ALA B 374 24.12 -1.96 -12.69
C ALA B 374 23.12 -1.80 -13.85
N SER B 375 21.88 -1.51 -13.51
CA SER B 375 20.84 -1.32 -14.50
C SER B 375 21.06 -0.06 -15.31
N LEU B 376 21.56 1.00 -14.67
CA LEU B 376 21.89 2.22 -15.43
C LEU B 376 23.06 2.03 -16.36
N VAL B 377 23.99 1.17 -15.97
CA VAL B 377 25.15 0.85 -16.82
C VAL B 377 24.67 0.03 -18.05
N LEU B 378 23.81 -0.95 -17.82
CA LEU B 378 23.07 -1.66 -18.88
C LEU B 378 22.24 -0.72 -19.76
N ALA B 379 21.47 0.16 -19.13
CA ALA B 379 20.73 1.18 -19.87
C ALA B 379 21.69 1.98 -20.78
N GLY B 380 22.81 2.41 -20.20
CA GLY B 380 23.90 3.00 -20.96
C GLY B 380 24.33 2.30 -22.26
N CYS B 381 24.46 0.96 -22.20
CA CYS B 381 24.98 0.13 -23.29
C CYS B 381 24.06 0.15 -24.48
N ILE B 382 22.77 0.15 -24.18
CA ILE B 382 21.72 0.09 -25.19
C ILE B 382 21.07 1.44 -25.55
N ALA B 383 21.30 2.46 -24.72
CA ALA B 383 20.75 3.81 -24.99
C ALA B 383 21.42 4.36 -26.20
N GLU B 384 20.80 5.29 -26.89
CA GLU B 384 21.52 5.96 -27.97
C GLU B 384 22.23 7.19 -27.44
N GLY B 385 23.49 7.32 -27.83
CA GLY B 385 24.32 8.43 -27.40
C GLY B 385 25.21 8.05 -26.25
N THR B 386 25.39 9.00 -25.33
CA THR B 386 26.34 8.86 -24.23
C THR B 386 25.66 8.97 -22.87
N THR B 387 25.92 7.98 -22.03
CA THR B 387 25.37 7.92 -20.71
C THR B 387 26.56 8.03 -19.82
N VAL B 388 26.37 8.79 -18.76
CA VAL B 388 27.38 8.91 -17.72
C VAL B 388 26.64 8.50 -16.45
N VAL B 389 27.04 7.38 -15.88
CA VAL B 389 26.45 6.92 -14.64
C VAL B 389 27.41 7.36 -13.58
N ASP B 390 26.86 8.15 -12.65
CA ASP B 390 27.60 8.64 -11.50
C ASP B 390 27.30 7.79 -10.25
N ARG B 391 28.16 7.91 -9.24
CA ARG B 391 28.12 7.17 -7.98
C ARG B 391 28.19 5.68 -8.22
N ILE B 392 29.14 5.32 -9.08
CA ILE B 392 29.40 3.96 -9.52
C ILE B 392 30.09 3.17 -8.44
N TYR B 393 30.41 3.83 -7.33
CA TYR B 393 30.84 3.13 -6.16
C TYR B 393 29.85 2.07 -5.77
N HIS B 394 28.56 2.30 -6.01
CA HIS B 394 27.57 1.25 -5.77
C HIS B 394 27.87 -0.06 -6.48
N ILE B 395 28.27 0.04 -7.74
CA ILE B 395 28.54 -1.18 -8.50
C ILE B 395 29.72 -1.98 -7.95
N ASP B 396 30.77 -1.29 -7.52
CA ASP B 396 31.97 -1.95 -7.06
C ASP B 396 31.77 -2.78 -5.81
N ARG B 397 30.63 -2.59 -5.16
CA ARG B 397 30.30 -3.35 -3.95
C ARG B 397 29.94 -4.79 -4.24
N GLY B 398 29.28 -5.02 -5.38
CA GLY B 398 28.71 -6.30 -5.63
C GLY B 398 28.99 -6.86 -7.01
N TYR B 399 29.66 -6.09 -7.86
CA TYR B 399 30.20 -6.64 -9.11
C TYR B 399 31.72 -6.57 -9.14
N GLU B 400 32.36 -7.69 -9.54
CA GLU B 400 33.79 -7.76 -9.80
C GLU B 400 33.94 -7.50 -11.27
N ARG B 401 34.67 -6.45 -11.62
CA ARG B 401 35.12 -6.19 -13.00
C ARG B 401 33.98 -6.12 -13.99
N ILE B 402 32.83 -5.52 -13.60
CA ILE B 402 31.70 -5.53 -14.54
C ILE B 402 32.09 -4.79 -15.81
N GLU B 403 33.05 -3.87 -15.72
CA GLU B 403 33.46 -3.08 -16.87
C GLU B 403 34.25 -3.93 -17.87
N ASP B 404 35.09 -4.83 -17.37
CA ASP B 404 35.84 -5.70 -18.26
C ASP B 404 34.84 -6.74 -18.77
N LYS B 405 33.98 -7.27 -17.90
CA LYS B 405 32.99 -8.25 -18.36
C LYS B 405 32.08 -7.71 -19.45
N LEU B 406 31.59 -6.47 -19.29
CA LEU B 406 30.76 -5.82 -20.31
C LEU B 406 31.50 -5.48 -21.55
N ARG B 407 32.76 -5.05 -21.43
CA ARG B 407 33.56 -4.76 -22.63
C ARG B 407 33.76 -6.01 -23.50
N ALA B 408 34.09 -7.12 -22.85
CA ALA B 408 34.21 -8.40 -23.54
C ALA B 408 32.92 -8.81 -24.29
N LEU B 409 31.79 -8.23 -23.90
CA LEU B 409 30.52 -8.45 -24.61
C LEU B 409 30.33 -7.39 -25.74
N GLY B 410 31.30 -6.48 -25.84
CA GLY B 410 31.26 -5.45 -26.86
C GLY B 410 30.84 -4.07 -26.37
N ALA B 411 30.69 -3.88 -25.06
CA ALA B 411 30.29 -2.55 -24.60
C ALA B 411 31.42 -1.53 -24.67
N ASN B 412 31.04 -0.28 -24.96
CA ASN B 412 31.98 0.83 -24.95
C ASN B 412 31.86 1.55 -23.61
N ILE B 413 32.69 1.17 -22.64
CA ILE B 413 32.63 1.73 -21.27
C ILE B 413 34.00 2.26 -20.87
N GLU B 414 34.05 3.47 -20.28
CA GLU B 414 35.26 4.04 -19.68
C GLU B 414 34.95 4.50 -18.25
N ARG B 415 35.81 4.12 -17.29
CA ARG B 415 35.74 4.67 -15.95
C ARG B 415 36.36 6.06 -15.95
N VAL B 416 35.64 7.01 -15.35
CA VAL B 416 35.94 8.44 -15.48
C VAL B 416 35.83 9.15 -14.13
N LYS B 417 36.56 10.25 -13.97
CA LYS B 417 36.41 11.15 -12.82
C LYS B 417 35.15 12.05 -12.97
N GLY B 418 34.92 12.56 -14.18
CA GLY B 418 33.90 13.58 -14.46
C GLY B 418 34.10 14.87 -13.66
N MET C 1 -34.92 -11.36 -4.76
CA MET C 1 -33.86 -10.37 -5.15
C MET C 1 -34.02 -10.00 -6.64
N ASP C 2 -34.45 -8.77 -6.92
CA ASP C 2 -34.59 -8.26 -8.29
C ASP C 2 -33.24 -8.27 -9.02
N LYS C 3 -33.29 -8.45 -10.34
CA LYS C 3 -32.09 -8.36 -11.19
C LYS C 3 -32.38 -7.54 -12.44
N PHE C 4 -31.32 -7.05 -13.11
CA PHE C 4 -31.47 -6.47 -14.47
C PHE C 4 -30.95 -7.43 -15.52
N ARG C 5 -31.81 -7.73 -16.50
CA ARG C 5 -31.40 -8.46 -17.69
C ARG C 5 -31.13 -7.40 -18.73
N VAL C 6 -29.86 -7.26 -19.09
CA VAL C 6 -29.46 -6.19 -19.99
C VAL C 6 -29.02 -6.90 -21.24
N GLN C 7 -29.38 -6.34 -22.39
CA GLN C 7 -29.09 -6.94 -23.69
C GLN C 7 -28.18 -5.99 -24.45
N GLY C 8 -27.07 -6.51 -24.99
CA GLY C 8 -26.13 -5.69 -25.79
C GLY C 8 -25.70 -6.39 -27.08
N PRO C 9 -25.05 -5.64 -28.00
CA PRO C 9 -24.63 -4.26 -27.86
C PRO C 9 -25.75 -3.28 -28.17
N THR C 10 -25.56 -2.05 -27.71
CA THR C 10 -26.55 -1.01 -27.88
C THR C 10 -25.78 0.31 -27.78
N LYS C 11 -26.04 1.24 -28.69
CA LYS C 11 -25.43 2.57 -28.58
C LYS C 11 -26.31 3.42 -27.69
N LEU C 12 -25.75 3.97 -26.61
CA LEU C 12 -26.50 4.87 -25.74
C LEU C 12 -26.47 6.30 -26.26
N GLN C 13 -27.63 6.89 -26.50
CA GLN C 13 -27.70 8.22 -27.09
C GLN C 13 -29.00 8.93 -26.82
N GLY C 14 -28.92 10.23 -26.59
CA GLY C 14 -30.10 11.05 -26.62
C GLY C 14 -30.00 12.01 -25.48
N GLU C 15 -31.00 11.93 -24.60
CA GLU C 15 -31.21 12.92 -23.58
C GLU C 15 -31.64 12.31 -22.24
N VAL C 16 -31.13 12.88 -21.16
CA VAL C 16 -31.46 12.43 -19.80
C VAL C 16 -31.59 13.67 -18.92
N THR C 17 -32.55 13.64 -17.98
CA THR C 17 -32.73 14.68 -16.97
C THR C 17 -32.21 14.22 -15.62
N ILE C 18 -31.22 14.96 -15.11
CA ILE C 18 -30.52 14.60 -13.91
C ILE C 18 -31.40 14.92 -12.72
N SER C 19 -31.48 13.95 -11.83
CA SER C 19 -32.23 14.07 -10.59
C SER C 19 -31.38 14.76 -9.58
N GLY C 20 -32.01 15.15 -8.47
CA GLY C 20 -31.29 15.75 -7.34
C GLY C 20 -30.24 14.85 -6.76
N ALA C 21 -29.14 15.44 -6.28
CA ALA C 21 -28.13 14.68 -5.61
C ALA C 21 -28.63 13.86 -4.45
N LYS C 22 -28.52 12.53 -4.55
CA LYS C 22 -28.74 11.67 -3.42
C LYS C 22 -27.92 12.22 -2.20
N ASN C 23 -26.70 12.61 -2.46
CA ASN C 23 -25.73 12.92 -1.38
C ASN C 23 -25.80 14.36 -0.87
N ALA C 24 -26.71 15.14 -1.45
CA ALA C 24 -27.12 16.41 -0.82
C ALA C 24 -28.46 16.17 -0.14
N ALA C 25 -29.34 15.44 -0.79
CA ALA C 25 -30.64 15.18 -0.17
C ALA C 25 -30.50 14.53 1.24
N LEU C 26 -29.60 13.54 1.36
CA LEU C 26 -29.43 12.84 2.64
C LEU C 26 -28.93 13.70 3.77
N PRO C 27 -27.81 14.43 3.60
CA PRO C 27 -27.39 15.26 4.70
C PRO C 27 -28.39 16.40 5.04
N ILE C 28 -29.05 16.93 4.04
CA ILE C 28 -30.06 17.94 4.31
C ILE C 28 -31.25 17.34 5.08
N LEU C 29 -31.66 16.13 4.71
CA LEU C 29 -32.73 15.43 5.45
C LEU C 29 -32.43 15.34 6.95
N PHE C 30 -31.24 14.90 7.30
CA PHE C 30 -30.86 14.85 8.73
C PHE C 30 -30.71 16.23 9.37
N ALA C 31 -30.24 17.20 8.59
CA ALA C 31 -30.06 18.60 9.04
C ALA C 31 -31.39 19.25 9.36
N ALA C 32 -32.42 18.86 8.62
CA ALA C 32 -33.79 19.23 8.96
C ALA C 32 -34.18 18.85 10.40
N LEU C 33 -33.44 17.95 11.05
CA LEU C 33 -33.72 17.64 12.47
C LEU C 33 -33.39 18.83 13.37
N LEU C 34 -32.64 19.78 12.82
CA LEU C 34 -32.33 21.01 13.53
C LEU C 34 -33.45 22.03 13.47
N ALA C 35 -34.24 21.98 12.39
CA ALA C 35 -35.36 22.88 12.13
C ALA C 35 -36.55 22.79 13.13
N GLU C 36 -37.02 23.97 13.54
CA GLU C 36 -38.11 24.11 14.48
C GLU C 36 -39.33 24.71 13.81
N GLU C 37 -39.23 24.80 12.48
CA GLU C 37 -40.37 25.12 11.65
C GLU C 37 -40.39 24.15 10.44
N PRO C 38 -41.58 23.88 9.86
CA PRO C 38 -41.65 23.01 8.67
C PRO C 38 -40.64 23.34 7.57
N VAL C 39 -40.28 22.32 6.80
CA VAL C 39 -39.22 22.38 5.82
C VAL C 39 -39.66 21.63 4.56
N GLU C 40 -39.43 22.24 3.40
CA GLU C 40 -39.62 21.61 2.12
C GLU C 40 -38.26 21.52 1.43
N ILE C 41 -37.87 20.30 1.10
CA ILE C 41 -36.71 20.06 0.31
C ILE C 41 -37.15 19.58 -1.08
N GLN C 42 -36.85 20.41 -2.06
CA GLN C 42 -37.25 20.20 -3.44
C GLN C 42 -36.19 19.47 -4.30
N ASN C 43 -36.66 18.82 -5.35
CA ASN C 43 -35.82 18.09 -6.28
C ASN C 43 -35.15 16.92 -5.56
N VAL C 44 -35.89 16.27 -4.67
CA VAL C 44 -35.35 15.12 -3.96
C VAL C 44 -35.60 13.86 -4.80
N PRO C 45 -34.53 13.11 -5.10
CA PRO C 45 -34.77 11.93 -5.92
C PRO C 45 -35.52 10.85 -5.14
N LYS C 46 -36.36 10.10 -5.84
CA LYS C 46 -37.05 8.95 -5.28
C LYS C 46 -36.10 7.77 -5.32
N LEU C 47 -35.48 7.55 -4.17
CA LEU C 47 -34.39 6.61 -4.01
C LEU C 47 -34.68 5.89 -2.73
N LYS C 48 -34.11 4.70 -2.58
CA LYS C 48 -34.30 3.89 -1.38
C LYS C 48 -33.76 4.55 -0.12
N ASP C 49 -32.58 5.18 -0.20
CA ASP C 49 -31.92 5.78 0.96
C ASP C 49 -32.68 6.99 1.49
N VAL C 50 -33.35 7.68 0.58
CA VAL C 50 -34.29 8.74 0.96
C VAL C 50 -35.44 8.15 1.78
N ASP C 51 -36.04 7.07 1.27
CA ASP C 51 -37.09 6.33 1.98
C ASP C 51 -36.61 5.95 3.39
N THR C 52 -35.40 5.40 3.48
CA THR C 52 -34.82 5.01 4.79
C THR C 52 -34.71 6.22 5.73
N SER C 53 -34.22 7.34 5.19
CA SER C 53 -34.11 8.60 5.92
C SER C 53 -35.45 8.99 6.42
N MET C 54 -36.43 8.94 5.53
CA MET C 54 -37.79 9.24 5.92
C MET C 54 -38.27 8.35 7.06
N LYS C 55 -38.10 7.03 6.94
CA LYS C 55 -38.45 6.11 8.06
C LYS C 55 -37.81 6.56 9.37
N LEU C 56 -36.50 6.83 9.35
CA LEU C 56 -35.80 7.18 10.57
C LEU C 56 -36.22 8.55 11.10
N LEU C 57 -36.44 9.49 10.19
CA LEU C 57 -36.95 10.79 10.60
C LEU C 57 -38.29 10.61 11.35
N SER C 58 -39.23 9.87 10.74
CA SER C 58 -40.54 9.55 11.33
C SER C 58 -40.43 8.82 12.66
N GLN C 59 -39.44 7.93 12.75
CA GLN C 59 -39.18 7.19 13.98
C GLN C 59 -38.58 8.05 15.11
N LEU C 60 -38.04 9.21 14.75
CA LEU C 60 -37.57 10.14 15.77
C LEU C 60 -38.70 11.09 16.19
N GLY C 61 -39.83 10.93 15.49
CA GLY C 61 -41.01 11.71 15.72
C GLY C 61 -41.22 12.93 14.84
N ALA C 62 -40.44 13.08 13.77
CA ALA C 62 -40.79 14.11 12.80
C ALA C 62 -41.97 13.65 11.92
N LYS C 63 -42.66 14.60 11.32
CA LYS C 63 -43.79 14.32 10.46
C LYS C 63 -43.16 14.48 9.09
N VAL C 64 -43.38 13.52 8.19
CA VAL C 64 -42.61 13.52 6.94
C VAL C 64 -43.44 13.05 5.76
N GLU C 65 -43.39 13.81 4.68
CA GLU C 65 -44.15 13.46 3.51
C GLU C 65 -43.39 13.79 2.25
N ARG C 66 -43.79 13.16 1.15
CA ARG C 66 -43.20 13.39 -0.15
C ARG C 66 -44.13 12.72 -1.13
N GLY C 68 -41.96 15.67 -6.18
CA GLY C 68 -40.56 16.21 -6.24
C GLY C 68 -39.98 16.38 -4.85
N SER C 69 -40.79 16.87 -3.92
CA SER C 69 -40.30 17.42 -2.67
C SER C 69 -40.52 16.48 -1.48
N VAL C 70 -39.64 16.60 -0.47
CA VAL C 70 -39.83 15.93 0.81
C VAL C 70 -40.12 17.02 1.83
N HIS C 71 -41.21 16.89 2.56
CA HIS C 71 -41.58 17.86 3.57
C HIS C 71 -41.27 17.27 4.95
N ILE C 72 -40.60 18.04 5.77
CA ILE C 72 -40.26 17.59 7.09
C ILE C 72 -40.74 18.60 8.10
N ASP C 73 -41.33 18.11 9.18
CA ASP C 73 -41.59 18.96 10.30
C ASP C 73 -41.04 18.32 11.55
N ALA C 74 -39.88 18.77 11.98
CA ALA C 74 -39.19 18.18 13.09
C ALA C 74 -39.53 18.86 14.39
N ARG C 75 -40.62 19.65 14.40
CA ARG C 75 -40.99 20.38 15.62
C ARG C 75 -41.16 19.44 16.81
N ASP C 76 -41.81 18.31 16.56
CA ASP C 76 -42.20 17.40 17.61
C ASP C 76 -41.26 16.19 17.72
N VAL C 77 -40.00 16.33 17.32
CA VAL C 77 -39.07 15.22 17.48
C VAL C 77 -38.98 14.89 18.97
N ASN C 78 -39.16 13.61 19.32
CA ASN C 78 -39.17 13.20 20.73
C ASN C 78 -38.56 11.84 21.03
N VAL C 79 -37.94 11.25 20.02
CA VAL C 79 -37.16 10.03 20.19
C VAL C 79 -35.76 10.34 19.62
N PHE C 80 -34.71 9.95 20.35
CA PHE C 80 -33.37 10.39 20.00
C PHE C 80 -32.44 9.24 19.79
N CYS C 81 -33.03 8.09 19.48
CA CYS C 81 -32.25 6.93 19.13
C CYS C 81 -32.48 6.54 17.68
N ALA C 82 -31.41 6.54 16.89
CA ALA C 82 -31.37 5.88 15.59
C ALA C 82 -31.00 4.40 15.73
N PRO C 83 -31.97 3.50 15.51
CA PRO C 83 -31.79 2.10 15.95
C PRO C 83 -31.01 1.25 14.96
N TYR C 84 -30.51 0.11 15.42
CA TYR C 84 -29.67 -0.74 14.59
C TYR C 84 -30.34 -1.16 13.27
N ASP C 85 -31.62 -1.54 13.33
CA ASP C 85 -32.33 -1.96 12.09
C ASP C 85 -32.26 -0.93 10.98
N LEU C 86 -32.25 0.35 11.34
CA LEU C 86 -32.12 1.42 10.34
C LEU C 86 -30.69 1.69 9.90
N VAL C 87 -29.83 2.02 10.85
CA VAL C 87 -28.44 2.35 10.54
C VAL C 87 -27.85 1.26 9.69
N LYS C 88 -28.11 0.01 10.03
CA LYS C 88 -27.40 -0.99 9.27
C LYS C 88 -27.84 -1.08 7.79
N THR C 89 -29.00 -0.50 7.47
CA THR C 89 -29.46 -0.44 6.07
C THR C 89 -28.94 0.83 5.39
N MET C 90 -28.57 1.84 6.18
CA MET C 90 -27.71 2.92 5.67
C MET C 90 -26.95 3.68 6.77
N ARG C 91 -25.64 3.72 6.56
CA ARG C 91 -24.73 4.20 7.57
C ARG C 91 -24.77 5.74 7.65
N ALA C 92 -25.20 6.37 6.55
CA ALA C 92 -25.53 7.80 6.51
C ALA C 92 -26.38 8.28 7.67
N SER C 93 -27.25 7.40 8.17
CA SER C 93 -27.92 7.55 9.47
C SER C 93 -27.09 8.13 10.61
N ILE C 94 -25.78 7.95 10.56
CA ILE C 94 -24.92 8.58 11.57
C ILE C 94 -25.18 10.11 11.62
N TRP C 95 -25.68 10.69 10.54
CA TRP C 95 -25.99 12.11 10.49
C TRP C 95 -27.13 12.70 11.38
N ALA C 96 -27.95 11.84 11.97
CA ALA C 96 -28.94 12.18 13.00
C ALA C 96 -28.29 12.59 14.30
N LEU C 97 -27.04 12.16 14.48
CA LEU C 97 -26.34 12.30 15.75
C LEU C 97 -26.05 13.77 16.14
N GLY C 98 -25.44 14.52 15.24
CA GLY C 98 -25.10 15.95 15.44
C GLY C 98 -26.32 16.82 15.69
N PRO C 99 -27.28 16.81 14.75
CA PRO C 99 -28.59 17.39 15.04
C PRO C 99 -29.18 17.08 16.44
N LEU C 100 -29.27 15.81 16.82
CA LEU C 100 -29.94 15.46 18.07
C LEU C 100 -29.18 16.03 19.23
N VAL C 101 -27.87 15.77 19.27
CA VAL C 101 -26.98 16.38 20.28
C VAL C 101 -27.06 17.91 20.37
N ALA C 102 -27.19 18.58 19.23
CA ALA C 102 -27.03 20.01 19.17
C ALA C 102 -28.30 20.70 19.60
N ARG C 103 -29.43 20.10 19.20
CA ARG C 103 -30.74 20.69 19.45
C ARG C 103 -31.26 20.13 20.78
N PHE C 104 -30.99 18.86 21.06
CA PHE C 104 -31.59 18.25 22.26
C PHE C 104 -30.62 17.97 23.41
N GLY C 105 -29.34 18.17 23.19
CA GLY C 105 -28.35 17.91 24.23
C GLY C 105 -28.12 16.43 24.42
N GLN C 106 -28.80 15.59 23.63
CA GLN C 106 -28.64 14.11 23.62
C GLN C 106 -28.95 13.46 22.25
N GLY C 107 -28.38 12.28 22.01
CA GLY C 107 -28.50 11.58 20.73
C GLY C 107 -27.86 10.21 20.88
N GLN C 108 -28.50 9.18 20.34
CA GLN C 108 -27.91 7.84 20.28
C GLN C 108 -28.03 7.34 18.86
N VAL C 109 -26.92 6.91 18.28
CA VAL C 109 -26.96 6.27 16.97
C VAL C 109 -26.12 4.98 16.98
N SER C 110 -26.69 3.92 16.40
CA SER C 110 -26.03 2.64 16.28
C SER C 110 -24.71 2.86 15.56
N LEU C 111 -23.59 2.40 16.16
CA LEU C 111 -22.28 2.48 15.51
C LEU C 111 -22.30 1.68 14.23
N PRO C 112 -22.14 2.35 13.09
CA PRO C 112 -22.04 1.53 11.87
C PRO C 112 -20.98 0.43 11.97
N GLY C 113 -21.35 -0.76 11.50
CA GLY C 113 -20.42 -1.86 11.33
C GLY C 113 -19.68 -1.63 10.03
N GLY C 114 -19.05 -2.66 9.47
CA GLY C 114 -18.20 -2.43 8.31
C GLY C 114 -19.03 -2.31 7.05
N CYS C 115 -18.35 -2.01 5.95
CA CYS C 115 -19.01 -1.79 4.69
C CYS C 115 -18.32 -2.54 3.55
N THR C 116 -19.09 -2.88 2.52
CA THR C 116 -18.46 -3.63 1.42
C THR C 116 -17.23 -2.90 0.88
N ILE C 117 -17.32 -1.58 0.71
CA ILE C 117 -16.27 -0.81 0.01
C ILE C 117 -15.13 -0.33 0.91
N GLY C 118 -15.35 -0.36 2.22
CA GLY C 118 -14.26 -0.08 3.14
C GLY C 118 -14.77 -0.13 4.55
N ALA C 119 -13.86 0.00 5.51
CA ALA C 119 -14.21 -0.09 6.94
C ALA C 119 -15.17 1.00 7.34
N ARG C 120 -14.89 2.20 6.81
CA ARG C 120 -15.65 3.44 7.02
C ARG C 120 -15.98 3.75 8.48
N PRO C 121 -14.94 4.05 9.29
CA PRO C 121 -15.18 4.40 10.67
C PRO C 121 -15.74 5.82 10.73
N VAL C 122 -16.26 6.20 11.88
CA VAL C 122 -16.89 7.47 12.08
C VAL C 122 -16.15 8.21 13.23
N ASP C 123 -14.87 7.85 13.45
CA ASP C 123 -14.05 8.47 14.51
C ASP C 123 -14.06 9.99 14.42
N LEU C 124 -14.11 10.50 13.20
CA LEU C 124 -13.97 11.94 12.98
C LEU C 124 -15.27 12.64 13.30
N HIS C 125 -16.39 11.96 13.13
CA HIS C 125 -17.68 12.52 13.51
C HIS C 125 -17.67 12.61 15.01
N ILE C 126 -17.27 11.51 15.64
CA ILE C 126 -17.26 11.45 17.09
C ILE C 126 -16.30 12.48 17.72
N SER C 127 -15.05 12.49 17.29
CA SER C 127 -14.08 13.47 17.80
C SER C 127 -14.47 14.92 17.49
N GLY C 128 -15.09 15.15 16.33
CA GLY C 128 -15.58 16.49 16.00
C GLY C 128 -16.61 16.98 17.02
N LEU C 129 -17.56 16.11 17.34
CA LEU C 129 -18.61 16.38 18.32
C LEU C 129 -18.05 16.47 19.72
N GLU C 130 -16.98 15.73 19.96
CA GLU C 130 -16.34 15.80 21.26
C GLU C 130 -15.77 17.18 21.44
N GLN C 131 -15.16 17.68 20.37
CA GLN C 131 -14.51 18.98 20.40
C GLN C 131 -15.56 20.09 20.51
N LEU C 132 -16.80 19.81 20.13
CA LEU C 132 -17.87 20.79 20.34
C LEU C 132 -18.45 20.74 21.74
N GLY C 133 -17.85 19.94 22.62
CA GLY C 133 -18.28 19.85 24.01
C GLY C 133 -19.10 18.62 24.36
N ALA C 134 -19.29 17.72 23.41
CA ALA C 134 -20.02 16.49 23.69
C ALA C 134 -19.19 15.45 24.43
N THR C 135 -19.86 14.79 25.36
CA THR C 135 -19.39 13.51 25.87
C THR C 135 -20.04 12.40 25.09
N ILE C 136 -19.22 11.45 24.67
CA ILE C 136 -19.67 10.34 23.88
C ILE C 136 -19.17 9.01 24.43
N LYS C 137 -20.07 8.06 24.54
CA LYS C 137 -19.72 6.73 24.95
C LYS C 137 -20.33 5.72 23.99
N LEU C 138 -19.74 4.53 23.95
CA LEU C 138 -20.29 3.43 23.16
C LEU C 138 -20.82 2.40 24.11
N GLU C 139 -22.13 2.25 24.15
CA GLU C 139 -22.73 1.31 25.06
C GLU C 139 -23.65 0.45 24.27
N GLU C 140 -23.33 -0.84 24.18
CA GLU C 140 -24.19 -1.85 23.60
C GLU C 140 -24.30 -1.68 22.10
N GLY C 141 -23.25 -1.15 21.51
CA GLY C 141 -23.22 -0.95 20.06
C GLY C 141 -23.84 0.36 19.64
N TYR C 142 -24.25 1.18 20.61
CA TYR C 142 -24.85 2.51 20.37
C TYR C 142 -23.91 3.63 20.70
N VAL C 143 -23.76 4.55 19.77
CA VAL C 143 -22.97 5.75 20.00
C VAL C 143 -23.85 6.78 20.73
N LYS C 144 -23.58 6.96 22.02
CA LYS C 144 -24.36 7.86 22.84
C LYS C 144 -23.63 9.18 23.06
N ALA C 145 -24.28 10.26 22.69
CA ALA C 145 -23.75 11.59 22.89
C ALA C 145 -24.64 12.36 23.87
N SER C 146 -24.02 13.30 24.58
CA SER C 146 -24.75 14.24 25.45
C SER C 146 -23.87 15.41 25.81
N VAL C 147 -24.50 16.56 26.04
CA VAL C 147 -23.81 17.74 26.50
C VAL C 147 -24.63 18.39 27.61
N ASP C 148 -23.92 19.02 28.55
CA ASP C 148 -24.52 19.96 29.48
C ASP C 148 -24.98 21.22 28.76
N GLY C 149 -26.24 21.25 28.35
CA GLY C 149 -26.82 22.41 27.68
C GLY C 149 -26.39 22.47 26.23
N ARG C 150 -25.81 23.61 25.86
CA ARG C 150 -25.40 23.89 24.47
C ARG C 150 -24.01 23.40 24.13
N LEU C 151 -23.83 22.99 22.88
CA LEU C 151 -22.51 22.77 22.36
C LEU C 151 -21.82 24.12 22.32
N LYS C 152 -20.50 24.07 22.28
CA LYS C 152 -19.67 25.26 22.32
C LYS C 152 -18.78 25.24 21.08
N GLY C 153 -18.81 26.35 20.34
CA GLY C 153 -18.01 26.46 19.13
C GLY C 153 -16.55 26.17 19.41
N ALA C 154 -15.85 25.60 18.44
CA ALA C 154 -14.42 25.34 18.60
C ALA C 154 -13.68 25.42 17.26
N HIS C 155 -12.36 25.59 17.32
CA HIS C 155 -11.52 25.55 16.17
C HIS C 155 -11.17 24.10 15.98
N ILE C 156 -11.64 23.50 14.88
CA ILE C 156 -11.44 22.10 14.63
C ILE C 156 -10.61 21.93 13.35
N VAL C 157 -9.48 21.25 13.49
CA VAL C 157 -8.60 20.95 12.38
C VAL C 157 -8.79 19.47 12.10
N MET C 158 -9.39 19.17 10.94
CA MET C 158 -9.73 17.80 10.66
C MET C 158 -8.52 17.01 10.24
N ASP C 159 -8.39 15.79 10.80
CA ASP C 159 -7.21 14.98 10.59
C ASP C 159 -7.15 14.41 9.19
N LYS C 160 -8.32 14.16 8.64
CA LYS C 160 -8.35 13.87 7.24
C LYS C 160 -9.62 14.39 6.65
N VAL C 161 -9.68 14.39 5.34
CA VAL C 161 -10.83 14.90 4.66
C VAL C 161 -11.97 13.88 4.77
N SER C 162 -13.10 14.37 5.23
CA SER C 162 -14.30 13.53 5.36
C SER C 162 -15.49 14.37 5.07
N VAL C 163 -16.18 14.02 3.99
CA VAL C 163 -17.49 14.57 3.70
C VAL C 163 -18.45 14.43 4.87
N GLY C 164 -18.56 13.22 5.40
CA GLY C 164 -19.58 12.96 6.38
C GLY C 164 -19.29 13.64 7.67
N ALA C 165 -18.01 13.62 8.10
CA ALA C 165 -17.65 14.32 9.37
C ALA C 165 -17.80 15.85 9.29
N THR C 166 -17.50 16.40 8.11
CA THR C 166 -17.64 17.83 7.85
C THR C 166 -19.12 18.17 8.04
N VAL C 167 -20.02 17.40 7.44
CA VAL C 167 -21.46 17.64 7.63
C VAL C 167 -21.88 17.55 9.08
N THR C 168 -21.53 16.46 9.76
CA THR C 168 -21.83 16.30 11.17
C THR C 168 -21.44 17.54 11.97
N ILE C 169 -20.20 17.98 11.81
CA ILE C 169 -19.69 19.02 12.67
C ILE C 169 -20.31 20.34 12.28
N MET C 170 -20.47 20.55 10.97
CA MET C 170 -21.09 21.78 10.50
C MET C 170 -22.54 21.93 11.00
N CYS C 171 -23.32 20.85 10.94
CA CYS C 171 -24.72 20.95 11.32
C CYS C 171 -24.86 21.19 12.82
N ALA C 172 -24.01 20.52 13.58
CA ALA C 172 -24.05 20.66 15.03
C ALA C 172 -23.59 22.05 15.43
N ALA C 173 -22.56 22.56 14.76
CA ALA C 173 -22.01 23.86 15.11
C ALA C 173 -23.04 24.99 14.94
N THR C 174 -24.09 24.77 14.19
CA THR C 174 -25.11 25.82 13.95
C THR C 174 -25.92 26.21 15.19
N LEU C 175 -25.91 25.38 16.23
CA LEU C 175 -26.69 25.66 17.46
C LEU C 175 -25.81 25.76 18.67
N ALA C 176 -24.50 25.75 18.44
CA ALA C 176 -23.53 25.88 19.51
C ALA C 176 -23.45 27.32 19.97
N GLU C 177 -22.88 27.54 21.16
CA GLU C 177 -22.42 28.84 21.59
C GLU C 177 -21.09 29.20 20.91
N GLY C 178 -21.11 30.29 20.14
CA GLY C 178 -19.89 30.83 19.52
C GLY C 178 -19.60 30.36 18.11
N THR C 179 -18.34 30.60 17.72
CA THR C 179 -17.79 30.35 16.38
C THR C 179 -17.12 28.99 16.32
N THR C 180 -17.47 28.21 15.29
CA THR C 180 -16.72 26.99 14.96
C THR C 180 -15.98 27.20 13.65
N ILE C 181 -14.70 26.81 13.63
CA ILE C 181 -13.94 26.78 12.41
C ILE C 181 -13.61 25.35 12.12
N ILE C 182 -13.95 24.88 10.92
CA ILE C 182 -13.56 23.54 10.51
C ILE C 182 -12.48 23.72 9.47
N GLU C 183 -11.24 23.39 9.84
CA GLU C 183 -10.14 23.47 8.89
C GLU C 183 -9.93 22.08 8.31
N ASN C 184 -9.51 22.05 7.05
CA ASN C 184 -9.39 20.83 6.28
C ASN C 184 -10.76 20.13 6.13
N ALA C 185 -11.77 20.99 5.93
CA ALA C 185 -13.11 20.58 5.63
C ALA C 185 -13.12 20.03 4.21
N ALA C 186 -13.95 19.02 4.00
CA ALA C 186 -14.32 18.56 2.68
C ALA C 186 -14.94 19.69 1.87
N ARG C 187 -14.74 19.72 0.57
CA ARG C 187 -15.22 20.81 -0.22
C ARG C 187 -16.28 20.37 -1.18
N GLU C 188 -16.79 19.14 -1.03
CA GLU C 188 -17.82 18.58 -1.94
C GLU C 188 -18.97 19.55 -2.16
N PRO C 189 -19.49 19.65 -3.39
CA PRO C 189 -20.67 20.50 -3.66
C PRO C 189 -21.84 20.21 -2.73
N GLU C 190 -21.91 19.00 -2.19
CA GLU C 190 -23.02 18.62 -1.31
C GLU C 190 -22.90 19.25 0.05
N ILE C 191 -21.65 19.61 0.40
CA ILE C 191 -21.39 20.37 1.62
C ILE C 191 -21.79 21.83 1.42
N VAL C 192 -21.52 22.37 0.24
CA VAL C 192 -22.02 23.71 -0.15
C VAL C 192 -23.55 23.70 -0.08
N ASP C 193 -24.14 22.64 -0.60
CA ASP C 193 -25.59 22.52 -0.64
C ASP C 193 -26.22 22.46 0.75
N THR C 194 -25.60 21.66 1.62
CA THR C 194 -26.07 21.48 3.00
C THR C 194 -25.93 22.79 3.77
N ALA C 195 -24.80 23.49 3.58
CA ALA C 195 -24.56 24.75 4.27
C ALA C 195 -25.54 25.79 3.81
N ASN C 196 -25.85 25.79 2.53
CA ASN C 196 -26.82 26.74 2.01
C ASN C 196 -28.23 26.45 2.47
N PHE C 197 -28.55 25.18 2.64
CA PHE C 197 -29.82 24.77 3.22
C PHE C 197 -29.87 25.23 4.70
N LEU C 198 -28.78 25.03 5.43
CA LEU C 198 -28.72 25.52 6.81
C LEU C 198 -28.85 27.03 6.84
N ILE C 199 -28.22 27.73 5.90
CA ILE C 199 -28.34 29.21 5.88
C ILE C 199 -29.80 29.58 5.74
N THR C 200 -30.54 28.84 4.91
CA THR C 200 -31.95 29.10 4.66
C THR C 200 -32.77 28.99 5.96
N LEU C 201 -32.32 28.15 6.87
CA LEU C 201 -33.03 27.96 8.13
C LEU C 201 -32.70 29.04 9.12
N GLY C 202 -31.61 29.79 8.85
CA GLY C 202 -31.13 30.89 9.71
C GLY C 202 -29.74 30.74 10.33
N ALA C 203 -28.98 29.77 9.83
CA ALA C 203 -27.64 29.53 10.34
C ALA C 203 -26.66 30.51 9.69
N LYS C 204 -25.54 30.77 10.37
CA LYS C 204 -24.54 31.66 9.90
C LYS C 204 -23.31 30.84 9.55
N ILE C 205 -23.12 30.58 8.26
CA ILE C 205 -22.04 29.76 7.82
C ILE C 205 -21.34 30.48 6.69
N SER C 206 -20.01 30.34 6.70
CA SER C 206 -19.13 31.01 5.78
C SER C 206 -18.04 30.02 5.34
N GLY C 207 -17.63 30.07 4.07
CA GLY C 207 -16.48 29.32 3.59
C GLY C 207 -16.76 27.91 3.08
N GLN C 208 -18.04 27.54 2.97
CA GLN C 208 -18.45 26.28 2.43
C GLN C 208 -17.97 26.18 0.98
N GLY C 209 -17.50 25.00 0.58
CA GLY C 209 -16.86 24.84 -0.71
C GLY C 209 -15.38 25.06 -0.61
N THR C 210 -14.91 25.52 0.56
CA THR C 210 -13.48 25.74 0.80
C THR C 210 -12.98 24.86 1.94
N ASP C 211 -11.68 24.85 2.16
CA ASP C 211 -11.17 23.98 3.20
C ASP C 211 -11.40 24.47 4.64
N ARG C 212 -11.97 25.66 4.76
CA ARG C 212 -12.20 26.25 6.06
C ARG C 212 -13.65 26.72 6.16
N ILE C 213 -14.44 26.04 6.98
CA ILE C 213 -15.84 26.48 7.18
C ILE C 213 -15.98 27.21 8.51
N VAL C 214 -16.58 28.40 8.49
CA VAL C 214 -16.86 29.19 9.71
C VAL C 214 -18.36 29.24 10.02
N ILE C 215 -18.72 28.70 11.18
CA ILE C 215 -20.07 28.68 11.64
C ILE C 215 -20.18 29.56 12.90
N GLU C 216 -21.17 30.45 12.91
CA GLU C 216 -21.55 31.24 14.05
C GLU C 216 -22.83 30.63 14.62
N GLY C 217 -22.73 30.04 15.81
CA GLY C 217 -23.86 29.34 16.41
C GLY C 217 -25.05 30.25 16.68
N VAL C 218 -26.25 29.71 16.51
CA VAL C 218 -27.46 30.48 16.82
C VAL C 218 -28.24 29.71 17.88
N GLU C 219 -29.18 30.38 18.56
CA GLU C 219 -30.01 29.71 19.55
C GLU C 219 -30.90 28.61 18.97
N ARG C 220 -31.37 28.82 17.74
CA ARG C 220 -32.53 28.14 17.22
C ARG C 220 -32.50 28.26 15.69
N LEU C 221 -33.00 27.26 14.99
CA LEU C 221 -33.25 27.39 13.54
C LEU C 221 -34.73 27.22 13.25
N GLY C 222 -35.18 27.87 12.18
CA GLY C 222 -36.56 27.81 11.75
C GLY C 222 -36.75 26.92 10.53
N GLY C 223 -37.74 27.22 9.72
CA GLY C 223 -38.06 26.36 8.59
C GLY C 223 -37.54 26.94 7.31
N GLY C 224 -38.07 26.46 6.20
CA GLY C 224 -37.74 27.05 4.92
C GLY C 224 -37.84 26.03 3.83
N VAL C 225 -37.62 26.47 2.60
CA VAL C 225 -37.67 25.61 1.45
C VAL C 225 -36.33 25.71 0.75
N TYR C 226 -35.73 24.57 0.38
CA TYR C 226 -34.46 24.56 -0.35
C TYR C 226 -34.48 23.51 -1.44
N ARG C 227 -34.07 23.85 -2.66
CA ARG C 227 -33.92 22.87 -3.72
C ARG C 227 -32.50 22.29 -3.77
N VAL C 228 -32.41 20.98 -3.77
CA VAL C 228 -31.16 20.27 -3.79
C VAL C 228 -30.53 20.32 -5.20
N LEU C 229 -29.19 20.45 -5.23
CA LEU C 229 -28.46 20.52 -6.48
C LEU C 229 -28.45 19.18 -7.23
N PRO C 230 -28.14 19.21 -8.53
CA PRO C 230 -28.11 18.03 -9.40
C PRO C 230 -27.10 16.98 -9.00
N ASP C 231 -27.45 15.73 -9.25
CA ASP C 231 -26.57 14.64 -8.85
C ASP C 231 -25.38 14.58 -9.83
N ARG C 232 -24.18 14.92 -9.36
CA ARG C 232 -23.01 14.96 -10.26
C ARG C 232 -22.54 13.57 -10.70
N ILE C 233 -22.75 12.63 -9.82
CA ILE C 233 -22.38 11.22 -10.06
C ILE C 233 -23.37 10.57 -11.01
N GLU C 234 -24.66 10.82 -10.83
CA GLU C 234 -25.62 10.41 -11.86
C GLU C 234 -25.25 11.01 -13.21
N THR C 235 -24.95 12.30 -13.20
CA THR C 235 -24.52 12.98 -14.42
C THR C 235 -23.33 12.23 -15.03
N GLY C 236 -22.26 12.04 -14.27
CA GLY C 236 -21.08 11.39 -14.82
C GLY C 236 -21.42 9.98 -15.32
N THR C 237 -22.37 9.31 -14.66
CA THR C 237 -22.70 7.91 -14.97
C THR C 237 -23.24 7.85 -16.42
N PHE C 238 -24.09 8.80 -16.77
CA PHE C 238 -24.68 8.88 -18.10
C PHE C 238 -23.71 9.44 -19.09
N LEU C 239 -22.81 10.30 -18.65
CA LEU C 239 -21.77 10.78 -19.55
C LEU C 239 -20.90 9.59 -19.94
N VAL C 240 -20.38 8.85 -18.96
CA VAL C 240 -19.70 7.55 -19.26
C VAL C 240 -20.53 6.62 -20.18
N ALA C 241 -21.83 6.54 -19.96
CA ALA C 241 -22.69 5.65 -20.72
C ALA C 241 -22.63 5.94 -22.22
N ALA C 242 -22.64 7.22 -22.58
CA ALA C 242 -22.49 7.63 -23.98
C ALA C 242 -21.05 7.41 -24.48
N ALA C 243 -20.09 7.71 -23.63
CA ALA C 243 -18.69 7.63 -23.99
C ALA C 243 -18.31 6.21 -24.35
N ILE C 244 -18.65 5.27 -23.48
CA ILE C 244 -18.23 3.89 -23.72
C ILE C 244 -19.04 3.23 -24.82
N SER C 245 -20.15 3.82 -25.22
CA SER C 245 -21.01 3.22 -26.25
C SER C 245 -20.86 3.94 -27.60
N ARG C 246 -19.84 4.79 -27.70
CA ARG C 246 -19.56 5.62 -28.89
C ARG C 246 -20.75 6.48 -29.27
N GLY C 247 -21.42 6.98 -28.25
CA GLY C 247 -22.72 7.65 -28.42
C GLY C 247 -22.62 9.16 -28.24
N LYS C 248 -23.79 9.79 -28.04
CA LYS C 248 -23.89 11.21 -27.74
C LYS C 248 -24.96 11.37 -26.70
N ILE C 249 -24.68 12.16 -25.67
CA ILE C 249 -25.71 12.43 -24.68
C ILE C 249 -25.78 13.92 -24.26
N ILE C 250 -27.01 14.37 -23.99
CA ILE C 250 -27.26 15.65 -23.31
C ILE C 250 -27.89 15.34 -21.96
N CYS C 251 -27.27 15.83 -20.90
CA CYS C 251 -27.82 15.80 -19.56
C CYS C 251 -28.47 17.16 -19.30
N ARG C 252 -29.78 17.21 -19.05
CA ARG C 252 -30.46 18.46 -18.63
C ARG C 252 -30.45 18.52 -17.11
N ASN C 253 -30.68 19.72 -16.56
CA ASN C 253 -30.73 19.95 -15.11
C ASN C 253 -29.43 19.51 -14.47
N ALA C 254 -28.33 19.73 -15.18
CA ALA C 254 -26.95 19.46 -14.65
C ALA C 254 -26.36 20.69 -13.94
N GLN C 255 -25.17 20.52 -13.37
CA GLN C 255 -24.46 21.69 -12.85
C GLN C 255 -23.00 21.43 -13.23
N PRO C 256 -22.59 21.89 -14.43
CA PRO C 256 -21.25 21.54 -14.85
C PRO C 256 -20.13 21.83 -13.85
N ASP C 257 -20.18 22.93 -13.13
CA ASP C 257 -18.99 23.28 -12.33
C ASP C 257 -18.78 22.32 -11.16
N THR C 258 -19.60 21.27 -11.07
CA THR C 258 -19.36 20.20 -10.09
C THR C 258 -18.54 19.08 -10.70
N LEU C 259 -18.25 19.18 -11.99
CA LEU C 259 -17.69 18.04 -12.70
C LEU C 259 -16.41 18.32 -13.48
N ASP C 260 -15.73 19.43 -13.16
CA ASP C 260 -14.46 19.75 -13.74
C ASP C 260 -13.59 18.53 -14.01
N ALA C 261 -13.30 17.73 -13.00
CA ALA C 261 -12.34 16.62 -13.16
C ALA C 261 -12.88 15.50 -14.07
N VAL C 262 -14.18 15.23 -13.98
CA VAL C 262 -14.78 14.17 -14.74
C VAL C 262 -14.81 14.61 -16.18
N LEU C 263 -15.15 15.87 -16.46
CA LEU C 263 -15.20 16.33 -17.87
C LEU C 263 -13.81 16.49 -18.48
N ALA C 264 -12.80 16.82 -17.68
CA ALA C 264 -11.42 16.87 -18.16
C ALA C 264 -10.99 15.45 -18.59
N LYS C 265 -11.30 14.45 -17.76
CA LYS C 265 -10.93 13.06 -18.11
C LYS C 265 -11.69 12.49 -19.27
N LEU C 266 -12.99 12.78 -19.32
CA LEU C 266 -13.78 12.43 -20.51
C LEU C 266 -13.22 13.06 -21.82
N ARG C 267 -12.82 14.33 -21.76
CA ARG C 267 -12.07 15.00 -22.85
C ARG C 267 -10.76 14.27 -23.19
N ASP C 268 -10.05 13.88 -22.14
CA ASP C 268 -8.79 13.11 -22.26
C ASP C 268 -9.08 11.79 -23.02
N ALA C 269 -10.25 11.23 -22.71
CA ALA C 269 -10.74 9.98 -23.25
C ALA C 269 -11.22 10.14 -24.69
N GLY C 270 -11.34 11.38 -25.14
CA GLY C 270 -11.73 11.63 -26.54
C GLY C 270 -13.11 12.22 -26.73
N ALA C 271 -13.82 12.43 -25.63
CA ALA C 271 -15.18 13.00 -25.69
C ALA C 271 -15.18 14.45 -26.17
N ASP C 272 -16.11 14.78 -27.07
CA ASP C 272 -16.44 16.18 -27.40
C ASP C 272 -17.45 16.66 -26.37
N ILE C 273 -16.97 17.51 -25.47
CA ILE C 273 -17.85 17.99 -24.41
C ILE C 273 -18.24 19.47 -24.58
N GLU C 274 -19.52 19.78 -24.37
CA GLU C 274 -19.99 21.18 -24.32
C GLU C 274 -20.80 21.36 -23.06
N VAL C 275 -20.76 22.56 -22.47
CA VAL C 275 -21.56 22.87 -21.28
C VAL C 275 -22.34 24.15 -21.51
N GLY C 276 -23.46 24.23 -20.82
CA GLY C 276 -24.25 25.43 -20.71
C GLY C 276 -24.42 25.71 -19.23
N GLU C 277 -25.40 26.54 -18.90
CA GLU C 277 -25.66 26.88 -17.49
C GLU C 277 -26.23 25.70 -16.70
N ASP C 278 -27.06 24.90 -17.34
CA ASP C 278 -27.62 23.75 -16.67
C ASP C 278 -27.67 22.48 -17.53
N TRP C 279 -26.68 22.33 -18.40
CA TRP C 279 -26.61 21.19 -19.29
C TRP C 279 -25.18 20.88 -19.72
N ILE C 280 -24.95 19.60 -19.98
CA ILE C 280 -23.69 19.05 -20.50
C ILE C 280 -24.02 18.12 -21.68
N SER C 281 -23.36 18.34 -22.82
CA SER C 281 -23.43 17.38 -23.92
C SER C 281 -22.10 16.63 -24.10
N LEU C 282 -22.20 15.33 -24.39
CA LEU C 282 -21.03 14.57 -24.75
C LEU C 282 -21.31 13.92 -26.08
N ASP C 283 -20.34 14.00 -26.99
CA ASP C 283 -20.40 13.29 -28.26
C ASP C 283 -19.05 12.64 -28.55
N MET C 284 -19.07 11.33 -28.80
CA MET C 284 -17.84 10.62 -29.06
C MET C 284 -17.45 10.65 -30.53
N HIS C 285 -18.43 11.03 -31.35
CA HIS C 285 -18.34 11.02 -32.81
C HIS C 285 -18.05 9.63 -33.37
N GLY C 286 -18.71 8.66 -32.75
CA GLY C 286 -18.73 7.27 -33.17
C GLY C 286 -17.47 6.49 -32.87
N LYS C 287 -16.62 7.02 -31.98
CA LYS C 287 -15.30 6.48 -31.77
C LYS C 287 -15.09 5.94 -30.36
N ARG C 288 -14.25 4.91 -30.26
CA ARG C 288 -13.93 4.23 -29.01
C ARG C 288 -13.14 5.18 -28.13
N PRO C 289 -13.44 5.17 -26.81
CA PRO C 289 -12.68 6.00 -25.89
C PRO C 289 -11.18 5.67 -25.85
N LYS C 290 -10.37 6.67 -25.54
CA LYS C 290 -8.95 6.46 -25.38
C LYS C 290 -8.76 6.28 -23.90
N ALA C 291 -7.80 5.43 -23.52
CA ALA C 291 -7.60 5.10 -22.10
C ALA C 291 -7.07 6.29 -21.34
N VAL C 292 -7.42 6.36 -20.05
CA VAL C 292 -7.00 7.45 -19.18
C VAL C 292 -6.48 6.92 -17.83
N ASN C 293 -5.66 7.73 -17.19
CA ASN C 293 -5.14 7.49 -15.88
C ASN C 293 -5.94 8.32 -14.95
N VAL C 294 -6.36 7.73 -13.84
CA VAL C 294 -7.25 8.39 -12.90
C VAL C 294 -6.73 8.12 -11.53
N ARG C 295 -6.87 9.13 -10.67
CA ARG C 295 -6.52 9.03 -9.29
C ARG C 295 -7.65 9.72 -8.50
N THR C 296 -8.40 8.93 -7.75
CA THR C 296 -9.54 9.47 -7.02
C THR C 296 -8.99 10.27 -5.85
N ALA C 297 -9.75 11.27 -5.41
CA ALA C 297 -9.33 12.11 -4.28
C ALA C 297 -10.51 12.99 -3.96
N PRO C 298 -10.51 13.61 -2.76
CA PRO C 298 -11.63 14.48 -2.46
C PRO C 298 -11.79 15.64 -3.44
N HIS C 299 -13.04 16.11 -3.51
CA HIS C 299 -13.45 17.20 -4.38
C HIS C 299 -12.51 18.40 -4.26
N PRO C 300 -12.12 19.03 -5.38
CA PRO C 300 -12.57 18.98 -6.78
C PRO C 300 -11.82 17.96 -7.64
N ALA C 301 -10.99 17.11 -7.04
CA ALA C 301 -10.36 16.04 -7.82
C ALA C 301 -11.42 15.03 -8.26
N PHE C 302 -10.96 14.03 -9.02
CA PHE C 302 -11.82 13.02 -9.58
C PHE C 302 -12.42 12.28 -8.40
N PRO C 303 -13.75 12.14 -8.37
CA PRO C 303 -14.42 11.56 -7.19
C PRO C 303 -14.39 10.04 -7.21
N THR C 304 -14.28 9.43 -6.05
CA THR C 304 -14.32 7.99 -5.97
C THR C 304 -15.66 7.39 -6.44
N ASP C 305 -16.75 8.15 -6.37
CA ASP C 305 -18.04 7.63 -6.88
C ASP C 305 -18.15 7.55 -8.41
N MET C 306 -17.10 7.95 -9.11
CA MET C 306 -17.08 7.80 -10.58
C MET C 306 -16.06 6.77 -10.99
N GLN C 307 -15.44 6.16 -10.01
CA GLN C 307 -14.28 5.33 -10.25
C GLN C 307 -14.61 4.05 -10.97
N ALA C 308 -15.71 3.41 -10.56
CA ALA C 308 -16.06 2.09 -11.07
C ALA C 308 -16.48 2.25 -12.51
N GLN C 309 -17.11 3.38 -12.81
CA GLN C 309 -17.60 3.73 -14.12
C GLN C 309 -16.47 3.98 -15.11
N PHE C 310 -15.43 4.65 -14.64
CA PHE C 310 -14.25 4.89 -15.44
C PHE C 310 -13.35 3.68 -15.58
N THR C 311 -13.31 2.82 -14.56
CA THR C 311 -12.68 1.50 -14.68
C THR C 311 -13.27 0.83 -15.91
N LEU C 312 -14.59 0.87 -16.02
CA LEU C 312 -15.32 0.38 -17.19
C LEU C 312 -14.90 1.07 -18.47
N LEU C 313 -14.92 2.40 -18.51
CA LEU C 313 -14.48 3.16 -19.66
C LEU C 313 -13.11 2.70 -20.12
N ASN C 314 -12.17 2.62 -19.17
CA ASN C 314 -10.83 2.11 -19.46
C ASN C 314 -10.76 0.67 -19.97
N LEU C 315 -11.72 -0.17 -19.58
CA LEU C 315 -11.62 -1.57 -19.92
C LEU C 315 -12.17 -1.83 -21.32
N VAL C 316 -12.86 -0.84 -21.90
CA VAL C 316 -13.26 -0.89 -23.33
C VAL C 316 -12.58 0.14 -24.24
N ALA C 317 -11.72 0.96 -23.63
CA ALA C 317 -11.03 2.02 -24.31
C ALA C 317 -9.85 1.52 -25.11
N GLU C 318 -9.30 2.37 -25.97
CA GLU C 318 -8.08 2.01 -26.67
C GLU C 318 -6.87 2.23 -25.80
N GLY C 319 -6.06 1.18 -25.67
CA GLY C 319 -4.85 1.33 -24.90
C GLY C 319 -5.01 0.99 -23.44
N THR C 320 -4.02 1.42 -22.65
CA THR C 320 -3.85 0.95 -21.29
C THR C 320 -3.96 2.18 -20.38
N GLY C 321 -4.63 2.04 -19.25
CA GLY C 321 -4.73 3.15 -18.30
C GLY C 321 -4.87 2.60 -16.91
N PHE C 322 -4.61 3.39 -15.87
CA PHE C 322 -4.77 2.88 -14.51
C PHE C 322 -5.72 3.74 -13.72
N ILE C 323 -6.39 3.14 -12.75
CA ILE C 323 -7.22 3.85 -11.81
C ILE C 323 -6.67 3.55 -10.44
N THR C 324 -6.32 4.58 -9.70
CA THR C 324 -5.89 4.47 -8.32
C THR C 324 -6.91 5.09 -7.41
N GLU C 325 -7.39 4.27 -6.48
CA GLU C 325 -8.43 4.60 -5.57
C GLU C 325 -7.75 4.96 -4.26
N THR C 326 -7.85 6.22 -3.85
CA THR C 326 -7.15 6.66 -2.64
C THR C 326 -8.13 6.93 -1.56
N VAL C 327 -9.43 6.84 -1.88
CA VAL C 327 -10.47 7.17 -0.88
C VAL C 327 -11.05 5.97 -0.11
N PHE C 328 -11.39 4.91 -0.83
CA PHE C 328 -11.86 3.69 -0.20
C PHE C 328 -10.92 2.57 -0.54
N GLU C 329 -10.64 1.72 0.45
CA GLU C 329 -9.65 0.66 0.34
C GLU C 329 -10.12 -0.58 -0.40
N ASN C 330 -11.43 -0.73 -0.61
CA ASN C 330 -11.91 -1.94 -1.25
C ASN C 330 -13.04 -1.69 -2.23
N ARG C 331 -12.77 -0.81 -3.19
CA ARG C 331 -13.78 -0.43 -4.10
C ARG C 331 -13.40 -0.93 -5.48
N PHE C 332 -12.88 -2.16 -5.57
CA PHE C 332 -12.59 -2.75 -6.87
C PHE C 332 -13.36 -4.04 -7.10
N MET C 333 -14.51 -4.16 -6.43
CA MET C 333 -15.29 -5.37 -6.52
C MET C 333 -16.10 -5.56 -7.80
N HIS C 334 -16.30 -4.48 -8.56
CA HIS C 334 -16.78 -4.50 -9.95
C HIS C 334 -15.77 -5.12 -10.92
N VAL C 335 -14.49 -5.08 -10.56
CA VAL C 335 -13.43 -5.52 -11.47
C VAL C 335 -13.53 -7.02 -11.84
N PRO C 336 -13.58 -7.93 -10.85
CA PRO C 336 -13.74 -9.34 -11.22
C PRO C 336 -15.04 -9.65 -11.98
N GLU C 337 -16.06 -8.81 -11.81
CA GLU C 337 -17.36 -9.04 -12.44
C GLU C 337 -17.26 -8.64 -13.90
N LEU C 338 -16.48 -7.60 -14.16
CA LEU C 338 -16.19 -7.14 -15.50
C LEU C 338 -15.20 -8.13 -16.12
N SER C 339 -14.36 -8.72 -15.29
CA SER C 339 -13.44 -9.74 -15.84
C SER C 339 -14.19 -10.91 -16.50
N ARG C 340 -15.31 -11.31 -15.88
CA ARG C 340 -16.21 -12.35 -16.39
C ARG C 340 -16.78 -11.99 -17.75
N MET C 341 -16.83 -10.69 -18.00
CA MET C 341 -17.37 -10.11 -19.20
C MET C 341 -16.28 -9.93 -20.25
N GLY C 342 -15.08 -10.46 -20.00
CA GLY C 342 -13.97 -10.35 -20.98
C GLY C 342 -12.99 -9.18 -20.77
N ALA C 343 -13.20 -8.39 -19.74
CA ALA C 343 -12.29 -7.30 -19.46
C ALA C 343 -10.92 -7.88 -19.08
N HIS C 344 -9.86 -7.08 -19.27
CA HIS C 344 -8.50 -7.47 -18.92
C HIS C 344 -7.92 -6.41 -17.99
N ALA C 345 -7.98 -6.73 -16.70
CA ALA C 345 -7.57 -5.79 -15.67
C ALA C 345 -6.62 -6.56 -14.80
N GLU C 346 -5.85 -5.83 -13.99
CA GLU C 346 -4.92 -6.41 -13.04
C GLU C 346 -5.01 -5.46 -11.87
N ILE C 347 -5.30 -5.99 -10.69
CA ILE C 347 -5.35 -5.15 -9.49
C ILE C 347 -4.05 -5.33 -8.73
N GLU C 348 -3.30 -4.24 -8.64
CA GLU C 348 -2.09 -4.20 -7.85
C GLU C 348 -2.36 -3.14 -6.80
N SER C 349 -2.83 -3.62 -5.65
CA SER C 349 -3.05 -2.82 -4.44
C SER C 349 -4.25 -1.91 -4.58
N ASN C 350 -4.02 -0.60 -4.48
CA ASN C 350 -5.12 0.33 -4.74
C ASN C 350 -5.14 0.86 -6.18
N THR C 351 -4.49 0.12 -7.05
CA THR C 351 -4.47 0.46 -8.47
C THR C 351 -5.02 -0.67 -9.34
N VAL C 352 -5.86 -0.29 -10.29
CA VAL C 352 -6.34 -1.21 -11.29
C VAL C 352 -5.68 -0.85 -12.60
N ILE C 353 -4.88 -1.78 -13.11
CA ILE C 353 -4.27 -1.61 -14.43
C ILE C 353 -5.22 -2.14 -15.48
N CYS C 354 -5.70 -1.27 -16.38
CA CYS C 354 -6.67 -1.65 -17.44
C CYS C 354 -6.09 -1.76 -18.87
N HIS C 355 -6.31 -2.87 -19.55
CA HIS C 355 -5.91 -2.97 -20.98
C HIS C 355 -7.15 -3.06 -21.78
N GLY C 356 -7.54 -1.93 -22.36
CA GLY C 356 -8.82 -1.80 -23.03
C GLY C 356 -9.01 -2.85 -24.10
N VAL C 357 -10.23 -3.39 -24.17
CA VAL C 357 -10.62 -4.34 -25.21
C VAL C 357 -11.76 -3.78 -26.04
N GLU C 358 -11.83 -4.26 -27.28
CA GLU C 358 -12.76 -3.75 -28.24
C GLU C 358 -14.17 -4.11 -27.82
N LYS C 359 -14.39 -5.37 -27.47
CA LYS C 359 -15.73 -5.82 -27.06
C LYS C 359 -15.76 -6.54 -25.72
N LEU C 360 -16.85 -6.36 -24.97
CA LEU C 360 -17.18 -7.15 -23.79
C LEU C 360 -18.20 -8.27 -24.18
N SER C 361 -18.34 -9.30 -23.34
CA SER C 361 -19.32 -10.36 -23.60
C SER C 361 -20.34 -10.41 -22.49
N GLY C 362 -21.60 -10.67 -22.83
CA GLY C 362 -22.59 -10.80 -21.78
C GLY C 362 -22.41 -12.01 -20.88
N ALA C 363 -22.55 -11.77 -19.57
CA ALA C 363 -22.37 -12.81 -18.59
C ALA C 363 -23.21 -12.50 -17.35
N GLN C 364 -23.49 -13.52 -16.56
CA GLN C 364 -24.21 -13.29 -15.32
C GLN C 364 -23.24 -12.69 -14.30
N VAL C 365 -23.56 -11.47 -13.86
CA VAL C 365 -22.68 -10.76 -12.93
C VAL C 365 -23.43 -10.34 -11.66
N MET C 366 -22.66 -9.99 -10.64
CA MET C 366 -23.14 -9.74 -9.29
C MET C 366 -22.79 -8.33 -8.88
N ALA C 367 -23.81 -7.48 -8.74
CA ALA C 367 -23.70 -6.14 -8.18
C ALA C 367 -23.35 -6.31 -6.70
N THR C 368 -22.35 -5.58 -6.23
CA THR C 368 -21.94 -5.65 -4.81
C THR C 368 -22.18 -4.40 -4.00
N ASP C 369 -22.21 -3.26 -4.70
CA ASP C 369 -22.37 -1.91 -4.13
C ASP C 369 -22.95 -1.01 -5.23
N LEU C 370 -23.37 0.19 -4.81
CA LEU C 370 -24.08 1.13 -5.68
C LEU C 370 -23.44 1.51 -7.01
N ARG C 371 -22.22 2.04 -6.96
CA ARG C 371 -21.62 2.50 -8.20
C ARG C 371 -21.16 1.32 -9.04
N ALA C 372 -20.79 0.22 -8.39
CA ALA C 372 -20.46 -0.99 -9.11
C ALA C 372 -21.68 -1.48 -9.86
N SER C 373 -22.86 -1.45 -9.21
CA SER C 373 -24.07 -1.94 -9.86
C SER C 373 -24.33 -1.23 -11.18
N ALA C 374 -24.31 0.10 -11.16
CA ALA C 374 -24.43 0.91 -12.38
C ALA C 374 -23.36 0.63 -13.46
N SER C 375 -22.11 0.55 -13.08
CA SER C 375 -21.07 0.14 -14.05
C SER C 375 -21.33 -1.22 -14.71
N LEU C 376 -21.74 -2.19 -13.89
CA LEU C 376 -22.20 -3.51 -14.40
C LEU C 376 -23.40 -3.45 -15.36
N VAL C 377 -24.37 -2.59 -15.06
CA VAL C 377 -25.47 -2.34 -15.96
C VAL C 377 -24.95 -1.72 -17.26
N LEU C 378 -24.07 -0.71 -17.12
CA LEU C 378 -23.49 -0.01 -18.28
C LEU C 378 -22.68 -0.97 -19.12
N ALA C 379 -21.80 -1.76 -18.48
CA ALA C 379 -21.19 -2.88 -19.20
C ALA C 379 -22.22 -3.80 -19.93
N GLY C 380 -23.29 -4.17 -19.25
CA GLY C 380 -24.38 -4.89 -19.90
C GLY C 380 -24.89 -4.30 -21.20
N CYS C 381 -24.99 -2.97 -21.24
CA CYS C 381 -25.51 -2.26 -22.40
C CYS C 381 -24.58 -2.36 -23.56
N ILE C 382 -23.26 -2.40 -23.31
CA ILE C 382 -22.32 -2.43 -24.43
C ILE C 382 -21.73 -3.79 -24.79
N ALA C 383 -21.85 -4.75 -23.87
CA ALA C 383 -21.40 -6.09 -24.13
C ALA C 383 -22.23 -6.71 -25.27
N GLU C 384 -21.73 -7.81 -25.84
CA GLU C 384 -22.46 -8.51 -26.88
C GLU C 384 -23.17 -9.64 -26.18
N GLY C 385 -24.50 -9.73 -26.38
CA GLY C 385 -25.33 -10.73 -25.73
C GLY C 385 -26.04 -10.26 -24.47
N THR C 386 -26.33 -11.21 -23.59
CA THR C 386 -27.14 -10.98 -22.40
C THR C 386 -26.26 -10.94 -21.17
N THR C 387 -26.44 -9.88 -20.41
CA THR C 387 -25.82 -9.75 -19.11
C THR C 387 -27.00 -9.76 -18.14
N VAL C 388 -26.92 -10.59 -17.09
CA VAL C 388 -27.79 -10.46 -15.93
C VAL C 388 -26.98 -9.94 -14.74
N VAL C 389 -27.34 -8.76 -14.28
CA VAL C 389 -26.75 -8.14 -13.09
C VAL C 389 -27.66 -8.48 -11.93
N ASP C 390 -27.16 -9.27 -10.98
CA ASP C 390 -27.96 -9.65 -9.82
C ASP C 390 -27.74 -8.70 -8.67
N ARG C 391 -28.68 -8.65 -7.73
CA ARG C 391 -28.59 -7.74 -6.58
C ARG C 391 -28.64 -6.29 -7.03
N ILE C 392 -29.57 -6.04 -7.92
CA ILE C 392 -29.80 -4.72 -8.43
C ILE C 392 -30.35 -3.78 -7.34
N TYR C 393 -30.85 -4.32 -6.24
CA TYR C 393 -31.31 -3.45 -5.13
C TYR C 393 -30.27 -2.39 -4.78
N HIS C 394 -28.98 -2.69 -5.01
CA HIS C 394 -27.93 -1.70 -4.77
C HIS C 394 -28.16 -0.43 -5.56
N ILE C 395 -28.47 -0.58 -6.84
CA ILE C 395 -28.68 0.56 -7.74
C ILE C 395 -29.82 1.44 -7.21
N ASP C 396 -30.82 0.79 -6.64
CA ASP C 396 -32.03 1.46 -6.21
C ASP C 396 -31.78 2.43 -5.07
N ARG C 397 -30.62 2.30 -4.42
CA ARG C 397 -30.25 3.16 -3.31
C ARG C 397 -29.97 4.54 -3.78
N GLY C 398 -29.26 4.65 -4.89
CA GLY C 398 -28.71 5.92 -5.33
C GLY C 398 -29.04 6.40 -6.73
N TYR C 399 -29.80 5.58 -7.46
CA TYR C 399 -30.28 5.98 -8.78
C TYR C 399 -31.80 6.03 -8.79
N GLU C 400 -32.32 7.13 -9.33
CA GLU C 400 -33.74 7.31 -9.57
C GLU C 400 -34.08 6.76 -10.94
N ARG C 401 -34.82 5.66 -10.97
CA ARG C 401 -35.33 5.14 -12.23
C ARG C 401 -34.22 5.04 -13.30
N ILE C 402 -33.05 4.50 -12.94
CA ILE C 402 -31.96 4.33 -13.92
C ILE C 402 -32.34 3.47 -15.14
N GLU C 403 -33.17 2.46 -14.93
CA GLU C 403 -33.70 1.62 -16.01
C GLU C 403 -34.49 2.41 -17.06
N ASP C 404 -35.33 3.33 -16.58
CA ASP C 404 -36.19 4.11 -17.47
C ASP C 404 -35.33 5.10 -18.22
N LYS C 405 -34.37 5.70 -17.51
CA LYS C 405 -33.42 6.64 -18.13
C LYS C 405 -32.50 6.00 -19.15
N LEU C 406 -31.90 4.86 -18.81
CA LEU C 406 -31.12 4.15 -19.82
C LEU C 406 -32.03 3.73 -21.01
N ARG C 407 -33.23 3.22 -20.73
CA ARG C 407 -34.11 2.79 -21.80
C ARG C 407 -34.34 3.91 -22.80
N ALA C 408 -34.46 5.13 -22.28
CA ALA C 408 -34.65 6.32 -23.10
C ALA C 408 -33.40 6.70 -23.95
N LEU C 409 -32.22 6.19 -23.57
CA LEU C 409 -30.99 6.37 -24.34
C LEU C 409 -30.81 5.26 -25.39
N GLY C 410 -31.74 4.31 -25.40
CA GLY C 410 -31.68 3.17 -26.32
C GLY C 410 -31.34 1.83 -25.68
N ALA C 411 -31.16 1.82 -24.35
CA ALA C 411 -30.81 0.61 -23.67
C ALA C 411 -31.89 -0.43 -23.72
N ASN C 412 -31.47 -1.70 -23.80
CA ASN C 412 -32.38 -2.83 -23.68
C ASN C 412 -32.25 -3.44 -22.28
N ILE C 413 -33.07 -2.94 -21.35
CA ILE C 413 -33.04 -3.36 -19.95
C ILE C 413 -34.42 -3.81 -19.51
N GLU C 414 -34.48 -4.98 -18.88
CA GLU C 414 -35.68 -5.43 -18.17
C GLU C 414 -35.34 -5.75 -16.71
N ARG C 415 -36.19 -5.25 -15.81
CA ARG C 415 -36.18 -5.62 -14.40
C ARG C 415 -36.91 -6.95 -14.21
N VAL C 416 -36.20 -7.92 -13.65
CA VAL C 416 -36.61 -9.31 -13.62
C VAL C 416 -36.60 -9.75 -12.17
N LYS C 417 -37.69 -10.35 -11.69
CA LYS C 417 -37.80 -10.63 -10.25
C LYS C 417 -37.00 -11.88 -9.80
N GLY C 418 -37.28 -13.03 -10.42
CA GLY C 418 -36.57 -14.29 -10.13
C GLY C 418 -35.94 -14.99 -11.33
N MET D 1 -30.24 -16.41 5.24
CA MET D 1 -29.09 -15.74 5.96
C MET D 1 -28.91 -16.25 7.39
N ASP D 2 -30.05 -16.44 8.08
CA ASP D 2 -30.21 -16.37 9.54
C ASP D 2 -29.07 -16.04 10.51
N LYS D 3 -29.36 -16.28 11.78
CA LYS D 3 -28.69 -15.62 12.90
C LYS D 3 -28.39 -16.59 14.03
N PHE D 4 -27.33 -16.30 14.78
CA PHE D 4 -27.10 -16.93 16.07
C PHE D 4 -27.36 -15.87 17.12
N ARG D 5 -28.17 -16.20 18.11
CA ARG D 5 -28.26 -15.41 19.34
C ARG D 5 -27.30 -16.07 20.32
N VAL D 6 -26.27 -15.32 20.72
CA VAL D 6 -25.28 -15.84 21.64
C VAL D 6 -25.33 -15.05 22.94
N GLN D 7 -25.54 -15.75 24.04
CA GLN D 7 -25.52 -15.15 25.39
C GLN D 7 -24.17 -15.45 26.06
N GLY D 8 -23.50 -14.38 26.48
CA GLY D 8 -22.23 -14.47 27.18
C GLY D 8 -22.35 -13.66 28.45
N PRO D 9 -21.26 -13.54 29.25
CA PRO D 9 -19.97 -14.20 29.10
C PRO D 9 -20.05 -15.68 29.41
N THR D 10 -19.33 -16.47 28.61
CA THR D 10 -19.31 -17.90 28.84
C THR D 10 -17.88 -18.44 28.75
N LYS D 11 -17.43 -19.09 29.81
CA LYS D 11 -16.12 -19.75 29.81
C LYS D 11 -16.28 -21.06 29.04
N LEU D 12 -15.46 -21.22 28.00
CA LEU D 12 -15.54 -22.40 27.14
C LEU D 12 -14.57 -23.48 27.58
N GLN D 13 -15.11 -24.64 27.97
CA GLN D 13 -14.34 -25.79 28.43
C GLN D 13 -14.90 -27.15 28.04
N GLY D 14 -14.00 -28.07 27.72
CA GLY D 14 -14.37 -29.47 27.58
C GLY D 14 -13.64 -30.08 26.42
N GLU D 15 -14.33 -30.94 25.68
CA GLU D 15 -13.74 -31.45 24.46
C GLU D 15 -14.59 -31.12 23.25
N VAL D 16 -13.93 -31.13 22.09
CA VAL D 16 -14.55 -31.09 20.78
C VAL D 16 -13.84 -32.11 19.88
N THR D 17 -14.60 -32.70 18.97
CA THR D 17 -14.03 -33.62 18.00
C THR D 17 -13.85 -32.88 16.70
N ILE D 18 -12.61 -32.75 16.26
CA ILE D 18 -12.28 -31.97 15.08
C ILE D 18 -12.75 -32.72 13.85
N SER D 19 -13.35 -31.98 12.93
CA SER D 19 -13.89 -32.49 11.67
C SER D 19 -12.84 -32.51 10.56
N GLY D 20 -13.18 -33.17 9.45
CA GLY D 20 -12.26 -33.26 8.31
C GLY D 20 -12.06 -31.87 7.76
N ALA D 21 -10.87 -31.57 7.26
CA ALA D 21 -10.59 -30.25 6.73
C ALA D 21 -11.48 -30.02 5.54
N LYS D 22 -12.25 -28.93 5.62
CA LYS D 22 -13.04 -28.49 4.50
C LYS D 22 -12.12 -28.28 3.31
N ASN D 23 -10.92 -27.76 3.57
CA ASN D 23 -10.03 -27.36 2.48
C ASN D 23 -9.23 -28.55 1.90
N ALA D 24 -9.39 -29.72 2.50
CA ALA D 24 -8.90 -30.96 1.90
C ALA D 24 -10.02 -31.69 1.18
N ALA D 25 -11.21 -31.71 1.79
CA ALA D 25 -12.41 -32.35 1.24
C ALA D 25 -12.77 -31.87 -0.16
N LEU D 26 -12.76 -30.54 -0.32
CA LEU D 26 -13.11 -29.90 -1.59
C LEU D 26 -12.18 -30.20 -2.74
N PRO D 27 -10.85 -29.95 -2.59
CA PRO D 27 -10.03 -30.30 -3.75
C PRO D 27 -10.08 -31.82 -4.00
N ILE D 28 -10.21 -32.61 -2.94
CA ILE D 28 -10.30 -34.08 -3.11
C ILE D 28 -11.60 -34.48 -3.85
N LEU D 29 -12.70 -33.81 -3.53
CA LEU D 29 -13.98 -34.07 -4.22
C LEU D 29 -13.90 -33.81 -5.73
N PHE D 30 -13.15 -32.80 -6.17
CA PHE D 30 -12.98 -32.50 -7.62
C PHE D 30 -11.89 -33.34 -8.32
N ALA D 31 -10.82 -33.61 -7.59
CA ALA D 31 -9.78 -34.56 -8.00
C ALA D 31 -10.37 -35.96 -8.23
N ALA D 32 -11.46 -36.25 -7.52
CA ALA D 32 -12.22 -37.48 -7.74
C ALA D 32 -12.78 -37.58 -9.16
N LEU D 33 -12.86 -36.46 -9.88
CA LEU D 33 -13.32 -36.50 -11.29
C LEU D 33 -12.37 -37.28 -12.17
N LEU D 34 -11.13 -37.42 -11.67
CA LEU D 34 -10.07 -38.13 -12.37
C LEU D 34 -10.20 -39.68 -12.28
N ALA D 35 -10.87 -40.16 -11.21
CA ALA D 35 -11.03 -41.59 -10.93
C ALA D 35 -11.93 -42.36 -11.93
N GLU D 36 -11.43 -43.48 -12.44
CA GLU D 36 -12.16 -44.33 -13.38
C GLU D 36 -12.82 -45.53 -12.68
N GLU D 37 -12.58 -45.64 -11.37
CA GLU D 37 -13.27 -46.57 -10.49
C GLU D 37 -13.76 -45.76 -9.29
N PRO D 38 -14.82 -46.23 -8.62
CA PRO D 38 -15.40 -45.53 -7.48
C PRO D 38 -14.44 -45.21 -6.33
N VAL D 39 -14.66 -44.02 -5.76
CA VAL D 39 -13.89 -43.44 -4.68
C VAL D 39 -14.80 -43.31 -3.45
N GLU D 40 -14.23 -43.55 -2.28
CA GLU D 40 -14.91 -43.22 -1.04
C GLU D 40 -14.03 -42.30 -0.23
N ILE D 41 -14.50 -41.09 0.01
CA ILE D 41 -13.74 -40.14 0.80
C ILE D 41 -14.35 -40.10 2.20
N GLN D 42 -13.54 -40.42 3.21
CA GLN D 42 -14.01 -40.50 4.62
C GLN D 42 -13.62 -39.27 5.43
N ASN D 43 -14.30 -39.08 6.56
CA ASN D 43 -14.08 -37.91 7.38
C ASN D 43 -14.40 -36.63 6.60
N VAL D 44 -15.47 -36.65 5.80
CA VAL D 44 -15.90 -35.45 5.11
C VAL D 44 -16.88 -34.63 5.97
N PRO D 45 -16.62 -33.31 6.13
CA PRO D 45 -17.50 -32.55 7.01
C PRO D 45 -18.81 -32.21 6.29
N LYS D 46 -19.90 -32.11 7.06
CA LYS D 46 -21.20 -31.81 6.52
C LYS D 46 -21.25 -30.30 6.48
N LEU D 47 -20.86 -29.77 5.33
CA LEU D 47 -20.69 -28.34 5.14
C LEU D 47 -21.43 -28.04 3.87
N LYS D 48 -21.93 -26.81 3.78
CA LYS D 48 -22.62 -26.33 2.61
C LYS D 48 -21.74 -26.48 1.37
N ASP D 49 -20.47 -26.10 1.49
CA ASP D 49 -19.52 -26.22 0.38
C ASP D 49 -19.38 -27.67 -0.12
N VAL D 50 -19.44 -28.64 0.79
CA VAL D 50 -19.46 -30.03 0.37
C VAL D 50 -20.76 -30.35 -0.40
N ASP D 51 -21.91 -29.88 0.09
CA ASP D 51 -23.17 -30.14 -0.61
C ASP D 51 -23.13 -29.62 -2.02
N THR D 52 -22.67 -28.38 -2.16
CA THR D 52 -22.52 -27.73 -3.45
C THR D 52 -21.57 -28.47 -4.41
N SER D 53 -20.41 -28.89 -3.91
CA SER D 53 -19.50 -29.72 -4.68
C SER D 53 -20.17 -31.00 -5.12
N MET D 54 -20.94 -31.60 -4.21
CA MET D 54 -21.72 -32.77 -4.58
C MET D 54 -22.75 -32.49 -5.67
N LYS D 55 -23.50 -31.37 -5.58
CA LYS D 55 -24.52 -31.09 -6.59
C LYS D 55 -23.86 -30.82 -7.95
N LEU D 56 -22.68 -30.20 -7.90
CA LEU D 56 -21.85 -29.98 -9.09
C LEU D 56 -21.30 -31.31 -9.66
N LEU D 57 -20.84 -32.19 -8.79
CA LEU D 57 -20.41 -33.51 -9.26
C LEU D 57 -21.53 -34.26 -9.99
N SER D 58 -22.71 -34.30 -9.39
CA SER D 58 -23.86 -34.99 -9.98
C SER D 58 -24.22 -34.31 -11.29
N GLN D 59 -24.20 -32.98 -11.29
CA GLN D 59 -24.42 -32.20 -12.51
C GLN D 59 -23.52 -32.68 -13.67
N LEU D 60 -22.30 -33.12 -13.37
CA LEU D 60 -21.34 -33.58 -14.42
C LEU D 60 -21.49 -35.06 -14.80
N GLY D 61 -22.44 -35.75 -14.19
CA GLY D 61 -22.67 -37.17 -14.49
C GLY D 61 -22.00 -38.16 -13.54
N ALA D 62 -21.41 -37.66 -12.45
CA ALA D 62 -20.97 -38.54 -11.38
C ALA D 62 -22.21 -38.98 -10.59
N LYS D 63 -22.16 -40.19 -10.04
CA LYS D 63 -23.11 -40.63 -9.02
C LYS D 63 -22.48 -40.31 -7.67
N VAL D 64 -23.19 -39.58 -6.83
CA VAL D 64 -22.65 -39.13 -5.54
C VAL D 64 -23.68 -39.34 -4.43
N GLU D 65 -23.22 -39.83 -3.28
CA GLU D 65 -24.09 -39.88 -2.12
C GLU D 65 -23.21 -39.74 -0.89
N ARG D 66 -23.80 -39.46 0.27
CA ARG D 66 -22.98 -39.26 1.46
C ARG D 66 -23.70 -39.78 2.68
N GLY D 68 -20.09 -40.27 7.68
CA GLY D 68 -19.03 -39.23 7.49
C GLY D 68 -18.37 -39.33 6.14
N SER D 69 -18.87 -40.25 5.31
CA SER D 69 -18.22 -40.58 4.06
C SER D 69 -18.96 -39.93 2.89
N VAL D 70 -18.25 -39.63 1.80
CA VAL D 70 -18.87 -39.25 0.49
C VAL D 70 -18.46 -40.23 -0.59
N HIS D 71 -19.44 -40.83 -1.24
CA HIS D 71 -19.20 -41.79 -2.29
C HIS D 71 -19.36 -41.11 -3.63
N ILE D 72 -18.38 -41.36 -4.50
CA ILE D 72 -18.29 -40.71 -5.80
C ILE D 72 -17.94 -41.77 -6.82
N ASP D 73 -18.83 -41.92 -7.79
CA ASP D 73 -18.60 -42.76 -8.93
C ASP D 73 -18.62 -41.85 -10.14
N ALA D 74 -17.43 -41.52 -10.63
CA ALA D 74 -17.23 -40.56 -11.70
C ALA D 74 -16.90 -41.34 -12.97
N ARG D 75 -17.20 -42.63 -12.94
CA ARG D 75 -16.95 -43.48 -14.08
C ARG D 75 -17.67 -42.97 -15.33
N ASP D 76 -18.89 -42.46 -15.16
CA ASP D 76 -19.71 -42.03 -16.29
C ASP D 76 -19.91 -40.52 -16.32
N VAL D 77 -18.88 -39.75 -15.97
CA VAL D 77 -18.92 -38.30 -16.18
C VAL D 77 -19.16 -38.06 -17.68
N ASN D 78 -20.24 -37.34 -18.00
CA ASN D 78 -20.66 -37.12 -19.41
C ASN D 78 -21.01 -35.65 -19.66
N VAL D 79 -20.88 -34.82 -18.63
CA VAL D 79 -21.12 -33.37 -18.75
C VAL D 79 -19.88 -32.61 -18.27
N PHE D 80 -19.49 -31.58 -19.01
CA PHE D 80 -18.14 -31.02 -18.80
C PHE D 80 -18.15 -29.56 -18.34
N CYS D 81 -19.35 -29.09 -18.00
CA CYS D 81 -19.60 -27.66 -17.72
C CYS D 81 -20.18 -27.44 -16.31
N ALA D 82 -19.45 -26.74 -15.46
CA ALA D 82 -19.96 -26.37 -14.17
C ALA D 82 -20.75 -25.06 -14.30
N PRO D 83 -22.12 -25.13 -14.21
CA PRO D 83 -23.01 -23.97 -14.38
C PRO D 83 -22.78 -22.84 -13.39
N TYR D 84 -23.13 -21.62 -13.83
CA TYR D 84 -23.02 -20.40 -13.06
C TYR D 84 -23.71 -20.45 -11.71
N ASP D 85 -24.93 -21.00 -11.67
CA ASP D 85 -25.70 -21.03 -10.40
C ASP D 85 -25.01 -21.77 -9.25
N LEU D 86 -24.07 -22.67 -9.58
CA LEU D 86 -23.28 -23.37 -8.57
C LEU D 86 -22.00 -22.63 -8.25
N VAL D 87 -21.21 -22.34 -9.30
CA VAL D 87 -19.92 -21.67 -9.14
C VAL D 87 -20.07 -20.33 -8.43
N LYS D 88 -21.19 -19.65 -8.64
CA LYS D 88 -21.45 -18.37 -7.98
C LYS D 88 -21.48 -18.52 -6.45
N THR D 89 -21.81 -19.72 -5.97
CA THR D 89 -21.84 -19.90 -4.51
C THR D 89 -20.54 -20.48 -3.96
N MET D 90 -19.77 -21.16 -4.81
CA MET D 90 -18.53 -21.82 -4.41
C MET D 90 -17.49 -21.56 -5.44
N ARG D 91 -16.58 -20.60 -5.20
CA ARG D 91 -15.49 -20.33 -6.14
C ARG D 91 -14.45 -21.45 -6.21
N ALA D 92 -14.46 -22.36 -5.23
CA ALA D 92 -13.60 -23.54 -5.24
C ALA D 92 -13.91 -24.48 -6.41
N SER D 93 -15.13 -24.42 -6.96
CA SER D 93 -15.49 -25.18 -8.14
C SER D 93 -14.60 -24.95 -9.37
N ILE D 94 -13.80 -23.89 -9.41
CA ILE D 94 -12.78 -23.73 -10.47
C ILE D 94 -11.97 -25.04 -10.52
N TRP D 95 -11.97 -25.77 -9.40
CA TRP D 95 -11.22 -27.02 -9.36
C TRP D 95 -11.77 -28.13 -10.27
N ALA D 96 -12.97 -27.95 -10.79
CA ALA D 96 -13.57 -28.90 -11.72
C ALA D 96 -12.83 -28.92 -13.06
N LEU D 97 -12.28 -27.76 -13.44
CA LEU D 97 -11.64 -27.53 -14.75
C LEU D 97 -10.45 -28.42 -15.09
N GLY D 98 -9.38 -28.36 -14.30
CA GLY D 98 -8.20 -29.17 -14.51
C GLY D 98 -8.46 -30.66 -14.67
N PRO D 99 -9.16 -31.28 -13.70
CA PRO D 99 -9.55 -32.68 -13.88
C PRO D 99 -10.28 -32.99 -15.16
N LEU D 100 -11.23 -32.15 -15.55
CA LEU D 100 -12.05 -32.48 -16.71
C LEU D 100 -11.25 -32.33 -17.97
N VAL D 101 -10.35 -31.36 -18.01
CA VAL D 101 -9.50 -31.21 -19.20
C VAL D 101 -8.53 -32.40 -19.31
N ALA D 102 -7.93 -32.79 -18.19
CA ALA D 102 -6.92 -33.85 -18.16
C ALA D 102 -7.47 -35.26 -18.42
N ARG D 103 -8.74 -35.48 -18.11
CA ARG D 103 -9.37 -36.78 -18.35
C ARG D 103 -10.16 -36.83 -19.66
N PHE D 104 -10.82 -35.73 -19.99
CA PHE D 104 -11.85 -35.70 -21.02
C PHE D 104 -11.52 -34.79 -22.18
N GLY D 105 -10.37 -34.11 -22.10
CA GLY D 105 -9.92 -33.20 -23.14
C GLY D 105 -10.65 -31.86 -23.17
N GLN D 106 -11.59 -31.67 -22.26
CA GLN D 106 -12.36 -30.43 -22.21
C GLN D 106 -12.98 -30.19 -20.84
N GLY D 107 -13.19 -28.91 -20.54
CA GLY D 107 -13.77 -28.44 -19.29
C GLY D 107 -14.23 -27.00 -19.48
N GLN D 108 -15.38 -26.68 -18.88
CA GLN D 108 -15.92 -25.32 -18.91
C GLN D 108 -16.39 -24.99 -17.53
N VAL D 109 -15.95 -23.87 -17.01
CA VAL D 109 -16.29 -23.53 -15.65
C VAL D 109 -16.45 -22.02 -15.60
N SER D 110 -17.54 -21.57 -14.99
CA SER D 110 -17.84 -20.14 -14.91
C SER D 110 -16.66 -19.45 -14.24
N LEU D 111 -16.13 -18.37 -14.82
CA LEU D 111 -15.04 -17.63 -14.13
C LEU D 111 -15.54 -17.04 -12.81
N PRO D 112 -14.89 -17.38 -11.70
CA PRO D 112 -15.41 -16.82 -10.44
C PRO D 112 -15.42 -15.28 -10.42
N GLY D 113 -16.44 -14.70 -9.79
CA GLY D 113 -16.48 -13.29 -9.34
C GLY D 113 -15.29 -13.11 -8.40
N GLY D 114 -15.06 -11.96 -7.79
CA GLY D 114 -16.04 -11.19 -7.06
C GLY D 114 -16.01 -11.79 -5.65
N CYS D 115 -15.03 -11.48 -4.82
CA CYS D 115 -15.07 -12.02 -3.45
C CYS D 115 -14.89 -10.94 -2.41
N THR D 116 -15.51 -11.09 -1.26
CA THR D 116 -15.37 -9.99 -0.30
C THR D 116 -13.98 -9.83 0.31
N ILE D 117 -13.29 -10.94 0.59
CA ILE D 117 -11.98 -10.83 1.27
C ILE D 117 -10.82 -10.40 0.34
N GLY D 118 -11.07 -10.43 -0.94
CA GLY D 118 -10.08 -10.05 -1.90
C GLY D 118 -10.64 -10.41 -3.25
N ALA D 119 -9.94 -10.05 -4.31
CA ALA D 119 -10.51 -10.13 -5.68
C ALA D 119 -10.41 -11.53 -6.29
N ARG D 120 -9.33 -12.20 -5.84
CA ARG D 120 -9.07 -13.64 -6.01
C ARG D 120 -9.15 -14.13 -7.47
N PRO D 121 -8.27 -13.62 -8.33
CA PRO D 121 -8.25 -14.03 -9.73
C PRO D 121 -7.72 -15.46 -9.80
N VAL D 122 -7.89 -16.10 -10.95
CA VAL D 122 -7.48 -17.51 -11.10
C VAL D 122 -6.54 -17.62 -12.27
N ASP D 123 -5.92 -16.46 -12.61
CA ASP D 123 -4.92 -16.36 -13.64
C ASP D 123 -3.85 -17.44 -13.53
N LEU D 124 -3.47 -17.81 -12.30
CA LEU D 124 -2.44 -18.86 -12.15
C LEU D 124 -2.95 -20.27 -12.54
N HIS D 125 -4.21 -20.57 -12.23
CA HIS D 125 -4.83 -21.85 -12.63
C HIS D 125 -4.84 -21.86 -14.15
N ILE D 126 -5.46 -20.83 -14.73
CA ILE D 126 -5.70 -20.83 -16.18
C ILE D 126 -4.64 -20.13 -16.94
N SER D 127 -3.50 -19.95 -16.28
CA SER D 127 -2.21 -19.96 -16.94
C SER D 127 -2.04 -21.45 -16.83
N GLY D 128 -1.29 -21.90 -15.81
CA GLY D 128 -1.00 -23.33 -15.45
C GLY D 128 -1.50 -24.46 -16.32
N LEU D 129 -2.81 -24.46 -16.53
CA LEU D 129 -3.47 -25.28 -17.54
C LEU D 129 -3.29 -24.50 -18.83
N GLU D 130 -2.08 -24.42 -19.30
CA GLU D 130 -1.76 -23.72 -20.53
C GLU D 130 -0.32 -24.09 -20.77
N GLN D 131 0.45 -24.05 -19.68
CA GLN D 131 1.86 -24.46 -19.68
C GLN D 131 1.93 -25.97 -19.74
N LEU D 132 0.87 -26.58 -19.21
CA LEU D 132 0.44 -27.88 -19.68
C LEU D 132 -0.17 -27.57 -21.06
N GLY D 133 -0.72 -28.52 -21.78
CA GLY D 133 -1.00 -28.19 -23.22
C GLY D 133 -2.38 -27.67 -23.55
N ALA D 134 -3.07 -27.13 -22.54
CA ALA D 134 -4.47 -26.70 -22.69
C ALA D 134 -4.59 -25.35 -23.40
N THR D 135 -5.52 -25.28 -24.35
CA THR D 135 -5.94 -24.02 -24.93
C THR D 135 -7.15 -23.57 -24.11
N ILE D 136 -7.18 -22.29 -23.76
CA ILE D 136 -8.23 -21.75 -22.93
C ILE D 136 -8.78 -20.42 -23.48
N LYS D 137 -10.11 -20.37 -23.58
CA LYS D 137 -10.84 -19.17 -23.92
C LYS D 137 -11.83 -18.83 -22.81
N LEU D 138 -12.33 -17.61 -22.86
CA LEU D 138 -13.40 -17.14 -22.00
C LEU D 138 -14.52 -16.71 -22.92
N GLU D 139 -15.70 -17.31 -22.76
CA GLU D 139 -16.86 -16.87 -23.54
C GLU D 139 -18.07 -16.91 -22.67
N GLU D 140 -18.80 -15.79 -22.64
CA GLU D 140 -20.02 -15.66 -21.87
C GLU D 140 -19.79 -15.99 -20.40
N GLY D 141 -18.61 -15.64 -19.87
CA GLY D 141 -18.31 -15.83 -18.45
C GLY D 141 -17.84 -17.24 -18.07
N TYR D 142 -17.60 -18.08 -19.07
CA TYR D 142 -17.16 -19.46 -18.85
C TYR D 142 -15.73 -19.59 -19.29
N VAL D 143 -14.87 -19.98 -18.37
CA VAL D 143 -13.53 -20.48 -18.72
C VAL D 143 -13.63 -21.81 -19.48
N LYS D 144 -13.36 -21.75 -20.79
CA LYS D 144 -13.45 -22.90 -21.65
C LYS D 144 -12.06 -23.43 -21.96
N ALA D 145 -11.83 -24.64 -21.51
CA ALA D 145 -10.52 -25.24 -21.60
C ALA D 145 -10.59 -26.51 -22.47
N SER D 146 -9.64 -26.67 -23.39
CA SER D 146 -9.58 -27.93 -24.15
C SER D 146 -8.16 -28.41 -24.43
N VAL D 147 -8.00 -29.73 -24.48
CA VAL D 147 -6.78 -30.30 -25.05
C VAL D 147 -7.16 -31.36 -26.08
N ASP D 148 -6.80 -31.10 -27.32
CA ASP D 148 -7.23 -31.95 -28.43
C ASP D 148 -6.10 -32.87 -28.83
N GLY D 149 -5.41 -33.31 -27.78
CA GLY D 149 -4.51 -34.44 -27.76
C GLY D 149 -4.79 -35.14 -26.44
N ARG D 150 -4.04 -34.72 -25.41
CA ARG D 150 -3.98 -35.23 -24.05
C ARG D 150 -2.87 -34.39 -23.36
N LEU D 151 -2.96 -34.13 -22.06
CA LEU D 151 -2.07 -33.12 -21.43
C LEU D 151 -0.57 -33.45 -21.43
N LYS D 152 0.27 -32.42 -21.44
CA LYS D 152 1.71 -32.60 -21.60
C LYS D 152 2.55 -32.03 -20.44
N GLY D 153 3.34 -32.88 -19.79
CA GLY D 153 4.18 -32.45 -18.68
C GLY D 153 5.03 -31.22 -18.96
N ALA D 154 5.08 -30.31 -17.99
CA ALA D 154 5.86 -29.07 -18.09
C ALA D 154 6.59 -28.69 -16.81
N HIS D 155 7.69 -27.96 -16.96
CA HIS D 155 8.36 -27.31 -15.85
C HIS D 155 7.66 -25.98 -15.63
N ILE D 156 6.94 -25.85 -14.50
CA ILE D 156 6.09 -24.70 -14.25
C ILE D 156 6.59 -23.99 -13.00
N VAL D 157 6.98 -22.71 -13.14
CA VAL D 157 7.35 -21.89 -12.00
C VAL D 157 6.22 -20.94 -11.74
N MET D 158 5.66 -21.07 -10.54
CA MET D 158 4.50 -20.32 -10.15
C MET D 158 4.98 -18.98 -9.71
N ASP D 159 4.39 -17.93 -10.25
CA ASP D 159 4.93 -16.61 -9.95
C ASP D 159 4.33 -15.98 -8.67
N LYS D 160 3.28 -16.64 -8.15
CA LYS D 160 2.72 -16.37 -6.84
C LYS D 160 2.60 -17.71 -6.14
N VAL D 161 2.71 -17.72 -4.81
CA VAL D 161 2.24 -18.86 -4.03
C VAL D 161 0.71 -18.90 -4.04
N SER D 162 0.16 -19.96 -4.63
CA SER D 162 -1.29 -20.23 -4.65
C SER D 162 -1.61 -21.67 -4.26
N VAL D 163 -2.34 -21.84 -3.16
CA VAL D 163 -3.00 -23.12 -2.84
C VAL D 163 -3.86 -23.66 -4.00
N GLY D 164 -4.80 -22.82 -4.48
CA GLY D 164 -5.73 -23.22 -5.55
C GLY D 164 -5.07 -23.69 -6.84
N ALA D 165 -4.19 -22.86 -7.37
CA ALA D 165 -3.51 -23.15 -8.62
C ALA D 165 -2.55 -24.32 -8.51
N THR D 166 -1.98 -24.58 -7.33
CA THR D 166 -1.05 -25.68 -7.14
C THR D 166 -1.86 -26.97 -7.24
N VAL D 167 -2.98 -27.01 -6.55
CA VAL D 167 -3.91 -28.13 -6.66
C VAL D 167 -4.33 -28.40 -8.10
N THR D 168 -4.82 -27.39 -8.80
CA THR D 168 -5.25 -27.51 -10.21
C THR D 168 -4.18 -28.16 -11.10
N ILE D 169 -2.97 -27.60 -11.03
CA ILE D 169 -1.85 -27.98 -11.91
C ILE D 169 -1.49 -29.40 -11.49
N MET D 170 -1.31 -29.62 -10.18
CA MET D 170 -1.01 -30.95 -9.64
C MET D 170 -2.00 -32.02 -10.11
N CYS D 171 -3.30 -31.78 -9.90
CA CYS D 171 -4.35 -32.74 -10.22
C CYS D 171 -4.35 -32.98 -11.70
N ALA D 172 -4.36 -31.88 -12.47
CA ALA D 172 -4.28 -31.96 -13.93
C ALA D 172 -2.87 -32.14 -14.46
N ALA D 173 -2.02 -32.88 -13.77
CA ALA D 173 -0.68 -33.22 -14.25
C ALA D 173 -0.52 -34.73 -14.08
N THR D 174 -1.41 -35.30 -13.26
CA THR D 174 -1.50 -36.74 -13.06
C THR D 174 -1.97 -37.53 -14.30
N LEU D 175 -2.60 -36.86 -15.27
CA LEU D 175 -2.97 -37.50 -16.53
C LEU D 175 -2.23 -36.94 -17.75
N ALA D 176 -1.18 -36.18 -17.46
CA ALA D 176 -0.31 -35.66 -18.49
C ALA D 176 0.70 -36.74 -18.91
N GLU D 177 1.15 -36.67 -20.15
CA GLU D 177 2.33 -37.41 -20.60
C GLU D 177 3.57 -36.66 -20.08
N GLY D 178 4.53 -37.39 -19.52
CA GLY D 178 5.78 -36.78 -19.06
C GLY D 178 5.74 -36.27 -17.63
N THR D 179 6.82 -35.60 -17.23
CA THR D 179 7.00 -35.03 -15.90
C THR D 179 6.45 -33.59 -15.84
N THR D 180 5.70 -33.29 -14.79
CA THR D 180 5.41 -31.91 -14.44
C THR D 180 6.19 -31.53 -13.17
N ILE D 181 6.97 -30.46 -13.25
CA ILE D 181 7.56 -29.89 -12.01
C ILE D 181 6.86 -28.57 -11.70
N ILE D 182 6.50 -28.38 -10.43
CA ILE D 182 5.85 -27.15 -9.97
C ILE D 182 6.78 -26.46 -8.99
N GLU D 183 7.40 -25.37 -9.45
CA GLU D 183 8.33 -24.62 -8.61
C GLU D 183 7.57 -23.53 -7.87
N ASN D 184 7.97 -23.25 -6.63
CA ASN D 184 7.31 -22.26 -5.76
C ASN D 184 5.86 -22.70 -5.57
N ALA D 185 5.70 -24.01 -5.30
CA ALA D 185 4.39 -24.64 -5.02
C ALA D 185 3.89 -24.38 -3.60
N ALA D 186 2.58 -24.28 -3.43
CA ALA D 186 1.98 -24.18 -2.12
C ALA D 186 2.19 -25.47 -1.33
N ARG D 187 2.50 -25.36 -0.05
CA ARG D 187 2.72 -26.57 0.73
C ARG D 187 1.70 -26.83 1.82
N GLU D 188 0.52 -26.23 1.73
CA GLU D 188 -0.42 -26.44 2.83
C GLU D 188 -0.75 -27.93 2.96
N PRO D 189 -1.18 -28.35 4.15
CA PRO D 189 -1.45 -29.76 4.42
C PRO D 189 -2.56 -30.35 3.56
N GLU D 190 -3.43 -29.49 3.05
CA GLU D 190 -4.55 -29.91 2.21
C GLU D 190 -4.04 -30.36 0.86
N ILE D 191 -2.87 -29.83 0.50
CA ILE D 191 -2.23 -30.14 -0.76
C ILE D 191 -1.47 -31.47 -0.63
N VAL D 192 -0.82 -31.67 0.51
CA VAL D 192 -0.25 -32.97 0.89
C VAL D 192 -1.30 -34.08 0.86
N ASP D 193 -2.48 -33.77 1.38
CA ASP D 193 -3.60 -34.68 1.47
C ASP D 193 -4.16 -34.98 0.09
N THR D 194 -4.40 -33.94 -0.70
CA THR D 194 -4.91 -34.13 -2.06
C THR D 194 -3.95 -35.02 -2.83
N ALA D 195 -2.64 -34.76 -2.68
CA ALA D 195 -1.60 -35.51 -3.39
C ALA D 195 -1.65 -36.98 -3.01
N ASN D 196 -1.78 -37.24 -1.70
CA ASN D 196 -1.83 -38.58 -1.15
C ASN D 196 -3.12 -39.31 -1.50
N PHE D 197 -4.21 -38.56 -1.63
CA PHE D 197 -5.43 -39.05 -2.29
C PHE D 197 -5.13 -39.47 -3.72
N LEU D 198 -4.51 -38.59 -4.50
CA LEU D 198 -4.17 -38.91 -5.88
C LEU D 198 -3.25 -40.16 -6.06
N ILE D 199 -2.33 -40.38 -5.12
CA ILE D 199 -1.45 -41.57 -5.15
C ILE D 199 -2.27 -42.84 -4.83
N THR D 200 -3.24 -42.72 -3.91
CA THR D 200 -4.22 -43.77 -3.65
C THR D 200 -4.95 -44.18 -4.94
N LEU D 201 -5.20 -43.23 -5.83
CA LEU D 201 -5.70 -43.59 -7.19
C LEU D 201 -4.63 -44.19 -8.12
N GLY D 202 -3.37 -44.08 -7.71
CA GLY D 202 -2.24 -44.58 -8.48
C GLY D 202 -1.50 -43.51 -9.24
N ALA D 203 -1.65 -42.25 -8.84
CA ALA D 203 -0.81 -41.18 -9.40
C ALA D 203 0.61 -41.24 -8.86
N LYS D 204 1.55 -40.67 -9.61
CA LYS D 204 2.95 -40.62 -9.22
C LYS D 204 3.30 -39.19 -8.84
N ILE D 205 3.39 -38.90 -7.53
CA ILE D 205 3.68 -37.54 -7.06
C ILE D 205 4.74 -37.51 -5.94
N SER D 206 5.73 -36.64 -6.14
CA SER D 206 6.82 -36.49 -5.19
C SER D 206 6.80 -35.06 -4.65
N GLY D 207 7.03 -34.92 -3.35
CA GLY D 207 7.41 -33.63 -2.77
C GLY D 207 6.28 -32.71 -2.43
N GLN D 208 5.07 -33.26 -2.43
CA GLN D 208 3.92 -32.59 -1.84
C GLN D 208 4.26 -32.24 -0.38
N GLY D 209 3.92 -31.01 -0.01
CA GLY D 209 4.31 -30.45 1.27
C GLY D 209 5.62 -29.68 1.21
N THR D 210 6.26 -29.69 0.04
CA THR D 210 7.52 -28.94 -0.20
C THR D 210 7.28 -27.89 -1.28
N ASP D 211 8.31 -27.11 -1.59
CA ASP D 211 8.12 -26.06 -2.58
C ASP D 211 8.24 -26.53 -4.03
N ARG D 212 8.61 -27.79 -4.20
CA ARG D 212 8.68 -28.43 -5.52
C ARG D 212 7.86 -29.72 -5.53
N ILE D 213 6.92 -29.82 -6.45
CA ILE D 213 6.15 -31.05 -6.62
C ILE D 213 6.43 -31.70 -7.99
N VAL D 214 6.67 -33.02 -7.99
CA VAL D 214 6.95 -33.74 -9.21
C VAL D 214 5.81 -34.71 -9.48
N ILE D 215 5.24 -34.59 -10.67
CA ILE D 215 4.20 -35.48 -11.14
C ILE D 215 4.65 -36.15 -12.44
N GLU D 216 4.84 -37.46 -12.42
CA GLU D 216 4.89 -38.20 -13.66
C GLU D 216 3.50 -38.67 -13.99
N GLY D 217 3.05 -38.32 -15.18
CA GLY D 217 1.76 -38.74 -15.67
C GLY D 217 1.54 -40.24 -15.67
N VAL D 218 0.27 -40.59 -15.61
CA VAL D 218 -0.17 -41.97 -15.78
C VAL D 218 -1.39 -41.98 -16.73
N GLU D 219 -1.71 -43.17 -17.22
CA GLU D 219 -2.79 -43.37 -18.18
C GLU D 219 -4.15 -43.11 -17.61
N ARG D 220 -4.42 -43.66 -16.44
CA ARG D 220 -5.71 -43.50 -15.80
C ARG D 220 -5.53 -43.67 -14.31
N LEU D 221 -6.56 -43.34 -13.55
CA LEU D 221 -6.54 -43.41 -12.09
C LEU D 221 -7.70 -44.30 -11.66
N GLY D 222 -7.49 -45.03 -10.56
CA GLY D 222 -8.42 -46.07 -10.16
C GLY D 222 -9.42 -45.57 -9.16
N GLY D 223 -9.72 -46.41 -8.19
CA GLY D 223 -10.55 -46.01 -7.07
C GLY D 223 -9.77 -46.12 -5.79
N GLY D 224 -10.46 -46.10 -4.67
CA GLY D 224 -9.78 -46.13 -3.39
C GLY D 224 -10.60 -45.39 -2.37
N VAL D 225 -10.23 -45.63 -1.12
CA VAL D 225 -10.86 -45.00 0.00
C VAL D 225 -9.75 -44.14 0.58
N TYR D 226 -10.09 -42.88 0.90
CA TYR D 226 -9.15 -41.91 1.46
C TYR D 226 -9.80 -41.13 2.61
N ARG D 227 -9.10 -41.05 3.74
CA ARG D 227 -9.57 -40.29 4.91
C ARG D 227 -8.93 -38.92 4.91
N VAL D 228 -9.76 -37.90 4.87
CA VAL D 228 -9.36 -36.50 4.83
C VAL D 228 -8.80 -36.14 6.20
N LEU D 229 -7.68 -35.43 6.20
CA LEU D 229 -7.01 -35.06 7.45
C LEU D 229 -7.90 -34.06 8.21
N PRO D 230 -7.64 -33.90 9.52
CA PRO D 230 -8.43 -32.98 10.33
C PRO D 230 -8.30 -31.51 9.90
N ASP D 231 -9.36 -30.74 10.10
CA ASP D 231 -9.38 -29.32 9.81
C ASP D 231 -8.52 -28.51 10.80
N ARG D 232 -7.44 -27.93 10.30
CA ARG D 232 -6.49 -27.22 11.18
C ARG D 232 -7.04 -25.87 11.53
N ILE D 233 -7.98 -25.37 10.73
CA ILE D 233 -8.53 -24.03 10.99
C ILE D 233 -9.61 -24.12 12.05
N GLU D 234 -10.37 -25.22 12.00
CA GLU D 234 -11.44 -25.40 12.93
C GLU D 234 -10.81 -25.72 14.28
N THR D 235 -9.75 -26.52 14.23
CA THR D 235 -8.88 -26.76 15.40
C THR D 235 -8.41 -25.43 16.00
N GLY D 236 -7.74 -24.60 15.21
CA GLY D 236 -7.32 -23.28 15.70
C GLY D 236 -8.52 -22.47 16.23
N THR D 237 -9.70 -22.62 15.64
CA THR D 237 -10.88 -21.85 16.08
C THR D 237 -11.24 -22.27 17.52
N PHE D 238 -11.41 -23.57 17.76
CA PHE D 238 -11.73 -24.05 19.09
C PHE D 238 -10.63 -23.83 20.12
N LEU D 239 -9.36 -23.84 19.69
CA LEU D 239 -8.25 -23.51 20.60
C LEU D 239 -8.32 -22.03 21.04
N VAL D 240 -8.48 -21.14 20.08
CA VAL D 240 -8.71 -19.71 20.32
C VAL D 240 -9.92 -19.45 21.25
N ALA D 241 -11.04 -20.15 21.01
CA ALA D 241 -12.26 -20.04 21.82
C ALA D 241 -11.93 -20.16 23.28
N ALA D 242 -11.05 -21.11 23.60
CA ALA D 242 -10.71 -21.38 25.00
C ALA D 242 -9.73 -20.37 25.52
N ALA D 243 -8.83 -19.92 24.65
CA ALA D 243 -7.80 -18.92 24.94
C ALA D 243 -8.44 -17.59 25.36
N ILE D 244 -9.56 -17.25 24.73
CA ILE D 244 -10.21 -15.96 24.94
C ILE D 244 -11.30 -16.07 25.98
N SER D 245 -11.69 -17.28 26.34
CA SER D 245 -12.75 -17.45 27.34
C SER D 245 -12.17 -17.94 28.63
N ARG D 246 -10.84 -17.86 28.73
CA ARG D 246 -10.04 -18.23 29.91
C ARG D 246 -10.20 -19.70 30.25
N GLY D 247 -10.42 -20.50 29.22
CA GLY D 247 -10.88 -21.85 29.39
C GLY D 247 -9.83 -22.90 29.13
N LYS D 248 -10.31 -24.06 28.74
CA LYS D 248 -9.52 -25.24 28.62
C LYS D 248 -10.30 -26.12 27.66
N ILE D 249 -9.70 -26.45 26.52
CA ILE D 249 -10.32 -27.38 25.59
C ILE D 249 -9.34 -28.49 25.20
N ILE D 250 -9.89 -29.66 24.94
CA ILE D 250 -9.13 -30.72 24.29
C ILE D 250 -9.77 -31.00 22.95
N CYS D 251 -9.02 -30.72 21.90
CA CYS D 251 -9.41 -31.09 20.53
C CYS D 251 -8.92 -32.48 20.22
N ARG D 252 -9.87 -33.35 19.94
CA ARG D 252 -9.57 -34.74 19.63
C ARG D 252 -9.75 -34.92 18.13
N ASN D 253 -9.28 -36.03 17.59
CA ASN D 253 -9.19 -36.22 16.11
C ASN D 253 -8.45 -35.10 15.39
N ALA D 254 -7.29 -34.74 15.92
CA ALA D 254 -6.52 -33.62 15.37
C ALA D 254 -5.14 -34.01 14.83
N GLN D 255 -4.52 -33.09 14.08
CA GLN D 255 -3.19 -33.27 13.50
C GLN D 255 -2.27 -32.10 13.91
N PRO D 256 -1.73 -32.13 15.15
CA PRO D 256 -0.93 -31.01 15.64
C PRO D 256 0.20 -30.53 14.72
N ASP D 257 0.81 -31.42 13.94
CA ASP D 257 1.88 -31.02 13.01
C ASP D 257 1.45 -30.04 11.92
N THR D 258 0.14 -29.88 11.70
CA THR D 258 -0.36 -28.91 10.69
C THR D 258 -0.36 -27.50 11.27
N LEU D 259 -0.03 -27.39 12.56
CA LEU D 259 -0.30 -26.17 13.35
C LEU D 259 0.85 -25.54 14.15
N ASP D 260 2.11 -25.84 13.78
CA ASP D 260 3.31 -25.24 14.40
C ASP D 260 3.20 -23.75 14.74
N ALA D 261 2.93 -22.94 13.72
CA ALA D 261 2.81 -21.48 13.86
C ALA D 261 1.71 -21.04 14.83
N VAL D 262 0.49 -21.55 14.63
CA VAL D 262 -0.65 -21.20 15.47
C VAL D 262 -0.45 -21.64 16.90
N LEU D 263 0.12 -22.82 17.12
CA LEU D 263 0.38 -23.26 18.48
C LEU D 263 1.44 -22.40 19.16
N ALA D 264 2.42 -21.94 18.39
CA ALA D 264 3.47 -21.07 18.95
C ALA D 264 2.88 -19.76 19.45
N LYS D 265 1.90 -19.23 18.72
CA LYS D 265 1.24 -17.97 19.04
C LYS D 265 0.35 -18.07 20.26
N LEU D 266 -0.30 -19.22 20.44
CA LEU D 266 -1.16 -19.40 21.61
C LEU D 266 -0.30 -19.54 22.87
N ARG D 267 0.82 -20.24 22.73
CA ARG D 267 1.87 -20.24 23.78
C ARG D 267 2.35 -18.82 24.03
N ASP D 268 2.74 -18.09 22.99
CA ASP D 268 3.11 -16.66 23.12
C ASP D 268 2.02 -15.86 23.89
N ALA D 269 0.75 -16.24 23.72
CA ALA D 269 -0.40 -15.64 24.46
C ALA D 269 -0.58 -16.21 25.88
N GLY D 270 0.20 -17.22 26.23
CA GLY D 270 0.20 -17.73 27.60
C GLY D 270 -0.69 -18.95 27.79
N ALA D 271 -1.07 -19.60 26.69
CA ALA D 271 -1.76 -20.88 26.78
C ALA D 271 -0.81 -22.02 27.16
N ASP D 272 -1.30 -22.93 28.00
CA ASP D 272 -0.57 -24.12 28.40
C ASP D 272 -1.02 -25.20 27.42
N ILE D 273 -0.08 -25.61 26.57
CA ILE D 273 -0.40 -26.47 25.45
C ILE D 273 0.36 -27.77 25.44
N GLU D 274 -0.40 -28.86 25.48
CA GLU D 274 0.16 -30.18 25.24
C GLU D 274 -0.45 -30.80 24.01
N VAL D 275 0.39 -31.57 23.34
CA VAL D 275 0.02 -32.22 22.10
C VAL D 275 0.33 -33.71 22.19
N GLY D 276 -0.70 -34.52 21.95
CA GLY D 276 -0.55 -35.95 21.80
C GLY D 276 -0.47 -36.30 20.34
N GLU D 277 -0.69 -37.57 20.05
CA GLU D 277 -0.62 -38.08 18.70
C GLU D 277 -1.74 -37.49 17.85
N ASP D 278 -2.96 -37.52 18.38
CA ASP D 278 -4.14 -37.07 17.62
C ASP D 278 -5.05 -36.14 18.42
N TRP D 279 -4.43 -35.33 19.28
CA TRP D 279 -5.14 -34.34 20.06
C TRP D 279 -4.24 -33.18 20.47
N ILE D 280 -4.86 -32.00 20.63
CA ILE D 280 -4.21 -30.82 21.21
C ILE D 280 -5.03 -30.36 22.41
N SER D 281 -4.40 -30.16 23.57
CA SER D 281 -5.09 -29.57 24.72
C SER D 281 -4.58 -28.16 25.04
N LEU D 282 -5.46 -27.34 25.61
CA LEU D 282 -5.15 -25.95 25.94
C LEU D 282 -5.89 -25.55 27.20
N ASP D 283 -5.15 -24.95 28.15
CA ASP D 283 -5.71 -24.49 29.40
C ASP D 283 -5.14 -23.11 29.66
N MET D 284 -6.02 -22.15 29.92
CA MET D 284 -5.59 -20.79 30.30
C MET D 284 -5.41 -20.70 31.79
N HIS D 285 -5.82 -21.75 32.49
CA HIS D 285 -5.77 -21.79 33.96
C HIS D 285 -6.40 -20.52 34.47
N GLY D 286 -7.62 -20.24 33.99
CA GLY D 286 -8.40 -19.07 34.39
C GLY D 286 -7.88 -17.72 33.91
N LYS D 287 -6.83 -17.72 33.08
CA LYS D 287 -6.17 -16.45 32.73
C LYS D 287 -6.49 -15.82 31.37
N ARG D 288 -6.76 -14.52 31.42
CA ARG D 288 -6.87 -13.65 30.25
C ARG D 288 -5.69 -13.88 29.33
N PRO D 289 -5.91 -13.87 27.99
CA PRO D 289 -4.77 -14.09 27.11
C PRO D 289 -3.88 -12.87 27.10
N LYS D 290 -2.60 -13.05 26.76
CA LYS D 290 -1.66 -11.96 26.50
C LYS D 290 -1.60 -11.64 25.02
N ALA D 291 -1.42 -10.36 24.68
CA ALA D 291 -1.45 -9.89 23.30
C ALA D 291 -0.24 -10.38 22.53
N VAL D 292 -0.51 -10.81 21.30
CA VAL D 292 0.53 -11.31 20.41
C VAL D 292 0.56 -10.49 19.12
N ASN D 293 1.67 -10.59 18.39
CA ASN D 293 1.78 -9.99 17.07
C ASN D 293 1.81 -11.17 16.14
N VAL D 294 1.22 -10.95 14.97
CA VAL D 294 0.91 -12.03 14.04
C VAL D 294 1.12 -11.54 12.61
N ARG D 295 1.58 -12.42 11.74
CA ARG D 295 1.81 -12.02 10.37
C ARG D 295 1.49 -13.19 9.47
N THR D 296 0.45 -13.03 8.67
CA THR D 296 -0.01 -14.12 7.84
C THR D 296 0.93 -14.32 6.65
N ALA D 297 1.01 -15.57 6.17
CA ALA D 297 1.82 -15.99 5.06
C ALA D 297 1.41 -17.45 4.72
N PRO D 298 1.75 -17.94 3.51
CA PRO D 298 1.51 -19.34 3.15
C PRO D 298 2.11 -20.37 4.10
N HIS D 299 1.41 -21.50 4.24
CA HIS D 299 1.92 -22.59 5.04
C HIS D 299 3.41 -22.78 4.74
N PRO D 300 4.23 -23.10 5.76
CA PRO D 300 3.93 -23.43 7.17
C PRO D 300 3.80 -22.25 8.13
N ALA D 301 3.83 -21.03 7.59
CA ALA D 301 3.71 -19.81 8.40
C ALA D 301 2.28 -19.64 8.95
N PHE D 302 2.06 -18.59 9.74
CA PHE D 302 0.75 -18.34 10.32
C PHE D 302 -0.31 -18.12 9.22
N PRO D 303 -1.41 -18.91 9.25
CA PRO D 303 -2.45 -18.96 8.21
C PRO D 303 -3.38 -17.75 8.22
N THR D 304 -3.69 -17.20 7.04
CA THR D 304 -4.65 -16.11 6.97
C THR D 304 -6.02 -16.50 7.60
N ASP D 305 -6.31 -17.80 7.61
CA ASP D 305 -7.61 -18.32 7.99
C ASP D 305 -7.82 -18.35 9.50
N MET D 306 -6.72 -18.14 10.24
CA MET D 306 -6.75 -17.92 11.70
C MET D 306 -6.69 -16.44 12.06
N GLN D 307 -6.67 -15.58 11.05
CA GLN D 307 -6.34 -14.19 11.28
C GLN D 307 -7.42 -13.42 12.04
N ALA D 308 -8.67 -13.65 11.64
CA ALA D 308 -9.82 -13.00 12.24
C ALA D 308 -9.96 -13.45 13.71
N GLN D 309 -9.70 -14.74 13.91
CA GLN D 309 -9.69 -15.39 15.19
C GLN D 309 -8.72 -14.78 16.17
N PHE D 310 -7.48 -14.62 15.72
CA PHE D 310 -6.36 -14.06 16.49
C PHE D 310 -6.46 -12.57 16.70
N THR D 311 -7.11 -11.91 15.74
CA THR D 311 -7.53 -10.52 15.88
C THR D 311 -8.41 -10.36 17.13
N LEU D 312 -9.38 -11.24 17.28
CA LEU D 312 -10.26 -11.20 18.43
C LEU D 312 -9.50 -11.60 19.67
N LEU D 313 -8.56 -12.54 19.52
CA LEU D 313 -7.75 -12.92 20.68
C LEU D 313 -7.09 -11.66 21.20
N ASN D 314 -6.47 -10.93 20.28
CA ASN D 314 -5.77 -9.71 20.65
C ASN D 314 -6.73 -8.68 21.28
N LEU D 315 -7.92 -8.52 20.70
CA LEU D 315 -8.77 -7.44 21.15
C LEU D 315 -9.32 -7.68 22.57
N VAL D 316 -9.22 -8.91 23.06
CA VAL D 316 -9.57 -9.17 24.45
C VAL D 316 -8.31 -9.47 25.26
N ALA D 317 -7.13 -9.32 24.65
CA ALA D 317 -5.87 -9.72 25.29
C ALA D 317 -5.27 -8.67 26.23
N GLU D 318 -4.19 -9.03 26.94
CA GLU D 318 -3.41 -8.07 27.76
C GLU D 318 -2.37 -7.31 26.94
N GLY D 319 -2.65 -6.03 26.70
CA GLY D 319 -1.73 -5.16 25.99
C GLY D 319 -2.15 -4.99 24.55
N THR D 320 -1.20 -4.54 23.73
CA THR D 320 -1.44 -4.22 22.34
C THR D 320 -0.77 -5.27 21.45
N GLY D 321 -1.49 -5.77 20.46
CA GLY D 321 -0.88 -6.68 19.52
C GLY D 321 -1.12 -6.21 18.10
N PHE D 322 -0.32 -6.70 17.15
CA PHE D 322 -0.39 -6.33 15.73
C PHE D 322 -0.70 -7.53 14.83
N ILE D 323 -1.72 -7.38 14.01
CA ILE D 323 -2.14 -8.45 13.12
C ILE D 323 -1.90 -7.93 11.72
N THR D 324 -0.91 -8.49 11.03
CA THR D 324 -0.60 -8.07 9.64
C THR D 324 -1.02 -9.16 8.68
N GLU D 325 -1.77 -8.75 7.67
CA GLU D 325 -2.38 -9.66 6.75
C GLU D 325 -1.75 -9.43 5.39
N THR D 326 -1.13 -10.47 4.86
CA THR D 326 -0.29 -10.36 3.69
C THR D 326 -0.86 -11.18 2.55
N VAL D 327 -1.89 -11.95 2.84
CA VAL D 327 -2.38 -12.88 1.83
C VAL D 327 -3.62 -12.35 1.16
N PHE D 328 -4.57 -11.87 1.96
CA PHE D 328 -5.75 -11.26 1.38
C PHE D 328 -5.81 -9.77 1.64
N GLU D 329 -6.26 -9.04 0.63
CA GLU D 329 -6.25 -7.56 0.63
C GLU D 329 -7.35 -6.90 1.47
N ASN D 330 -8.48 -7.59 1.61
CA ASN D 330 -9.57 -7.03 2.37
C ASN D 330 -10.15 -7.96 3.43
N ARG D 331 -9.30 -8.44 4.32
CA ARG D 331 -9.76 -9.43 5.26
C ARG D 331 -9.90 -8.91 6.68
N PHE D 332 -10.28 -7.64 6.82
CA PHE D 332 -10.38 -7.06 8.16
C PHE D 332 -11.85 -6.65 8.49
N MET D 333 -12.80 -7.26 7.78
CA MET D 333 -14.21 -6.88 7.94
C MET D 333 -14.81 -7.22 9.29
N HIS D 334 -14.22 -8.16 10.01
CA HIS D 334 -14.62 -8.49 11.39
C HIS D 334 -14.44 -7.34 12.35
N VAL D 335 -13.44 -6.50 12.07
CA VAL D 335 -12.97 -5.51 13.01
C VAL D 335 -13.99 -4.41 13.34
N PRO D 336 -14.63 -3.80 12.33
CA PRO D 336 -15.66 -2.82 12.59
C PRO D 336 -16.83 -3.45 13.38
N GLU D 337 -17.04 -4.76 13.25
CA GLU D 337 -18.13 -5.43 13.95
C GLU D 337 -17.73 -5.68 15.41
N LEU D 338 -16.47 -6.07 15.61
CA LEU D 338 -15.92 -6.26 16.95
C LEU D 338 -15.90 -4.93 17.67
N SER D 339 -15.66 -3.89 16.89
CA SER D 339 -15.74 -2.52 17.37
C SER D 339 -17.09 -2.21 17.97
N ARG D 340 -18.16 -2.64 17.32
CA ARG D 340 -19.51 -2.45 17.93
C ARG D 340 -19.64 -3.13 19.28
N MET D 341 -18.82 -4.17 19.51
CA MET D 341 -18.84 -4.89 20.80
C MET D 341 -17.90 -4.33 21.84
N GLY D 342 -17.22 -3.25 21.51
CA GLY D 342 -16.38 -2.52 22.48
C GLY D 342 -14.89 -2.74 22.34
N ALA D 343 -14.47 -3.31 21.22
CA ALA D 343 -13.07 -3.54 20.88
C ALA D 343 -12.45 -2.21 20.52
N HIS D 344 -11.17 -2.05 20.89
CA HIS D 344 -10.38 -0.88 20.55
C HIS D 344 -9.36 -1.33 19.52
N ALA D 345 -9.65 -1.04 18.26
CA ALA D 345 -8.76 -1.38 17.17
C ALA D 345 -8.60 -0.23 16.22
N GLU D 346 -7.48 -0.24 15.50
CA GLU D 346 -7.14 0.74 14.48
C GLU D 346 -6.63 0.03 13.25
N ILE D 347 -7.09 0.42 12.07
CA ILE D 347 -6.58 -0.22 10.86
C ILE D 347 -5.65 0.69 10.11
N GLU D 348 -4.39 0.29 10.04
CA GLU D 348 -3.42 0.95 9.20
C GLU D 348 -2.96 -0.02 8.10
N SER D 349 -3.38 0.24 6.87
CA SER D 349 -3.12 -0.63 5.72
C SER D 349 -3.61 -2.04 5.99
N ASN D 350 -2.70 -3.00 5.82
CA ASN D 350 -2.98 -4.37 6.19
C ASN D 350 -2.51 -4.75 7.62
N THR D 351 -2.57 -3.78 8.52
CA THR D 351 -2.27 -4.06 9.90
C THR D 351 -3.38 -3.49 10.75
N VAL D 352 -3.87 -4.29 11.69
CA VAL D 352 -4.79 -3.80 12.68
C VAL D 352 -4.10 -3.74 14.04
N ILE D 353 -4.19 -2.58 14.67
CA ILE D 353 -3.55 -2.37 15.95
C ILE D 353 -4.63 -2.66 16.99
N CYS D 354 -4.36 -3.59 17.90
CA CYS D 354 -5.39 -4.09 18.78
C CYS D 354 -5.01 -3.79 20.18
N HIS D 355 -5.82 -2.95 20.81
CA HIS D 355 -5.62 -2.63 22.20
C HIS D 355 -6.58 -3.50 23.03
N GLY D 356 -6.07 -4.56 23.64
CA GLY D 356 -6.92 -5.47 24.38
C GLY D 356 -7.82 -4.85 25.44
N VAL D 357 -9.09 -5.26 25.45
CA VAL D 357 -10.00 -4.82 26.51
C VAL D 357 -10.41 -5.99 27.40
N GLU D 358 -10.81 -5.73 28.64
CA GLU D 358 -11.16 -6.86 29.49
C GLU D 358 -12.38 -7.66 29.02
N LYS D 359 -13.46 -6.96 28.71
CA LYS D 359 -14.68 -7.60 28.21
C LYS D 359 -15.36 -6.87 27.03
N LEU D 360 -15.94 -7.64 26.13
CA LEU D 360 -16.75 -7.11 25.06
C LEU D 360 -18.16 -6.99 25.59
N SER D 361 -18.97 -6.19 24.93
CA SER D 361 -20.40 -6.06 25.24
C SER D 361 -21.15 -6.69 24.08
N GLY D 362 -22.23 -7.40 24.38
CA GLY D 362 -23.08 -7.99 23.34
C GLY D 362 -23.69 -6.90 22.47
N ALA D 363 -23.85 -7.20 21.18
CA ALA D 363 -24.38 -6.23 20.26
C ALA D 363 -24.81 -7.00 19.03
N GLN D 364 -25.62 -6.39 18.18
CA GLN D 364 -26.01 -7.03 16.93
C GLN D 364 -24.87 -6.78 15.96
N VAL D 365 -24.34 -7.84 15.35
CA VAL D 365 -23.23 -7.68 14.40
C VAL D 365 -23.48 -8.51 13.12
N MET D 366 -22.66 -8.27 12.10
CA MET D 366 -22.91 -8.79 10.77
C MET D 366 -21.69 -9.56 10.34
N ALA D 367 -21.86 -10.88 10.20
CA ALA D 367 -20.82 -11.70 9.62
C ALA D 367 -20.66 -11.40 8.11
N THR D 368 -19.42 -11.43 7.64
CA THR D 368 -19.07 -10.94 6.28
C THR D 368 -18.44 -12.04 5.45
N ASP D 369 -17.85 -13.02 6.11
CA ASP D 369 -17.17 -14.14 5.44
C ASP D 369 -17.09 -15.26 6.48
N LEU D 370 -16.51 -16.39 6.10
CA LEU D 370 -16.49 -17.59 6.92
C LEU D 370 -15.73 -17.39 8.21
N ARG D 371 -14.47 -17.00 8.12
CA ARG D 371 -13.71 -16.97 9.36
C ARG D 371 -14.11 -15.80 10.23
N ALA D 372 -14.59 -14.72 9.61
CA ALA D 372 -15.17 -13.62 10.38
C ALA D 372 -16.35 -14.08 11.17
N SER D 373 -17.20 -14.87 10.50
CA SER D 373 -18.46 -15.28 11.12
C SER D 373 -18.21 -16.03 12.41
N ALA D 374 -17.25 -16.94 12.38
CA ALA D 374 -16.92 -17.72 13.54
C ALA D 374 -16.31 -16.84 14.64
N SER D 375 -15.44 -15.90 14.25
CA SER D 375 -14.86 -14.98 15.21
C SER D 375 -15.94 -14.20 15.93
N LEU D 376 -16.97 -13.77 15.18
CA LEU D 376 -18.07 -13.04 15.83
C LEU D 376 -18.88 -13.90 16.76
N VAL D 377 -18.99 -15.18 16.45
CA VAL D 377 -19.76 -16.08 17.33
C VAL D 377 -18.95 -16.31 18.59
N LEU D 378 -17.64 -16.49 18.43
CA LEU D 378 -16.69 -16.52 19.55
C LEU D 378 -16.81 -15.24 20.35
N ALA D 379 -16.86 -14.09 19.71
CA ALA D 379 -16.92 -12.82 20.47
C ALA D 379 -18.20 -12.75 21.28
N GLY D 380 -19.29 -13.19 20.66
CA GLY D 380 -20.55 -13.32 21.35
C GLY D 380 -20.48 -14.17 22.59
N CYS D 381 -19.80 -15.29 22.50
CA CYS D 381 -19.61 -16.20 23.62
C CYS D 381 -19.03 -15.54 24.88
N ILE D 382 -18.04 -14.66 24.71
CA ILE D 382 -17.31 -14.03 25.84
C ILE D 382 -17.71 -12.57 26.19
N ALA D 383 -18.55 -11.98 25.34
CA ALA D 383 -19.14 -10.64 25.53
C ALA D 383 -20.16 -10.65 26.65
N GLU D 384 -20.37 -9.50 27.29
CA GLU D 384 -21.42 -9.42 28.31
C GLU D 384 -22.75 -9.22 27.58
N GLY D 385 -23.71 -10.08 27.91
CA GLY D 385 -25.06 -10.00 27.39
C GLY D 385 -25.27 -10.66 26.03
N THR D 386 -26.23 -10.15 25.30
CA THR D 386 -26.75 -10.83 24.14
C THR D 386 -26.06 -10.35 22.89
N THR D 387 -25.50 -11.27 22.11
CA THR D 387 -24.97 -10.91 20.79
C THR D 387 -25.82 -11.62 19.75
N VAL D 388 -26.16 -10.91 18.69
CA VAL D 388 -26.83 -11.51 17.53
C VAL D 388 -25.92 -11.37 16.33
N VAL D 389 -25.50 -12.50 15.77
CA VAL D 389 -24.67 -12.52 14.60
C VAL D 389 -25.57 -12.85 13.42
N ASP D 390 -25.67 -11.91 12.50
CA ASP D 390 -26.44 -12.06 11.28
C ASP D 390 -25.57 -12.59 10.16
N ARG D 391 -26.23 -13.05 9.09
CA ARG D 391 -25.59 -13.69 7.92
C ARG D 391 -24.71 -14.88 8.27
N ILE D 392 -25.27 -15.75 9.10
CA ILE D 392 -24.59 -16.93 9.62
C ILE D 392 -24.44 -18.01 8.55
N TYR D 393 -25.12 -17.85 7.43
CA TYR D 393 -24.89 -18.75 6.31
C TYR D 393 -23.39 -18.91 6.00
N HIS D 394 -22.62 -17.84 6.17
CA HIS D 394 -21.18 -17.92 5.96
C HIS D 394 -20.52 -19.03 6.72
N ILE D 395 -20.96 -19.22 7.98
CA ILE D 395 -20.38 -20.22 8.87
C ILE D 395 -20.63 -21.64 8.37
N ASP D 396 -21.87 -21.87 7.93
CA ASP D 396 -22.33 -23.16 7.42
C ASP D 396 -21.51 -23.66 6.25
N ARG D 397 -20.77 -22.77 5.60
CA ARG D 397 -19.89 -23.14 4.49
C ARG D 397 -18.65 -23.94 4.91
N GLY D 398 -18.10 -23.61 6.05
CA GLY D 398 -16.84 -24.20 6.43
C GLY D 398 -16.79 -24.81 7.81
N TYR D 399 -17.89 -24.74 8.55
CA TYR D 399 -18.01 -25.39 9.89
C TYR D 399 -19.26 -26.28 10.04
N GLU D 400 -19.02 -27.55 10.37
CA GLU D 400 -20.08 -28.49 10.67
C GLU D 400 -20.51 -28.31 12.11
N ARG D 401 -21.78 -27.98 12.30
CA ARG D 401 -22.45 -27.93 13.61
C ARG D 401 -21.62 -27.19 14.64
N ILE D 402 -21.23 -25.96 14.30
CA ILE D 402 -20.43 -25.17 15.22
C ILE D 402 -21.25 -24.85 16.49
N GLU D 403 -22.57 -24.70 16.33
CA GLU D 403 -23.49 -24.43 17.44
C GLU D 403 -23.54 -25.57 18.47
N ASP D 404 -23.59 -26.81 17.96
CA ASP D 404 -23.48 -28.01 18.74
C ASP D 404 -22.14 -28.05 19.45
N LYS D 405 -21.07 -27.90 18.68
CA LYS D 405 -19.71 -28.05 19.16
C LYS D 405 -19.35 -27.01 20.18
N LEU D 406 -19.87 -25.80 20.02
CA LEU D 406 -19.68 -24.76 21.01
C LEU D 406 -20.56 -24.96 22.22
N ARG D 407 -21.78 -25.45 21.99
CA ARG D 407 -22.73 -25.76 23.06
C ARG D 407 -22.16 -26.82 24.01
N ALA D 408 -21.42 -27.78 23.47
CA ALA D 408 -20.76 -28.80 24.31
C ALA D 408 -19.53 -28.23 25.02
N LEU D 409 -19.21 -26.97 24.73
CA LEU D 409 -18.15 -26.29 25.45
C LEU D 409 -18.75 -25.34 26.45
N GLY D 410 -20.08 -25.31 26.48
CA GLY D 410 -20.81 -24.50 27.46
C GLY D 410 -21.44 -23.24 26.92
N ALA D 411 -21.31 -23.02 25.61
CA ALA D 411 -21.82 -21.82 24.97
C ALA D 411 -23.33 -21.73 25.03
N ASN D 412 -23.84 -20.51 25.00
CA ASN D 412 -25.30 -20.27 24.98
C ASN D 412 -25.62 -19.68 23.60
N ILE D 413 -26.01 -20.56 22.68
CA ILE D 413 -26.21 -20.18 21.29
C ILE D 413 -27.54 -20.77 20.84
N GLU D 414 -28.33 -19.93 20.18
CA GLU D 414 -29.55 -20.36 19.52
C GLU D 414 -29.49 -19.83 18.11
N ARG D 415 -29.69 -20.72 17.16
CA ARG D 415 -29.92 -20.30 15.80
C ARG D 415 -31.35 -19.75 15.65
N VAL D 416 -31.46 -18.52 15.17
CA VAL D 416 -32.71 -17.75 15.22
C VAL D 416 -33.23 -17.28 13.87
N LYS D 417 -34.55 -17.13 13.80
CA LYS D 417 -35.38 -16.97 12.59
C LYS D 417 -34.65 -16.44 11.37
N GLY D 418 -34.08 -15.25 11.54
CA GLY D 418 -33.63 -14.44 10.40
C GLY D 418 -34.77 -13.46 10.22
#